data_8W2P
#
_entry.id   8W2P
#
_cell.length_a   1.00
_cell.length_b   1.00
_cell.length_c   1.00
_cell.angle_alpha   90.00
_cell.angle_beta   90.00
_cell.angle_gamma   90.00
#
_symmetry.space_group_name_H-M   'P 1'
#
loop_
_entity.id
_entity.type
_entity.pdbx_description
1 polymer 'site-specific DNA-methyltransferase (adenine-specific)'
2 polymer S.BsaXI
3 polymer 'DNA (41-MER) Top strand of BsaXI cognate DNA substrate'
4 polymer 'DNA (41-MER) Complementary strand of BsaXI DNA substrate'
5 non-polymer S-ADENOSYLMETHIONINE
6 non-polymer 'CALCIUM ION'
7 non-polymer S-ADENOSYL-L-HOMOCYSTEINE
8 water water
#
loop_
_entity_poly.entity_id
_entity_poly.type
_entity_poly.pdbx_seq_one_letter_code
_entity_poly.pdbx_strand_id
1 'polypeptide(L)'
;MKNWQRIVEAKLEQQKHKVAEISLENGTVNYSKKIKHNRNLKALTGDEEIVRAFLIDRLVNELDYKPEYLETEKEYTIKG
GHSKINPRVDVLVKDDKGNPFFFIEVKAPNKFEEDKDEIEGQLFALAQAEERDFKTKVKYLVYYTVELIDDEIVDRAIII
DFEKYPTYTDWSNGGFISTGTELTAGYGEPKKQPLIKGHEKYDLRVRIDREEIEGLGRNLHNVLWGGGGTNDSEIFYSLV
NIILAKIQDEYEKEDGQEYDFQVYQYGDNVESPQKLFDRINALYKRALREQLNVTDEQKIAEDNVINRNKFPLNKLVYTV
QALESLSFLEGRNSLDGKDILGDFFESIIRDGFKQTKGQFFTPTPIVKFILYALQLDKLAIDRLNNDRELPLIIDPSAGS
GTFLIEAMKLITKEVKYKQNHKVKSSRQITKRFEELFMPDHNENKWAREYLYGCEINFDLGTASKVNMILHGDGSANIFV
QDGLLPFRFYVKETSPNYLETASPDALYGDKEVNGKFDVVVSNPPFSVDLDTQTQREVRNAFLFGDKKNSENLFIERYYQ
LLKEGGRLGVVLPESVFDTTENKYIRLFIFKYFKVKAVVSLPQVTFEPFTSTKTSLLFAQKKTKEEVEQWNELWDKYGKE
WSLLKTRINDYFSYFVKGRPLNKKWAPDVVKDIQEGNEDNIRKNIFRFLKDHIKEEDKNLEIKDLLIKYAEEISSISKHE
KETDVFGFYNAWWVFGEVAKELDYPIFMAEAENVGYKRTKKGEKPMPNDLYDLEYAPSTLDCEKVLSSFDIEINALEASK
TKLSVEKGLLEEKLKDKEDKENEKIQKRLNKISELLETIENQLDSIRSKKLEVEGILEKYYENNKLKEEYSERDDEELIN
HFKHGVLYQYRSEDILLRNKTVHKILDEIRQGVIWD
;
A,B
2 'polypeptide(L)'
;MGLIQRRNFSTFASEPSVRFDFNYMKSVTPTTEEYYTYKSLFEVVPSTVPTLDESEPFKYAEIGHVSKNGEVFPVTLSFE
DRDELNEDLFKKIEKGDIFLPERGNILISAIRPYLNKIVLIKEDDKTDIYFTKAFIQIKPLINSRILYYALRTIFSEKIN
AVSRQGKGYPTLKEDDLKTIQFSKKVIDNLLAKEEELISNIDALEKDIKELKSIQRSKKEIVDEVFSSHFNINMVELMAL
DSQRRVDVGLSSISSLNSTIRYSYRWNKMKLIQKYLYRDIDCIEPLGKYILSSNNGWSPESVVGGEGIPILGQEHLEFDG
VLNVSPTKATTKTKNNMENFFIQEGDLFISRGNTVDLVGLACVVETEVTEDIIYPDLYIRLKIDEKVIHKKYLALLFNSF
FGRLYFKYVSKGKNQTMVKISSNELLNYYLPIPPMEEQLEIVGKIEEQIGAQNEIEKQIEEKRNQIRVIIEETARS
;
C
3 'polydeoxyribonucleotide'
;(DA)(DA)(DT)(DA)(DA)(DG)(DC)(DT)(DG)(DA)(DA)(DT)(DA)(DT)(DT)(DG)(DT)(DC)(DG)(DG)
(DA)(DA)(DC)(DC)(DA)(DA)(DG)(DT)(DC)(DT)(DC)(DC)(DA)(DT)(DA)(DT)(DG)(DG)(DA)(DA)
(DT)(DT)(DA)(DA)(DT)(DA)(DA)(DG)(DC)(DT)(DA)(DG)
;
D
4 'polydeoxyribonucleotide'
;(DC)(DT)(DA)(DG)(DC)(DT)(DT)(DA)(DT)(DT)(DA)(DA)(DT)(DT)(DC)(DC)(DA)(DT)(DA)(DT)
(DG)(DG)(6MA)(DG)(DA)(DC)(DT)(DT)(DG)(DG)(DT)(DT)(DC)(DC)(DG)(DA)(DC)(DA)(DA)
(DT)(DA)(DT)(DT)(DC)(DA)(DG)(DC)(DT)(DT)(DA)(DT)(DT)
;
E
#
loop_
_chem_comp.id
_chem_comp.type
_chem_comp.name
_chem_comp.formula
6MA DNA linking N6-METHYL-DEOXY-ADENOSINE-5'-MONOPHOSPHATE 'C11 H16 N5 O6 P'
CA non-polymer 'CALCIUM ION' 'Ca 2'
DA DNA linking 2'-DEOXYADENOSINE-5'-MONOPHOSPHATE 'C10 H14 N5 O6 P'
DC DNA linking 2'-DEOXYCYTIDINE-5'-MONOPHOSPHATE 'C9 H14 N3 O7 P'
DG DNA linking 2'-DEOXYGUANOSINE-5'-MONOPHOSPHATE 'C10 H14 N5 O7 P'
DT DNA linking THYMIDINE-5'-MONOPHOSPHATE 'C10 H15 N2 O8 P'
SAH non-polymer S-ADENOSYL-L-HOMOCYSTEINE 'C14 H20 N6 O5 S'
SAM non-polymer S-ADENOSYLMETHIONINE 'C15 H22 N6 O5 S'
#
# COMPACT_ATOMS: atom_id res chain seq x y z
N ASN A 3 6.59 23.29 57.42
CA ASN A 3 6.66 22.05 56.66
C ASN A 3 6.05 22.24 55.28
N TRP A 4 5.31 23.33 55.11
CA TRP A 4 4.63 23.57 53.83
C TRP A 4 5.64 23.90 52.74
N GLN A 5 6.80 24.47 53.11
CA GLN A 5 7.94 24.53 52.21
C GLN A 5 8.34 23.16 51.69
N ARG A 6 8.11 22.10 52.47
CA ARG A 6 8.31 20.74 52.00
C ARG A 6 7.03 20.10 51.46
N ILE A 7 5.86 20.56 51.90
CA ILE A 7 4.60 20.07 51.34
C ILE A 7 4.51 20.43 49.86
N VAL A 8 5.13 21.53 49.44
CA VAL A 8 5.10 21.89 48.03
C VAL A 8 5.70 20.77 47.18
N GLU A 9 6.91 20.33 47.52
CA GLU A 9 7.50 19.24 46.75
C GLU A 9 6.88 17.89 47.08
N ALA A 10 6.29 17.73 48.27
CA ALA A 10 5.56 16.50 48.55
C ALA A 10 4.39 16.32 47.59
N LYS A 11 3.70 17.43 47.28
CA LYS A 11 2.61 17.38 46.31
C LYS A 11 3.15 17.32 44.88
N LEU A 12 4.26 18.01 44.60
CA LEU A 12 4.75 18.11 43.23
C LEU A 12 5.58 16.90 42.80
N GLU A 13 5.92 16.00 43.71
CA GLU A 13 6.60 14.74 43.37
C GLU A 13 5.69 13.55 43.61
N GLN A 14 4.40 13.70 43.26
CA GLN A 14 3.48 12.56 43.28
C GLN A 14 2.54 12.58 42.09
N GLN A 15 2.82 13.38 41.07
CA GLN A 15 1.99 13.51 39.88
C GLN A 15 2.71 12.87 38.70
N LYS A 16 1.95 12.12 37.89
CA LYS A 16 2.54 11.42 36.76
C LYS A 16 3.14 12.38 35.75
N HIS A 17 2.41 13.45 35.41
CA HIS A 17 2.86 14.42 34.42
C HIS A 17 3.93 15.32 35.03
N LYS A 18 5.18 14.87 34.91
CA LYS A 18 6.31 15.59 35.46
C LYS A 18 6.60 16.86 34.66
N VAL A 19 6.24 18.02 35.23
CA VAL A 19 6.49 19.30 34.58
C VAL A 19 7.60 20.07 35.28
N ALA A 20 7.59 20.06 36.62
CA ALA A 20 8.64 20.68 37.41
C ALA A 20 9.08 19.70 38.48
N GLU A 21 10.30 19.89 38.98
CA GLU A 21 10.87 19.04 40.01
C GLU A 21 11.47 19.90 41.12
N ILE A 22 10.99 19.69 42.35
CA ILE A 22 11.48 20.39 43.54
C ILE A 22 11.89 19.34 44.56
N SER A 23 13.07 19.52 45.15
CA SER A 23 13.53 18.62 46.20
C SER A 23 14.17 19.32 47.39
N LEU A 24 14.42 20.63 47.32
CA LEU A 24 15.07 21.41 48.38
C LEU A 24 16.52 20.97 48.60
N GLU A 25 16.99 20.02 47.78
CA GLU A 25 18.37 19.58 47.82
C GLU A 25 19.23 20.48 46.95
N ASN A 26 20.45 20.03 46.64
CA ASN A 26 21.41 20.85 45.91
C ASN A 26 21.00 21.01 44.44
N GLY A 27 20.30 22.10 44.13
CA GLY A 27 20.00 22.49 42.76
C GLY A 27 19.20 21.49 41.95
N THR A 28 18.11 20.96 42.52
CA THR A 28 17.24 20.04 41.81
C THR A 28 16.00 20.80 41.34
N VAL A 29 16.19 21.58 40.28
CA VAL A 29 15.09 22.35 39.67
C VAL A 29 15.22 22.31 38.16
N ASN A 30 14.29 21.62 37.49
CA ASN A 30 14.27 21.59 36.03
C ASN A 30 12.83 21.44 35.56
N TYR A 31 12.62 21.76 34.28
CA TYR A 31 11.31 21.70 33.68
C TYR A 31 11.33 20.78 32.46
N SER A 32 10.14 20.57 31.88
CA SER A 32 9.99 19.62 30.77
C SER A 32 10.65 20.11 29.49
N LYS A 33 11.08 21.37 29.43
CA LYS A 33 11.63 22.01 28.23
C LYS A 33 10.52 22.27 27.22
N LYS A 34 9.31 21.79 27.50
CA LYS A 34 8.14 22.24 26.76
C LYS A 34 7.82 23.68 27.06
N ILE A 35 8.22 24.16 28.24
CA ILE A 35 8.17 25.58 28.55
C ILE A 35 9.14 26.32 27.63
N LYS A 36 8.91 27.62 27.47
CA LYS A 36 9.79 28.47 26.67
C LYS A 36 10.90 29.10 27.51
N HIS A 37 11.37 28.36 28.52
CA HIS A 37 12.51 28.71 29.37
C HIS A 37 13.63 29.36 28.56
N ASN A 38 14.04 30.55 28.98
N ASN A 38 14.02 30.56 28.98
CA ASN A 38 15.13 31.27 28.32
CA ASN A 38 15.09 31.32 28.34
C ASN A 38 16.29 31.61 29.25
C ASN A 38 16.27 31.56 29.27
N ARG A 39 16.02 32.02 30.49
CA ARG A 39 17.07 32.32 31.45
C ARG A 39 17.32 31.11 32.34
N ASN A 40 18.59 30.75 32.49
CA ASN A 40 18.97 29.45 33.04
C ASN A 40 18.54 29.33 34.50
N LEU A 41 17.73 28.33 34.80
CA LEU A 41 17.41 27.90 36.14
C LEU A 41 18.47 26.89 36.61
N LYS A 42 18.15 26.10 37.65
CA LYS A 42 19.09 25.27 38.41
C LYS A 42 19.92 26.16 39.32
N ALA A 43 19.28 27.12 39.97
CA ALA A 43 19.92 28.01 40.93
C ALA A 43 19.38 27.86 42.34
N LEU A 44 18.06 27.76 42.50
CA LEU A 44 17.42 27.64 43.82
C LEU A 44 17.79 28.80 44.73
N THR A 45 17.91 30.00 44.16
CA THR A 45 18.26 31.19 44.93
C THR A 45 17.00 31.74 45.57
N GLY A 46 16.79 31.44 46.85
CA GLY A 46 15.65 31.96 47.59
C GLY A 46 14.41 31.11 47.45
N ASP A 47 13.34 31.61 48.06
CA ASP A 47 12.04 30.94 48.04
C ASP A 47 11.26 31.21 46.77
N GLU A 48 11.76 32.07 45.89
CA GLU A 48 11.04 32.40 44.66
C GLU A 48 10.85 31.17 43.78
N GLU A 49 11.90 30.36 43.64
CA GLU A 49 11.86 29.25 42.69
C GLU A 49 10.83 28.20 43.07
N ILE A 50 10.71 27.90 44.36
CA ILE A 50 9.77 26.88 44.80
C ILE A 50 8.33 27.30 44.50
N VAL A 51 7.98 28.54 44.81
CA VAL A 51 6.63 29.02 44.55
C VAL A 51 6.39 29.13 43.05
N ARG A 52 7.40 29.52 42.27
CA ARG A 52 7.26 29.55 40.82
C ARG A 52 6.98 28.14 40.26
N ALA A 53 7.70 27.13 40.76
CA ALA A 53 7.47 25.76 40.32
C ALA A 53 6.08 25.29 40.72
N PHE A 54 5.62 25.66 41.91
CA PHE A 54 4.26 25.31 42.30
C PHE A 54 3.24 25.99 41.40
N LEU A 55 3.53 27.22 40.99
CA LEU A 55 2.70 27.88 39.99
C LEU A 55 2.66 27.08 38.69
N ILE A 56 3.82 26.64 38.22
CA ILE A 56 3.86 25.88 36.96
C ILE A 56 3.05 24.61 37.08
N ASP A 57 3.18 23.91 38.21
CA ASP A 57 2.39 22.70 38.44
C ASP A 57 0.90 23.01 38.48
N ARG A 58 0.52 24.12 39.13
CA ARG A 58 -0.88 24.48 39.22
C ARG A 58 -1.48 24.87 37.87
N LEU A 59 -0.65 25.43 36.98
CA LEU A 59 -1.15 25.83 35.67
C LEU A 59 -1.20 24.66 34.69
N VAL A 60 -0.10 23.93 34.53
CA VAL A 60 -0.05 22.87 33.52
C VAL A 60 -1.10 21.80 33.82
N ASN A 61 -1.12 21.32 35.06
CA ASN A 61 -2.16 20.41 35.52
C ASN A 61 -3.27 21.23 36.16
N GLU A 62 -4.35 20.55 36.55
CA GLU A 62 -5.45 21.19 37.27
C GLU A 62 -6.11 22.29 36.45
N LEU A 63 -5.36 23.38 36.20
CA LEU A 63 -5.93 24.54 35.54
C LEU A 63 -6.01 24.33 34.03
N ASP A 64 -5.38 23.26 33.53
CA ASP A 64 -5.47 22.86 32.13
C ASP A 64 -4.93 23.91 31.17
N TYR A 65 -3.64 24.21 31.26
CA TYR A 65 -2.96 25.06 30.30
C TYR A 65 -1.81 24.30 29.68
N LYS A 66 -1.64 24.43 28.37
CA LYS A 66 -0.58 23.72 27.66
C LYS A 66 0.77 24.26 28.10
N PRO A 67 1.74 23.38 28.44
CA PRO A 67 3.08 23.87 28.81
C PRO A 67 3.80 24.56 27.67
N GLU A 68 3.41 24.34 26.42
CA GLU A 68 4.03 25.03 25.31
C GLU A 68 3.62 26.49 25.24
N TYR A 69 2.43 26.82 25.79
CA TYR A 69 1.96 28.20 25.76
C TYR A 69 2.66 29.06 26.80
N LEU A 70 3.08 28.48 27.91
CA LEU A 70 3.56 29.27 29.04
C LEU A 70 4.92 29.89 28.74
N GLU A 71 5.35 30.74 29.67
CA GLU A 71 6.57 31.53 29.55
C GLU A 71 7.14 31.77 30.93
N THR A 72 8.46 31.64 31.06
CA THR A 72 9.12 31.83 32.35
C THR A 72 10.28 32.81 32.21
N GLU A 73 10.33 33.75 33.15
CA GLU A 73 11.46 34.67 33.33
C GLU A 73 11.75 35.42 32.02
N LYS A 74 10.68 35.93 31.40
CA LYS A 74 10.80 36.63 30.12
C LYS A 74 11.46 37.98 30.31
N GLU A 75 12.51 38.25 29.55
CA GLU A 75 13.19 39.53 29.60
C GLU A 75 12.64 40.51 28.57
N TYR A 76 12.42 41.75 29.00
CA TYR A 76 12.03 42.84 28.11
C TYR A 76 12.92 44.04 28.38
N THR A 77 13.26 44.77 27.32
CA THR A 77 14.10 45.96 27.43
C THR A 77 13.19 47.19 27.52
N ILE A 78 13.14 47.80 28.69
CA ILE A 78 12.36 49.02 28.92
C ILE A 78 13.33 50.13 29.31
N LYS A 79 12.82 51.34 29.55
CA LYS A 79 13.69 52.43 29.95
C LYS A 79 14.45 52.10 31.23
N GLY A 80 13.77 51.52 32.22
CA GLY A 80 14.43 50.92 33.34
C GLY A 80 14.94 51.87 34.39
N GLY A 81 14.74 51.54 35.67
CA GLY A 81 15.42 52.26 36.73
C GLY A 81 16.92 52.02 36.71
N HIS A 82 17.32 50.78 36.43
CA HIS A 82 18.72 50.40 36.27
C HIS A 82 18.93 49.93 34.83
N SER A 83 20.08 50.30 34.26
CA SER A 83 20.31 50.08 32.83
C SER A 83 20.52 48.61 32.47
N LYS A 84 20.70 47.73 33.45
CA LYS A 84 20.98 46.33 33.17
C LYS A 84 19.89 45.37 33.61
N ILE A 85 19.05 45.77 34.57
CA ILE A 85 18.07 44.84 35.14
C ILE A 85 17.11 44.34 34.07
N ASN A 86 16.60 45.25 33.22
CA ASN A 86 15.64 44.93 32.18
C ASN A 86 14.46 44.17 32.79
N PRO A 87 13.54 44.87 33.51
CA PRO A 87 12.47 44.18 34.26
C PRO A 87 11.89 42.97 33.57
N ARG A 88 11.95 41.83 34.26
CA ARG A 88 11.70 40.54 33.65
C ARG A 88 10.39 39.95 34.16
N VAL A 89 9.56 39.52 33.22
CA VAL A 89 8.29 38.91 33.56
C VAL A 89 8.54 37.60 34.29
N ASP A 90 8.09 37.50 35.54
CA ASP A 90 8.39 36.32 36.35
C ASP A 90 7.79 35.06 35.75
N VAL A 91 6.53 35.12 35.32
CA VAL A 91 5.89 34.01 34.62
C VAL A 91 4.68 34.55 33.86
N LEU A 92 4.29 33.84 32.81
CA LEU A 92 3.25 34.35 31.93
C LEU A 92 2.59 33.18 31.22
N VAL A 93 1.30 33.36 30.91
CA VAL A 93 0.51 32.38 30.19
C VAL A 93 -0.02 33.06 28.95
N LYS A 94 0.51 32.68 27.78
CA LYS A 94 0.06 33.21 26.51
C LYS A 94 -1.14 32.40 26.02
N ASP A 95 -1.52 32.62 24.76
CA ASP A 95 -2.54 31.84 24.09
C ASP A 95 -1.96 31.30 22.79
N ASP A 96 -2.80 30.66 21.98
CA ASP A 96 -2.34 30.11 20.72
C ASP A 96 -1.97 31.19 19.70
N LYS A 97 -2.36 32.44 19.93
CA LYS A 97 -2.00 33.54 19.05
C LYS A 97 -0.78 34.32 19.53
N GLY A 98 -0.29 34.05 20.72
CA GLY A 98 0.85 34.77 21.27
C GLY A 98 0.48 35.89 22.23
N ASN A 99 -0.80 36.09 22.52
CA ASN A 99 -1.22 37.18 23.40
C ASN A 99 -1.09 36.74 24.86
N PRO A 100 -0.36 37.47 25.70
CA PRO A 100 -0.26 37.10 27.12
C PRO A 100 -1.61 37.14 27.82
N PHE A 101 -2.07 35.99 28.31
CA PHE A 101 -3.33 35.96 29.04
C PHE A 101 -3.11 36.25 30.52
N PHE A 102 -2.25 35.47 31.18
CA PHE A 102 -1.97 35.65 32.60
C PHE A 102 -0.57 36.24 32.74
N PHE A 103 -0.49 37.47 33.23
CA PHE A 103 0.79 38.16 33.42
C PHE A 103 1.11 38.10 34.92
N ILE A 104 1.80 37.03 35.34
CA ILE A 104 1.93 36.72 36.75
C ILE A 104 3.34 37.02 37.23
N GLU A 105 3.45 37.81 38.29
CA GLU A 105 4.71 38.02 38.99
C GLU A 105 4.65 37.31 40.33
N VAL A 106 5.65 36.49 40.60
CA VAL A 106 5.70 35.65 41.79
C VAL A 106 6.93 36.03 42.61
N LYS A 107 6.72 36.29 43.89
CA LYS A 107 7.77 36.62 44.84
C LYS A 107 7.85 35.54 45.91
N ALA A 108 8.67 35.79 46.93
CA ALA A 108 8.72 34.91 48.08
C ALA A 108 7.39 34.98 48.82
N PRO A 109 7.00 33.90 49.52
CA PRO A 109 5.64 33.81 50.05
C PRO A 109 5.22 34.94 50.98
N ASN A 110 5.94 35.16 52.07
CA ASN A 110 5.54 36.15 53.07
C ASN A 110 6.26 37.47 52.84
N LYS A 111 6.21 37.94 51.58
CA LYS A 111 6.75 39.25 51.24
C LYS A 111 5.83 40.03 50.30
N PHE A 112 4.51 39.86 50.42
CA PHE A 112 3.57 40.51 49.51
C PHE A 112 3.11 41.88 50.01
N GLU A 113 2.84 42.01 51.32
CA GLU A 113 2.21 43.22 51.83
C GLU A 113 3.08 44.45 51.58
N GLU A 114 4.38 44.34 51.90
CA GLU A 114 5.26 45.48 51.69
C GLU A 114 5.53 45.73 50.21
N ASP A 115 5.38 44.71 49.37
CA ASP A 115 5.72 44.81 47.96
C ASP A 115 4.50 45.08 47.06
N LYS A 116 3.31 45.26 47.63
CA LYS A 116 2.17 45.66 46.81
C LYS A 116 2.39 47.00 46.12
N ASP A 117 3.29 47.83 46.65
CA ASP A 117 3.54 49.13 46.05
C ASP A 117 4.48 49.07 44.86
N GLU A 118 5.14 47.92 44.64
CA GLU A 118 6.09 47.76 43.54
C GLU A 118 5.42 47.20 42.29
N ILE A 119 4.09 47.02 42.30
CA ILE A 119 3.41 46.48 41.13
C ILE A 119 3.51 47.47 39.96
N GLU A 120 3.48 48.77 40.25
CA GLU A 120 3.65 49.75 39.18
C GLU A 120 5.06 49.71 38.62
N GLY A 121 6.05 49.47 39.48
CA GLY A 121 7.43 49.45 39.02
C GLY A 121 7.77 48.21 38.20
N GLN A 122 7.29 47.05 38.63
CA GLN A 122 7.73 45.79 38.02
C GLN A 122 6.61 44.89 37.57
N LEU A 123 5.35 45.28 37.75
CA LEU A 123 4.25 44.43 37.30
C LEU A 123 3.31 45.13 36.33
N PHE A 124 2.98 46.40 36.59
CA PHE A 124 1.95 47.07 35.82
C PHE A 124 2.48 47.79 34.58
N ALA A 125 3.72 48.27 34.62
CA ALA A 125 4.30 48.92 33.46
C ALA A 125 4.86 47.93 32.45
N LEU A 126 5.01 46.66 32.83
CA LEU A 126 5.50 45.65 31.90
C LEU A 126 4.42 45.21 30.92
N ALA A 127 3.15 45.20 31.35
CA ALA A 127 2.07 44.86 30.44
C ALA A 127 1.94 45.89 29.33
N GLN A 128 2.06 47.18 29.67
CA GLN A 128 2.07 48.22 28.65
C GLN A 128 3.26 48.06 27.71
N ALA A 129 4.40 47.61 28.25
CA ALA A 129 5.57 47.36 27.43
C ALA A 129 5.32 46.23 26.44
N GLU A 130 4.65 45.17 26.89
CA GLU A 130 4.33 44.06 26.00
C GLU A 130 3.30 44.47 24.95
N GLU A 131 2.36 45.34 25.32
CA GLU A 131 1.36 45.81 24.38
C GLU A 131 1.95 46.66 23.26
N ARG A 132 3.19 47.15 23.42
CA ARG A 132 3.85 47.93 22.38
C ARG A 132 5.03 47.17 21.76
N ASP A 133 5.10 45.86 21.98
CA ASP A 133 6.16 45.03 21.41
C ASP A 133 5.62 44.07 20.36
N PHE A 134 4.63 43.25 20.71
CA PHE A 134 4.01 42.33 19.78
C PHE A 134 2.57 42.73 19.44
N LYS A 135 2.18 43.96 19.83
CA LYS A 135 0.81 44.46 19.61
C LYS A 135 -0.22 43.52 20.23
N THR A 136 0.00 43.16 21.48
CA THR A 136 -0.82 42.18 22.17
C THR A 136 -2.01 42.85 22.86
N LYS A 137 -2.78 42.04 23.57
CA LYS A 137 -3.98 42.46 24.31
C LYS A 137 -3.96 41.88 25.72
N VAL A 138 -2.84 42.08 26.42
CA VAL A 138 -2.57 41.47 27.72
C VAL A 138 -3.75 41.65 28.67
N LYS A 139 -4.33 40.54 29.10
CA LYS A 139 -5.44 40.53 30.05
C LYS A 139 -4.88 40.42 31.47
N TYR A 140 -5.73 40.03 32.42
CA TYR A 140 -5.53 40.13 33.87
C TYR A 140 -4.09 39.93 34.31
N LEU A 141 -3.59 40.88 35.10
CA LEU A 141 -2.27 40.80 35.70
C LEU A 141 -2.41 40.25 37.12
N VAL A 142 -1.40 39.49 37.57
CA VAL A 142 -1.55 38.68 38.76
C VAL A 142 -0.29 38.82 39.63
N TYR A 143 -0.50 38.99 40.93
CA TYR A 143 0.56 38.94 41.93
C TYR A 143 0.40 37.68 42.76
N TYR A 144 1.40 36.81 42.73
CA TYR A 144 1.23 35.44 43.19
C TYR A 144 1.85 35.25 44.57
N THR A 145 1.07 34.71 45.50
CA THR A 145 1.56 34.37 46.84
C THR A 145 0.83 33.15 47.36
N VAL A 146 1.44 32.51 48.35
CA VAL A 146 0.89 31.36 49.03
C VAL A 146 0.37 31.80 50.39
N GLU A 147 -0.57 31.04 50.93
CA GLU A 147 -1.23 31.40 52.19
C GLU A 147 -1.53 30.13 52.96
N LEU A 148 -2.46 30.23 53.93
CA LEU A 148 -2.76 29.18 54.89
C LEU A 148 -2.83 27.79 54.24
N ILE A 149 -2.38 26.79 54.99
CA ILE A 149 -2.18 25.44 54.49
C ILE A 149 -3.17 24.54 55.23
N ASP A 150 -4.38 25.08 55.45
CA ASP A 150 -5.44 24.37 56.17
C ASP A 150 -5.52 22.90 55.81
N ASP A 151 -5.65 22.59 54.52
CA ASP A 151 -5.64 21.21 54.06
C ASP A 151 -4.51 20.93 53.07
N GLU A 152 -4.29 21.83 52.11
CA GLU A 152 -3.23 21.70 51.14
C GLU A 152 -2.73 23.09 50.78
N ILE A 153 -1.66 23.12 49.97
CA ILE A 153 -1.13 24.40 49.49
C ILE A 153 -2.16 25.06 48.58
N VAL A 154 -2.48 26.31 48.87
CA VAL A 154 -3.45 27.09 48.11
C VAL A 154 -2.81 28.42 47.72
N ASP A 155 -3.48 29.14 46.83
CA ASP A 155 -2.92 30.33 46.20
C ASP A 155 -3.78 31.55 46.48
N ARG A 156 -3.15 32.62 46.94
CA ARG A 156 -3.78 33.92 47.10
C ARG A 156 -3.14 34.90 46.14
N ALA A 157 -3.97 35.69 45.44
CA ALA A 157 -3.47 36.59 44.43
C ALA A 157 -4.35 37.82 44.36
N ILE A 158 -3.88 38.82 43.61
CA ILE A 158 -4.64 40.03 43.32
C ILE A 158 -4.82 40.06 41.81
N ILE A 159 -6.02 39.69 41.36
CA ILE A 159 -6.28 39.50 39.92
C ILE A 159 -6.72 40.87 39.40
N ILE A 160 -5.74 41.71 39.08
CA ILE A 160 -6.02 43.06 38.62
C ILE A 160 -6.26 43.04 37.12
N ASP A 161 -7.38 43.62 36.70
CA ASP A 161 -7.73 43.67 35.29
C ASP A 161 -6.88 44.71 34.57
N PHE A 162 -6.86 44.61 33.24
CA PHE A 162 -6.07 45.52 32.41
C PHE A 162 -6.91 46.25 31.39
N GLU A 163 -7.90 45.58 30.78
CA GLU A 163 -8.71 46.20 29.74
C GLU A 163 -9.61 47.33 30.26
N LYS A 164 -9.92 47.34 31.55
CA LYS A 164 -10.74 48.40 32.12
C LYS A 164 -9.93 49.54 32.71
N TYR A 165 -8.65 49.33 32.96
CA TYR A 165 -7.76 50.35 33.52
C TYR A 165 -6.30 50.02 33.25
N PRO A 166 -5.77 50.44 32.10
CA PRO A 166 -4.38 50.13 31.76
C PRO A 166 -3.35 50.99 32.48
N THR A 167 -3.80 51.87 33.37
CA THR A 167 -2.92 52.83 34.01
C THR A 167 -2.89 52.60 35.52
N TYR A 168 -1.71 52.72 36.11
CA TYR A 168 -1.57 52.56 37.55
C TYR A 168 -2.36 53.63 38.30
N THR A 169 -2.37 54.85 37.77
CA THR A 169 -3.17 55.90 38.39
C THR A 169 -4.65 55.53 38.40
N ASP A 170 -5.14 54.96 37.30
CA ASP A 170 -6.51 54.48 37.27
C ASP A 170 -6.72 53.33 38.26
N TRP A 171 -5.72 52.46 38.39
CA TRP A 171 -5.81 51.36 39.34
C TRP A 171 -5.94 51.87 40.77
N SER A 172 -5.18 52.91 41.11
CA SER A 172 -5.26 53.47 42.47
C SER A 172 -6.55 54.26 42.66
N ASN A 173 -6.98 54.99 41.65
CA ASN A 173 -8.18 55.82 41.77
C ASN A 173 -9.47 55.01 41.73
N GLY A 174 -9.42 53.79 41.19
CA GLY A 174 -10.61 52.97 41.14
C GLY A 174 -11.02 52.38 42.46
N GLY A 175 -10.16 52.47 43.47
CA GLY A 175 -10.47 51.94 44.79
C GLY A 175 -10.04 50.52 45.04
N PHE A 176 -9.09 49.98 44.25
CA PHE A 176 -8.58 48.62 44.42
C PHE A 176 -9.74 47.61 44.30
N ILE A 177 -10.32 47.59 43.11
CA ILE A 177 -11.52 46.80 42.83
C ILE A 177 -11.13 45.49 42.16
N SER A 178 -9.90 45.04 42.41
CA SER A 178 -9.41 43.80 41.83
C SER A 178 -10.22 42.61 42.33
N THR A 179 -10.37 41.61 41.43
CA THR A 179 -11.06 40.37 41.78
C THR A 179 -10.02 39.32 42.20
N GLY A 180 -9.39 39.61 43.34
CA GLY A 180 -8.24 38.87 43.81
C GLY A 180 -8.37 37.35 43.88
N THR A 181 -7.22 36.68 43.81
CA THR A 181 -7.00 35.24 43.98
C THR A 181 -7.89 34.40 43.06
N GLU A 182 -7.86 33.08 43.25
CA GLU A 182 -8.67 32.13 42.49
C GLU A 182 -8.37 32.25 40.99
N LEU A 183 -7.15 31.86 40.64
CA LEU A 183 -6.75 31.78 39.22
C LEU A 183 -7.73 30.89 38.47
N THR A 184 -8.47 31.48 37.53
CA THR A 184 -9.53 30.77 36.85
C THR A 184 -8.97 29.71 35.90
N ALA A 185 -9.81 28.72 35.60
CA ALA A 185 -9.45 27.65 34.69
C ALA A 185 -9.87 28.02 33.27
N GLY A 186 -9.00 27.73 32.31
CA GLY A 186 -9.27 28.09 30.93
C GLY A 186 -8.87 29.51 30.64
N TYR A 187 -9.27 29.96 29.45
CA TYR A 187 -8.94 31.29 28.96
C TYR A 187 -10.08 32.29 29.18
N GLY A 188 -10.84 32.11 30.26
CA GLY A 188 -11.95 32.98 30.57
C GLY A 188 -13.28 32.57 29.98
N GLU A 189 -13.28 31.68 28.99
CA GLU A 189 -14.51 31.22 28.40
C GLU A 189 -15.23 30.27 29.37
N PRO A 190 -16.56 30.19 29.29
CA PRO A 190 -17.29 29.26 30.15
C PRO A 190 -17.12 27.82 29.70
N LYS A 191 -17.75 26.88 30.40
CA LYS A 191 -17.59 25.46 30.09
C LYS A 191 -18.88 24.95 29.48
N LYS A 192 -18.75 24.18 28.40
CA LYS A 192 -19.91 23.54 27.78
C LYS A 192 -20.40 22.41 28.65
N GLN A 193 -21.72 22.25 28.71
CA GLN A 193 -22.34 21.20 29.51
C GLN A 193 -21.89 19.84 28.99
N PRO A 194 -21.21 19.04 29.82
CA PRO A 194 -20.69 17.76 29.35
C PRO A 194 -21.80 16.80 28.96
N LEU A 195 -21.38 15.69 28.35
CA LEU A 195 -22.30 14.62 27.98
C LEU A 195 -22.95 14.04 29.23
N ILE A 196 -24.27 14.18 29.34
CA ILE A 196 -25.02 13.75 30.52
C ILE A 196 -25.96 12.63 30.11
N LYS A 197 -25.95 11.55 30.88
CA LYS A 197 -26.84 10.41 30.63
C LYS A 197 -28.19 10.70 31.27
N GLY A 198 -29.15 11.08 30.44
CA GLY A 198 -30.48 11.37 30.92
C GLY A 198 -31.00 12.73 30.47
N HIS A 199 -30.10 13.70 30.37
CA HIS A 199 -30.48 15.03 29.93
C HIS A 199 -30.75 15.02 28.43
N GLU A 200 -31.98 15.37 28.04
CA GLU A 200 -32.32 15.38 26.62
C GLU A 200 -31.94 16.69 25.95
N LYS A 201 -30.73 17.18 26.20
CA LYS A 201 -30.10 18.24 25.41
C LYS A 201 -28.63 17.99 25.15
N TYR A 202 -27.99 17.09 25.91
CA TYR A 202 -26.59 16.76 25.72
C TYR A 202 -26.35 15.25 25.82
N ASP A 203 -27.37 14.45 25.53
CA ASP A 203 -27.21 13.00 25.55
C ASP A 203 -26.56 12.53 24.25
N LEU A 204 -26.14 11.27 24.24
CA LEU A 204 -25.48 10.70 23.07
C LEU A 204 -26.46 10.61 21.90
N ARG A 205 -25.92 10.75 20.70
CA ARG A 205 -26.71 10.87 19.49
C ARG A 205 -27.09 9.48 18.98
N VAL A 206 -28.32 9.07 19.29
CA VAL A 206 -28.86 7.84 18.74
C VAL A 206 -29.32 8.09 17.30
N ARG A 207 -29.60 7.00 16.58
CA ARG A 207 -30.07 7.06 15.19
C ARG A 207 -29.03 7.72 14.28
N ILE A 208 -27.91 7.03 14.17
CA ILE A 208 -26.82 7.45 13.30
C ILE A 208 -27.03 6.88 11.91
N ASP A 209 -26.67 7.65 10.89
CA ASP A 209 -26.83 7.25 9.50
C ASP A 209 -25.58 6.54 9.00
N ARG A 210 -25.78 5.69 7.98
CA ARG A 210 -24.67 4.95 7.40
C ARG A 210 -23.66 5.89 6.75
N GLU A 211 -24.16 6.93 6.07
CA GLU A 211 -23.25 7.90 5.45
C GLU A 211 -22.40 8.59 6.49
N GLU A 212 -22.95 8.86 7.68
CA GLU A 212 -22.15 9.43 8.76
C GLU A 212 -21.05 8.47 9.19
N ILE A 213 -21.35 7.18 9.26
CA ILE A 213 -20.33 6.19 9.62
C ILE A 213 -19.23 6.13 8.57
N GLU A 214 -19.61 6.14 7.29
CA GLU A 214 -18.60 6.15 6.23
C GLU A 214 -17.75 7.42 6.30
N GLY A 215 -18.40 8.57 6.52
CA GLY A 215 -17.64 9.81 6.66
C GLY A 215 -16.71 9.80 7.84
N LEU A 216 -17.12 9.16 8.94
CA LEU A 216 -16.24 9.05 10.10
C LEU A 216 -15.06 8.13 9.82
N GLY A 217 -15.31 7.04 9.11
CA GLY A 217 -14.23 6.15 8.74
C GLY A 217 -13.29 6.78 7.74
N ARG A 218 -13.78 7.79 7.03
CA ARG A 218 -12.98 8.52 6.06
C ARG A 218 -12.17 9.66 6.66
N ASN A 219 -12.77 10.47 7.54
CA ASN A 219 -12.04 11.62 8.08
C ASN A 219 -11.14 11.20 9.25
N LEU A 220 -11.41 10.03 9.85
CA LEU A 220 -10.50 9.49 10.84
C LEU A 220 -9.37 8.79 10.10
N HIS A 221 -8.80 9.47 9.11
CA HIS A 221 -7.74 8.96 8.28
C HIS A 221 -7.25 10.14 7.44
N ASN A 222 -5.93 10.32 7.36
CA ASN A 222 -5.22 11.54 6.95
C ASN A 222 -5.23 12.59 8.07
N VAL A 223 -6.03 12.40 9.10
CA VAL A 223 -5.82 13.13 10.34
C VAL A 223 -5.01 12.28 11.32
N LEU A 224 -5.29 10.98 11.35
CA LEU A 224 -4.56 10.05 12.19
C LEU A 224 -3.31 9.58 11.45
N TRP A 225 -3.43 9.37 10.15
CA TRP A 225 -2.26 9.15 9.30
C TRP A 225 -1.37 10.39 9.34
N GLY A 226 -1.98 11.57 9.21
CA GLY A 226 -1.28 12.82 9.38
C GLY A 226 -0.12 13.04 8.42
N GLY A 227 -0.33 12.74 7.14
CA GLY A 227 0.72 12.89 6.16
C GLY A 227 1.94 12.05 6.48
N GLY A 228 1.75 10.74 6.54
CA GLY A 228 2.81 9.85 6.99
C GLY A 228 2.53 9.35 8.39
N GLY A 229 3.25 9.88 9.38
CA GLY A 229 2.96 9.68 10.78
C GLY A 229 2.54 8.30 11.21
N THR A 230 1.44 8.21 11.95
CA THR A 230 0.98 6.95 12.53
C THR A 230 0.69 5.91 11.45
N ASN A 231 1.18 4.70 11.68
CA ASN A 231 1.00 3.62 10.72
C ASN A 231 -0.46 3.18 10.66
N ASP A 232 -0.83 2.55 9.55
CA ASP A 232 -2.21 2.14 9.34
C ASP A 232 -2.65 1.04 10.31
N SER A 233 -1.74 0.15 10.71
CA SER A 233 -2.06 -0.85 11.72
C SER A 233 -2.15 -0.25 13.11
N GLU A 234 -1.27 0.72 13.40
CA GLU A 234 -1.36 1.44 14.66
C GLU A 234 -2.72 2.11 14.81
N ILE A 235 -3.19 2.74 13.73
CA ILE A 235 -4.51 3.36 13.73
C ILE A 235 -5.57 2.32 14.06
N PHE A 236 -5.48 1.15 13.43
CA PHE A 236 -6.52 0.14 13.62
C PHE A 236 -6.58 -0.35 15.06
N TYR A 237 -5.43 -0.74 15.63
CA TYR A 237 -5.57 -1.31 16.96
C TYR A 237 -5.60 -0.23 18.04
N SER A 238 -5.43 1.05 17.68
CA SER A 238 -5.76 2.11 18.61
C SER A 238 -7.25 2.42 18.59
N LEU A 239 -7.86 2.45 17.41
CA LEU A 239 -9.30 2.70 17.31
C LEU A 239 -10.11 1.57 17.92
N VAL A 240 -9.67 0.33 17.77
CA VAL A 240 -10.44 -0.77 18.36
C VAL A 240 -10.44 -0.66 19.88
N ASN A 241 -9.28 -0.31 20.46
CA ASN A 241 -9.21 -0.12 21.90
C ASN A 241 -10.02 1.09 22.35
N ILE A 242 -10.01 2.16 21.55
CA ILE A 242 -10.79 3.35 21.87
C ILE A 242 -12.28 3.02 21.89
N ILE A 243 -12.73 2.25 20.89
CA ILE A 243 -14.13 1.85 20.85
C ILE A 243 -14.47 0.90 21.99
N LEU A 244 -13.53 0.03 22.39
CA LEU A 244 -13.76 -0.81 23.56
C LEU A 244 -13.95 0.04 24.82
N ALA A 245 -13.10 1.05 24.99
CA ALA A 245 -13.24 1.96 26.13
C ALA A 245 -14.57 2.70 26.07
N LYS A 246 -14.99 3.10 24.87
CA LYS A 246 -16.27 3.78 24.72
C LYS A 246 -17.43 2.88 25.12
N ILE A 247 -17.39 1.61 24.69
CA ILE A 247 -18.44 0.67 25.07
C ILE A 247 -18.46 0.46 26.57
N GLN A 248 -17.28 0.36 27.18
CA GLN A 248 -17.22 0.27 28.64
C GLN A 248 -17.87 1.49 29.29
N ASP A 249 -17.54 2.68 28.79
CA ASP A 249 -18.08 3.91 29.37
C ASP A 249 -19.60 3.96 29.25
N GLU A 250 -20.14 3.54 28.12
CA GLU A 250 -21.59 3.44 27.97
C GLU A 250 -22.20 2.34 28.84
N TYR A 251 -21.42 1.32 29.20
CA TYR A 251 -21.93 0.23 30.02
C TYR A 251 -21.93 0.53 31.51
N GLU A 252 -21.01 1.36 31.99
CA GLU A 252 -20.94 1.65 33.43
C GLU A 252 -21.87 2.79 33.85
N LYS A 253 -21.80 3.92 33.13
CA LYS A 253 -22.47 5.13 33.57
C LYS A 253 -23.97 4.92 33.71
N GLU A 254 -24.52 5.40 34.82
CA GLU A 254 -25.94 5.35 35.11
C GLU A 254 -26.55 6.73 34.86
N ASP A 255 -27.88 6.76 34.82
CA ASP A 255 -28.58 8.02 34.56
C ASP A 255 -28.21 9.07 35.60
N GLY A 256 -27.93 10.28 35.12
CA GLY A 256 -27.50 11.38 35.96
C GLY A 256 -26.00 11.58 36.05
N GLN A 257 -25.21 10.65 35.51
CA GLN A 257 -23.77 10.75 35.57
C GLN A 257 -23.21 11.29 34.26
N GLU A 258 -22.08 12.00 34.36
CA GLU A 258 -21.39 12.52 33.19
C GLU A 258 -20.46 11.43 32.64
N TYR A 259 -20.42 11.32 31.32
CA TYR A 259 -19.60 10.29 30.69
C TYR A 259 -18.12 10.61 30.84
N ASP A 260 -17.32 9.57 31.10
CA ASP A 260 -15.87 9.75 31.11
C ASP A 260 -15.30 9.82 29.70
N PHE A 261 -15.97 9.22 28.72
CA PHE A 261 -15.51 9.23 27.33
C PHE A 261 -15.99 10.50 26.66
N GLN A 262 -15.32 11.60 26.99
CA GLN A 262 -15.58 12.90 26.37
C GLN A 262 -14.43 13.83 26.76
N VAL A 263 -14.31 14.92 26.02
CA VAL A 263 -13.26 15.90 26.25
C VAL A 263 -13.90 17.14 26.87
N TYR A 264 -13.47 17.48 28.08
CA TYR A 264 -13.95 18.69 28.74
C TYR A 264 -13.20 19.90 28.17
N GLN A 265 -13.93 20.76 27.47
CA GLN A 265 -13.34 21.94 26.85
C GLN A 265 -14.10 23.17 27.31
N TYR A 266 -13.36 24.25 27.60
CA TYR A 266 -13.95 25.51 28.03
C TYR A 266 -14.37 26.30 26.79
N GLY A 267 -15.38 25.79 26.11
CA GLY A 267 -15.70 26.31 24.80
C GLY A 267 -14.59 25.92 23.84
N ASP A 268 -13.86 26.92 23.34
CA ASP A 268 -12.62 26.64 22.65
C ASP A 268 -11.55 26.26 23.66
N ASN A 269 -10.51 25.57 23.18
CA ASN A 269 -9.39 25.09 24.00
C ASN A 269 -9.84 23.91 24.85
N VAL A 270 -9.00 22.88 24.94
CA VAL A 270 -9.34 21.66 25.64
C VAL A 270 -8.45 21.51 26.88
N GLU A 271 -8.82 20.54 27.72
CA GLU A 271 -8.04 20.26 28.91
C GLU A 271 -6.71 19.62 28.55
N SER A 272 -5.92 19.31 29.57
CA SER A 272 -4.65 18.66 29.36
C SER A 272 -4.86 17.26 28.78
N PRO A 273 -4.17 16.91 27.70
CA PRO A 273 -4.33 15.56 27.13
C PRO A 273 -3.93 14.44 28.09
N GLN A 274 -3.03 14.73 29.03
CA GLN A 274 -2.62 13.69 29.99
C GLN A 274 -3.78 13.25 30.87
N LYS A 275 -4.63 14.19 31.28
CA LYS A 275 -5.80 13.81 32.07
C LYS A 275 -6.85 13.10 31.24
N LEU A 276 -6.88 13.33 29.93
CA LEU A 276 -7.74 12.53 29.06
C LEU A 276 -7.21 11.10 28.93
N PHE A 277 -5.90 10.96 28.83
CA PHE A 277 -5.30 9.63 28.83
C PHE A 277 -5.61 8.92 30.14
N ASP A 278 -5.35 9.57 31.28
CA ASP A 278 -5.73 8.96 32.55
C ASP A 278 -7.18 9.21 32.89
N ARG A 279 -8.04 9.09 31.88
CA ARG A 279 -9.47 8.85 32.05
C ARG A 279 -10.02 7.88 31.03
N ILE A 280 -9.38 7.73 29.88
CA ILE A 280 -9.78 6.72 28.90
C ILE A 280 -9.00 5.42 29.09
N ASN A 281 -7.71 5.51 29.42
CA ASN A 281 -6.92 4.32 29.70
C ASN A 281 -7.49 3.57 30.89
N ALA A 282 -7.88 4.30 31.93
CA ALA A 282 -8.53 3.67 33.08
C ALA A 282 -9.82 2.98 32.68
N LEU A 283 -10.55 3.57 31.73
CA LEU A 283 -11.73 2.90 31.19
C LEU A 283 -11.35 1.61 30.47
N TYR A 284 -10.23 1.63 29.75
CA TYR A 284 -9.80 0.45 29.00
C TYR A 284 -9.46 -0.70 29.93
N LYS A 285 -8.64 -0.44 30.95
CA LYS A 285 -8.30 -1.48 31.92
C LYS A 285 -9.52 -1.93 32.71
N ARG A 286 -10.52 -1.08 32.86
CA ARG A 286 -11.77 -1.48 33.46
C ARG A 286 -12.70 -2.17 32.47
N ALA A 287 -12.38 -2.12 31.18
CA ALA A 287 -13.15 -2.79 30.14
C ALA A 287 -12.73 -4.25 29.98
N LEU A 288 -11.42 -4.51 29.98
CA LEU A 288 -10.93 -5.89 29.95
C LEU A 288 -10.76 -6.46 31.35
N ARG A 289 -11.79 -6.22 32.17
CA ARG A 289 -11.94 -6.89 33.45
C ARG A 289 -13.38 -7.30 33.71
N GLU A 290 -14.33 -6.72 32.98
CA GLU A 290 -15.76 -7.00 33.18
C GLU A 290 -16.44 -7.61 31.97
N GLN A 291 -15.94 -7.37 30.76
CA GLN A 291 -16.51 -7.96 29.55
C GLN A 291 -15.54 -8.89 28.83
N LEU A 292 -14.26 -8.50 28.72
CA LEU A 292 -13.26 -9.38 28.15
C LEU A 292 -12.80 -10.46 29.12
N ASN A 293 -13.15 -10.33 30.40
CA ASN A 293 -12.91 -11.32 31.45
C ASN A 293 -11.43 -11.60 31.69
N VAL A 294 -10.54 -10.67 31.36
CA VAL A 294 -9.13 -10.85 31.69
C VAL A 294 -8.97 -10.73 33.19
N THR A 295 -8.39 -11.76 33.81
CA THR A 295 -8.26 -11.81 35.26
C THR A 295 -6.84 -11.67 35.77
N ASP A 296 -5.82 -11.88 34.93
CA ASP A 296 -4.44 -11.73 35.35
C ASP A 296 -4.16 -10.24 35.56
N GLU A 297 -4.01 -9.84 36.82
CA GLU A 297 -3.87 -8.42 37.14
C GLU A 297 -2.59 -7.83 36.54
N GLN A 298 -1.56 -8.65 36.35
CA GLN A 298 -0.33 -8.15 35.74
C GLN A 298 -0.57 -7.68 34.32
N LYS A 299 -1.30 -8.47 33.52
CA LYS A 299 -1.59 -8.07 32.16
C LYS A 299 -2.45 -6.81 32.12
N ILE A 300 -3.44 -6.72 33.02
CA ILE A 300 -4.27 -5.52 33.06
C ILE A 300 -3.44 -4.29 33.40
N ALA A 301 -2.55 -4.41 34.39
CA ALA A 301 -1.72 -3.30 34.79
C ALA A 301 -0.65 -2.95 33.78
N GLU A 302 -0.28 -3.87 32.89
CA GLU A 302 0.71 -3.59 31.87
C GLU A 302 0.12 -3.24 30.50
N ASP A 303 -1.20 -3.26 30.36
CA ASP A 303 -1.84 -2.93 29.10
C ASP A 303 -2.34 -1.49 29.10
N ASN A 304 -2.55 -0.95 27.91
CA ASN A 304 -3.00 0.42 27.73
C ASN A 304 -3.86 0.50 26.49
N VAL A 305 -4.68 1.56 26.43
CA VAL A 305 -5.58 1.74 25.28
C VAL A 305 -4.77 2.03 24.02
N ILE A 306 -3.78 2.92 24.11
CA ILE A 306 -2.96 3.30 22.98
C ILE A 306 -1.51 3.41 23.43
N ASN A 307 -0.61 3.44 22.45
CA ASN A 307 0.80 3.71 22.69
C ASN A 307 1.09 5.16 22.34
N ARG A 308 1.55 5.93 23.32
CA ARG A 308 1.77 7.35 23.12
C ARG A 308 2.96 7.66 22.23
N ASN A 309 3.91 6.73 22.10
CA ASN A 309 5.03 6.94 21.20
C ASN A 309 4.65 6.73 19.74
N LYS A 310 3.55 6.03 19.48
CA LYS A 310 3.11 5.75 18.11
C LYS A 310 1.69 6.25 17.87
N PHE A 311 1.14 7.02 18.80
CA PHE A 311 -0.21 7.56 18.67
C PHE A 311 -0.33 8.78 19.57
N PRO A 312 0.05 9.97 19.10
CA PRO A 312 0.08 11.15 19.96
C PRO A 312 -1.28 11.41 20.59
N LEU A 313 -1.25 12.03 21.78
CA LEU A 313 -2.48 12.27 22.54
C LEU A 313 -3.43 13.20 21.79
N ASN A 314 -2.91 14.06 20.91
CA ASN A 314 -3.77 14.93 20.13
C ASN A 314 -4.70 14.14 19.23
N LYS A 315 -4.19 13.07 18.62
CA LYS A 315 -5.04 12.19 17.82
C LYS A 315 -6.07 11.47 18.67
N LEU A 316 -5.72 11.12 19.91
CA LEU A 316 -6.70 10.57 20.83
C LEU A 316 -7.80 11.59 21.13
N VAL A 317 -7.41 12.85 21.32
CA VAL A 317 -8.40 13.91 21.56
C VAL A 317 -9.34 14.02 20.37
N TYR A 318 -8.78 14.03 19.16
CA TYR A 318 -9.62 14.12 17.96
C TYR A 318 -10.56 12.92 17.86
N THR A 319 -10.05 11.72 18.13
CA THR A 319 -10.88 10.53 18.03
C THR A 319 -12.03 10.57 19.04
N VAL A 320 -11.73 10.94 20.29
CA VAL A 320 -12.77 11.02 21.30
C VAL A 320 -13.81 12.07 20.94
N GLN A 321 -13.33 13.25 20.50
CA GLN A 321 -14.25 14.33 20.16
C GLN A 321 -15.11 13.97 18.96
N ALA A 322 -14.59 13.18 18.03
CA ALA A 322 -15.40 12.72 16.92
C ALA A 322 -16.41 11.66 17.37
N LEU A 323 -16.04 10.84 18.35
CA LEU A 323 -16.90 9.77 18.83
C LEU A 323 -17.64 10.14 20.12
N GLU A 324 -17.58 11.41 20.54
CA GLU A 324 -18.30 11.82 21.74
C GLU A 324 -19.80 11.64 21.59
N SER A 325 -20.37 12.19 20.52
CA SER A 325 -21.83 12.25 20.38
C SER A 325 -22.44 10.91 20.03
N LEU A 326 -21.73 10.07 19.28
CA LEU A 326 -22.31 8.80 18.83
C LEU A 326 -22.55 7.86 20.00
N SER A 327 -23.66 7.13 19.93
CA SER A 327 -24.00 6.10 20.92
C SER A 327 -23.89 4.75 20.22
N PHE A 328 -22.76 4.07 20.44
CA PHE A 328 -22.56 2.76 19.84
C PHE A 328 -23.60 1.76 20.36
N LEU A 329 -23.87 1.78 21.66
CA LEU A 329 -24.97 1.00 22.21
C LEU A 329 -26.30 1.66 21.86
N GLU A 330 -27.28 0.84 21.52
CA GLU A 330 -28.62 1.28 21.14
C GLU A 330 -28.61 2.02 19.81
N GLY A 331 -27.42 2.21 19.23
CA GLY A 331 -27.30 2.73 17.88
C GLY A 331 -26.97 1.61 16.91
N ARG A 332 -26.69 0.44 17.47
CA ARG A 332 -26.38 -0.73 16.65
C ARG A 332 -27.60 -1.24 15.89
N ASN A 333 -28.80 -0.89 16.33
CA ASN A 333 -30.03 -1.30 15.65
C ASN A 333 -30.44 -0.34 14.55
N SER A 334 -29.74 0.78 14.39
CA SER A 334 -29.99 1.72 13.32
C SER A 334 -29.13 1.45 12.09
N LEU A 335 -27.82 1.26 12.29
CA LEU A 335 -26.92 0.90 11.21
C LEU A 335 -26.88 -0.61 11.03
N ASP A 336 -28.05 -1.22 10.95
CA ASP A 336 -28.15 -2.67 10.80
C ASP A 336 -27.52 -3.10 9.48
N GLY A 337 -26.63 -4.09 9.55
CA GLY A 337 -25.93 -4.57 8.38
C GLY A 337 -24.64 -3.83 8.06
N LYS A 338 -24.07 -3.11 9.03
CA LYS A 338 -22.84 -2.34 8.82
C LYS A 338 -21.82 -2.78 9.88
N ASP A 339 -20.93 -3.68 9.50
CA ASP A 339 -19.85 -4.11 10.38
C ASP A 339 -18.84 -2.96 10.47
N ILE A 340 -18.77 -2.31 11.64
CA ILE A 340 -17.97 -1.11 11.77
C ILE A 340 -16.48 -1.43 11.66
N LEU A 341 -15.97 -2.24 12.58
CA LEU A 341 -14.53 -2.47 12.65
C LEU A 341 -14.01 -3.18 11.41
N GLY A 342 -14.79 -4.08 10.82
CA GLY A 342 -14.36 -4.73 9.60
C GLY A 342 -14.17 -3.76 8.45
N ASP A 343 -15.15 -2.88 8.24
CA ASP A 343 -15.06 -1.89 7.18
C ASP A 343 -13.92 -0.91 7.43
N PHE A 344 -13.73 -0.52 8.69
CA PHE A 344 -12.60 0.32 9.06
C PHE A 344 -11.28 -0.38 8.75
N PHE A 345 -11.19 -1.66 9.04
CA PHE A 345 -9.96 -2.41 8.76
C PHE A 345 -9.70 -2.45 7.25
N GLU A 346 -10.74 -2.71 6.46
CA GLU A 346 -10.57 -2.75 5.01
C GLU A 346 -10.14 -1.40 4.46
N SER A 347 -10.75 -0.32 4.94
CA SER A 347 -10.42 1.01 4.45
C SER A 347 -9.01 1.43 4.84
N ILE A 348 -8.67 1.32 6.13
CA ILE A 348 -7.40 1.85 6.61
C ILE A 348 -6.23 1.01 6.12
N ILE A 349 -6.35 -0.32 6.21
CA ILE A 349 -5.23 -1.18 5.86
C ILE A 349 -5.06 -1.21 4.34
N ARG A 350 -3.81 -1.12 3.89
CA ARG A 350 -3.51 -1.08 2.46
C ARG A 350 -3.86 -2.39 1.79
N ASP A 351 -3.91 -2.39 0.46
CA ASP A 351 -4.25 -3.58 -0.31
C ASP A 351 -3.14 -4.62 -0.35
N GLY A 352 -1.87 -4.19 -0.34
CA GLY A 352 -0.78 -5.15 -0.34
C GLY A 352 -0.77 -6.03 0.89
N PHE A 353 -1.02 -5.42 2.05
CA PHE A 353 -1.08 -6.20 3.29
C PHE A 353 -2.26 -7.17 3.28
N LYS A 354 -3.41 -6.72 2.77
CA LYS A 354 -4.58 -7.59 2.73
C LYS A 354 -4.45 -8.72 1.73
N GLN A 355 -3.70 -8.51 0.64
CA GLN A 355 -3.56 -9.50 -0.41
C GLN A 355 -2.72 -10.70 0.00
N THR A 356 -1.64 -10.48 0.75
CA THR A 356 -0.74 -11.56 1.14
C THR A 356 -1.25 -12.28 2.38
N LYS A 357 -2.44 -11.90 2.84
CA LYS A 357 -3.06 -12.57 3.99
C LYS A 357 -4.53 -12.90 3.78
N GLY A 358 -5.10 -12.56 2.63
CA GLY A 358 -6.50 -12.86 2.37
C GLY A 358 -7.48 -12.02 3.18
N GLN A 359 -7.06 -10.85 3.65
CA GLN A 359 -7.92 -10.00 4.48
C GLN A 359 -8.99 -9.31 3.65
N PHE A 360 -9.86 -10.13 3.05
CA PHE A 360 -11.01 -9.65 2.27
C PHE A 360 -12.27 -10.16 2.95
N PHE A 361 -13.01 -9.25 3.57
CA PHE A 361 -14.15 -9.61 4.39
C PHE A 361 -15.41 -9.74 3.56
N THR A 362 -16.17 -10.80 3.82
CA THR A 362 -17.38 -11.08 3.05
C THR A 362 -18.50 -10.14 3.48
N PRO A 363 -19.15 -9.45 2.56
CA PRO A 363 -20.12 -8.41 2.94
C PRO A 363 -21.33 -8.97 3.67
N THR A 364 -22.01 -8.09 4.39
CA THR A 364 -23.21 -8.49 5.12
C THR A 364 -24.28 -9.13 4.25
N PRO A 365 -24.64 -8.61 3.06
CA PRO A 365 -25.66 -9.29 2.26
C PRO A 365 -25.31 -10.73 1.92
N ILE A 366 -24.06 -11.01 1.58
CA ILE A 366 -23.67 -12.37 1.20
C ILE A 366 -23.67 -13.30 2.40
N VAL A 367 -23.14 -12.87 3.55
CA VAL A 367 -23.16 -13.73 4.73
C VAL A 367 -24.58 -13.98 5.19
N LYS A 368 -25.44 -12.96 5.08
CA LYS A 368 -26.84 -13.14 5.42
C LYS A 368 -27.51 -14.14 4.49
N PHE A 369 -27.19 -14.07 3.19
CA PHE A 369 -27.71 -15.04 2.24
C PHE A 369 -27.24 -16.44 2.57
N ILE A 370 -25.97 -16.59 2.96
CA ILE A 370 -25.44 -17.90 3.30
C ILE A 370 -26.17 -18.47 4.51
N LEU A 371 -26.28 -17.68 5.58
CA LEU A 371 -26.90 -18.17 6.80
C LEU A 371 -28.40 -18.35 6.67
N TYR A 372 -29.04 -17.69 5.69
CA TYR A 372 -30.46 -17.90 5.48
C TYR A 372 -30.76 -18.97 4.44
N ALA A 373 -29.78 -19.35 3.63
CA ALA A 373 -29.97 -20.43 2.66
C ALA A 373 -29.65 -21.80 3.24
N LEU A 374 -28.94 -21.86 4.37
CA LEU A 374 -28.74 -23.09 5.11
C LEU A 374 -29.94 -23.47 5.96
N GLN A 375 -30.98 -22.62 5.98
CA GLN A 375 -32.12 -22.80 6.88
C GLN A 375 -31.64 -22.93 8.32
N LEU A 376 -30.69 -22.07 8.69
CA LEU A 376 -30.13 -22.10 10.04
C LEU A 376 -31.21 -21.84 11.09
N ASP A 377 -32.19 -21.00 10.78
CA ASP A 377 -33.30 -20.78 11.70
C ASP A 377 -34.09 -22.05 11.94
N LYS A 378 -34.38 -22.80 10.87
CA LYS A 378 -35.07 -24.07 11.02
C LYS A 378 -34.22 -25.05 11.82
N LEU A 379 -32.91 -25.08 11.58
CA LEU A 379 -32.03 -25.97 12.33
C LEU A 379 -32.05 -25.64 13.81
N ALA A 380 -31.96 -24.35 14.15
CA ALA A 380 -31.98 -23.96 15.55
C ALA A 380 -33.32 -24.28 16.21
N ILE A 381 -34.42 -24.02 15.50
CA ILE A 381 -35.74 -24.31 16.06
C ILE A 381 -35.90 -25.81 16.29
N ASP A 382 -35.48 -26.64 15.34
CA ASP A 382 -35.60 -28.08 15.50
C ASP A 382 -34.67 -28.61 16.58
N ARG A 383 -33.48 -28.03 16.73
CA ARG A 383 -32.57 -28.45 17.79
C ARG A 383 -33.13 -28.08 19.17
N LEU A 384 -33.79 -26.92 19.26
CA LEU A 384 -34.42 -26.54 20.53
C LEU A 384 -35.53 -27.51 20.91
N ASN A 385 -36.32 -27.95 19.93
CA ASN A 385 -37.41 -28.87 20.23
C ASN A 385 -36.93 -30.30 20.45
N ASN A 386 -35.85 -30.71 19.77
CA ASN A 386 -35.41 -32.10 19.81
C ASN A 386 -34.11 -32.28 20.57
N ASP A 387 -33.04 -31.61 20.17
CA ASP A 387 -31.78 -31.71 20.90
C ASP A 387 -31.77 -30.85 22.15
N ARG A 388 -32.62 -29.83 22.18
CA ARG A 388 -33.04 -29.09 23.38
C ARG A 388 -32.06 -28.04 23.86
N GLU A 389 -30.91 -27.80 23.20
CA GLU A 389 -30.12 -26.62 23.55
C GLU A 389 -29.98 -25.64 22.39
N LEU A 390 -29.26 -25.99 21.31
CA LEU A 390 -28.96 -25.10 20.20
C LEU A 390 -28.09 -25.83 19.18
N PRO A 391 -27.89 -25.28 17.97
CA PRO A 391 -26.84 -25.80 17.08
C PRO A 391 -25.52 -25.08 17.27
N LEU A 392 -24.42 -25.84 17.32
CA LEU A 392 -23.09 -25.23 17.44
C LEU A 392 -22.68 -24.59 16.11
N ILE A 393 -21.93 -23.49 16.22
CA ILE A 393 -21.48 -22.74 15.05
C ILE A 393 -20.01 -22.40 15.26
N ILE A 394 -19.19 -22.64 14.23
CA ILE A 394 -17.78 -22.26 14.27
C ILE A 394 -17.38 -21.67 12.94
N ASP A 395 -16.59 -20.60 12.98
CA ASP A 395 -15.99 -19.97 11.80
C ASP A 395 -14.48 -20.09 11.95
N PRO A 396 -13.85 -21.11 11.36
CA PRO A 396 -12.41 -21.32 11.58
C PRO A 396 -11.54 -20.20 11.06
N SER A 397 -12.05 -19.36 10.16
CA SER A 397 -11.32 -18.23 9.61
C SER A 397 -12.09 -16.93 9.84
N ALA A 398 -12.63 -16.78 11.05
CA ALA A 398 -13.50 -15.65 11.35
C ALA A 398 -12.73 -14.34 11.33
N GLY A 399 -13.04 -13.49 10.36
CA GLY A 399 -12.49 -12.16 10.29
C GLY A 399 -13.50 -11.11 10.70
N SER A 400 -13.23 -10.44 11.82
CA SER A 400 -14.15 -9.48 12.46
C SER A 400 -15.44 -10.13 12.92
N GLY A 401 -15.52 -11.46 12.89
CA GLY A 401 -16.71 -12.16 13.36
C GLY A 401 -17.97 -11.84 12.59
N THR A 402 -17.86 -11.55 11.30
CA THR A 402 -19.04 -11.19 10.52
C THR A 402 -20.07 -12.32 10.53
N PHE A 403 -19.63 -13.53 10.20
CA PHE A 403 -20.55 -14.66 10.16
C PHE A 403 -21.14 -14.95 11.53
N LEU A 404 -20.33 -14.88 12.58
CA LEU A 404 -20.82 -15.14 13.94
C LEU A 404 -21.80 -14.08 14.41
N ILE A 405 -21.52 -12.80 14.15
CA ILE A 405 -22.43 -11.73 14.55
C ILE A 405 -23.76 -11.87 13.81
N GLU A 406 -23.69 -12.15 12.51
CA GLU A 406 -24.93 -12.35 11.76
C GLU A 406 -25.69 -13.58 12.21
N ALA A 407 -24.99 -14.65 12.58
CA ALA A 407 -25.66 -15.83 13.14
C ALA A 407 -26.35 -15.50 14.46
N MET A 408 -25.70 -14.68 15.30
CA MET A 408 -26.33 -14.23 16.54
C MET A 408 -27.61 -13.46 16.25
N LYS A 409 -27.50 -12.45 15.38
CA LYS A 409 -28.66 -11.64 15.03
C LYS A 409 -29.74 -12.44 14.32
N LEU A 410 -29.38 -13.58 13.73
CA LEU A 410 -30.37 -14.43 13.10
C LEU A 410 -31.09 -15.29 14.12
N ILE A 411 -30.34 -15.99 14.97
CA ILE A 411 -30.94 -16.89 15.94
C ILE A 411 -31.79 -16.12 16.94
N THR A 412 -31.25 -15.01 17.46
CA THR A 412 -32.00 -14.22 18.44
C THR A 412 -33.28 -13.67 17.83
N LYS A 413 -33.20 -13.19 16.59
CA LYS A 413 -34.36 -12.59 15.95
C LYS A 413 -35.40 -13.64 15.56
N GLU A 414 -34.97 -14.85 15.22
CA GLU A 414 -35.91 -15.86 14.76
C GLU A 414 -36.55 -16.62 15.93
N VAL A 415 -35.75 -17.16 16.84
CA VAL A 415 -36.29 -18.00 17.91
C VAL A 415 -37.10 -17.15 18.88
N LYS A 416 -36.61 -15.96 19.22
CA LYS A 416 -37.27 -15.12 20.21
C LYS A 416 -38.33 -14.21 19.61
N TYR A 417 -37.96 -13.44 18.58
CA TYR A 417 -38.84 -12.38 18.10
C TYR A 417 -39.87 -12.89 17.09
N LYS A 418 -39.41 -13.41 15.95
CA LYS A 418 -40.28 -13.62 14.80
C LYS A 418 -40.93 -15.01 14.80
N GLN A 419 -40.13 -16.07 14.79
CA GLN A 419 -40.67 -17.42 14.71
C GLN A 419 -40.88 -18.08 16.07
N ASN A 420 -41.09 -17.27 17.11
CA ASN A 420 -41.32 -17.79 18.46
C ASN A 420 -42.61 -18.61 18.49
N HIS A 421 -43.46 -18.45 17.49
CA HIS A 421 -44.69 -19.22 17.41
C HIS A 421 -44.44 -20.67 17.01
N LYS A 422 -43.22 -21.02 16.61
CA LYS A 422 -42.94 -22.41 16.24
C LYS A 422 -41.91 -23.03 17.18
N VAL A 423 -42.00 -22.73 18.48
CA VAL A 423 -41.08 -23.29 19.46
C VAL A 423 -41.66 -24.50 20.18
N LYS A 424 -42.98 -24.67 20.18
CA LYS A 424 -43.65 -25.78 20.86
C LYS A 424 -43.29 -25.80 22.35
N SER A 425 -43.80 -24.77 23.04
CA SER A 425 -43.42 -24.45 24.41
C SER A 425 -43.20 -25.67 25.30
N SER A 426 -44.10 -26.65 25.22
CA SER A 426 -43.97 -27.93 25.92
C SER A 426 -43.74 -27.67 27.41
N ARG A 427 -42.90 -28.48 28.05
CA ARG A 427 -42.68 -28.42 29.49
C ARG A 427 -41.27 -27.99 29.85
N GLN A 428 -40.24 -28.68 29.35
CA GLN A 428 -38.88 -28.51 29.84
C GLN A 428 -38.07 -27.52 29.02
N ILE A 429 -38.37 -27.34 27.73
CA ILE A 429 -37.56 -26.47 26.90
C ILE A 429 -37.68 -25.01 27.32
N THR A 430 -38.69 -24.68 28.14
CA THR A 430 -38.80 -23.32 28.68
C THR A 430 -37.63 -23.01 29.61
N LYS A 431 -37.20 -23.99 30.40
CA LYS A 431 -36.03 -23.78 31.25
C LYS A 431 -34.83 -23.38 30.41
N ARG A 432 -34.61 -24.09 29.29
CA ARG A 432 -33.52 -23.72 28.39
C ARG A 432 -33.78 -22.36 27.73
N PHE A 433 -35.05 -22.05 27.46
CA PHE A 433 -35.38 -20.79 26.78
C PHE A 433 -34.96 -19.59 27.62
N GLU A 434 -35.40 -19.55 28.88
CA GLU A 434 -34.93 -18.50 29.78
C GLU A 434 -33.49 -18.73 30.27
N GLU A 435 -32.91 -19.90 30.04
CA GLU A 435 -31.51 -20.08 30.37
C GLU A 435 -30.60 -19.47 29.31
N LEU A 436 -31.02 -19.47 28.05
CA LEU A 436 -30.18 -18.96 26.96
C LEU A 436 -30.42 -17.48 26.70
N PHE A 437 -31.66 -17.11 26.35
CA PHE A 437 -31.99 -15.73 26.02
C PHE A 437 -33.43 -15.44 26.38
N MET A 438 -33.63 -14.46 27.27
CA MET A 438 -34.92 -13.98 27.74
C MET A 438 -34.75 -12.78 28.67
N PRO A 439 -33.73 -12.76 29.56
CA PRO A 439 -33.50 -11.54 30.35
C PRO A 439 -32.95 -10.41 29.51
N ASP A 440 -33.84 -9.67 28.84
CA ASP A 440 -33.45 -8.63 27.89
C ASP A 440 -32.52 -7.60 28.54
N HIS A 441 -31.25 -7.64 28.13
CA HIS A 441 -30.13 -6.86 28.64
C HIS A 441 -28.85 -7.58 28.28
N ASN A 442 -28.88 -8.91 28.40
CA ASN A 442 -27.79 -9.78 27.96
C ASN A 442 -28.35 -10.99 27.22
N GLU A 443 -29.32 -10.77 26.32
CA GLU A 443 -29.93 -11.89 25.60
C GLU A 443 -28.92 -12.60 24.73
N ASN A 444 -27.89 -11.90 24.27
CA ASN A 444 -26.85 -12.52 23.45
C ASN A 444 -25.71 -13.04 24.33
N LYS A 445 -26.09 -13.95 25.24
CA LYS A 445 -25.12 -14.60 26.11
C LYS A 445 -24.97 -16.09 25.83
N TRP A 446 -25.89 -16.71 25.10
CA TRP A 446 -25.73 -18.10 24.70
C TRP A 446 -24.55 -18.28 23.76
N ALA A 447 -24.09 -17.21 23.13
CA ALA A 447 -22.90 -17.27 22.26
C ALA A 447 -21.63 -17.55 23.03
N ARG A 448 -21.65 -17.48 24.36
CA ARG A 448 -20.49 -17.80 25.16
C ARG A 448 -20.18 -19.30 25.18
N GLU A 449 -21.10 -20.14 24.71
CA GLU A 449 -20.88 -21.58 24.69
C GLU A 449 -21.26 -22.26 23.38
N TYR A 450 -21.97 -21.60 22.47
CA TYR A 450 -22.45 -22.26 21.27
C TYR A 450 -22.07 -21.48 20.01
N LEU A 451 -20.96 -20.74 20.05
CA LEU A 451 -20.54 -19.92 18.92
C LEU A 451 -19.02 -19.76 19.00
N TYR A 452 -18.31 -20.51 18.17
CA TYR A 452 -16.86 -20.53 18.20
C TYR A 452 -16.29 -19.85 16.95
N GLY A 453 -15.00 -19.52 17.02
CA GLY A 453 -14.33 -18.88 15.91
C GLY A 453 -12.83 -18.81 16.12
N CYS A 454 -12.06 -18.76 15.03
CA CYS A 454 -10.60 -18.78 15.10
C CYS A 454 -10.05 -17.71 14.16
N GLU A 455 -9.11 -16.91 14.66
CA GLU A 455 -8.43 -15.90 13.86
C GLU A 455 -6.94 -15.94 14.17
N ILE A 456 -6.12 -15.67 13.15
CA ILE A 456 -4.67 -15.76 13.30
C ILE A 456 -4.11 -14.38 13.62
N ASN A 457 -4.79 -13.32 13.20
CA ASN A 457 -4.31 -11.97 13.39
C ASN A 457 -4.70 -11.46 14.78
N PHE A 458 -3.73 -10.99 15.54
CA PHE A 458 -4.00 -10.55 16.90
C PHE A 458 -4.90 -9.32 16.93
N ASP A 459 -4.54 -8.28 16.17
CA ASP A 459 -5.34 -7.07 16.15
C ASP A 459 -6.74 -7.35 15.61
N LEU A 460 -6.83 -8.14 14.56
CA LEU A 460 -8.14 -8.53 14.03
C LEU A 460 -8.88 -9.42 15.01
N GLY A 461 -8.18 -10.22 15.80
CA GLY A 461 -8.85 -11.01 16.82
C GLY A 461 -9.47 -10.15 17.90
N THR A 462 -8.72 -9.15 18.37
CA THR A 462 -9.30 -8.22 19.35
C THR A 462 -10.45 -7.42 18.74
N ALA A 463 -10.35 -7.06 17.45
CA ALA A 463 -11.46 -6.40 16.80
C ALA A 463 -12.69 -7.29 16.76
N SER A 464 -12.49 -8.58 16.48
CA SER A 464 -13.60 -9.53 16.50
C SER A 464 -14.22 -9.62 17.89
N LYS A 465 -13.38 -9.64 18.92
CA LYS A 465 -13.88 -9.68 20.30
C LYS A 465 -14.69 -8.44 20.62
N VAL A 466 -14.21 -7.26 20.20
CA VAL A 466 -14.92 -6.02 20.47
C VAL A 466 -16.25 -5.99 19.75
N ASN A 467 -16.27 -6.38 18.47
CA ASN A 467 -17.53 -6.50 17.76
C ASN A 467 -18.45 -7.54 18.38
N MET A 468 -17.88 -8.56 19.03
CA MET A 468 -18.66 -9.62 19.65
C MET A 468 -19.31 -9.18 20.95
N ILE A 469 -18.64 -8.32 21.72
CA ILE A 469 -19.25 -7.82 22.95
C ILE A 469 -20.17 -6.64 22.67
N LEU A 470 -19.99 -5.97 21.53
CA LEU A 470 -20.87 -4.85 21.19
C LEU A 470 -22.30 -5.32 20.99
N HIS A 471 -22.49 -6.56 20.56
CA HIS A 471 -23.80 -7.14 20.35
C HIS A 471 -24.19 -8.15 21.41
N GLY A 472 -23.27 -8.49 22.32
CA GLY A 472 -23.55 -9.49 23.34
C GLY A 472 -22.36 -9.75 24.25
N ASP A 473 -22.08 -11.03 24.52
CA ASP A 473 -20.95 -11.37 25.39
C ASP A 473 -20.21 -12.62 24.93
N GLY A 474 -20.54 -13.18 23.77
CA GLY A 474 -19.97 -14.45 23.36
C GLY A 474 -18.57 -14.34 22.78
N SER A 475 -17.71 -13.55 23.42
CA SER A 475 -16.35 -13.33 22.95
C SER A 475 -15.35 -14.31 23.55
N ALA A 476 -15.78 -15.17 24.47
CA ALA A 476 -14.86 -16.10 25.12
C ALA A 476 -14.43 -17.24 24.21
N ASN A 477 -15.11 -17.42 23.07
CA ASN A 477 -14.83 -18.53 22.16
C ASN A 477 -14.03 -18.09 20.93
N ILE A 478 -13.49 -16.89 20.93
CA ILE A 478 -12.70 -16.40 19.81
C ILE A 478 -11.24 -16.74 20.10
N PHE A 479 -10.72 -17.76 19.43
CA PHE A 479 -9.34 -18.20 19.63
C PHE A 479 -8.44 -17.42 18.67
N VAL A 480 -7.55 -16.60 19.22
CA VAL A 480 -6.63 -15.80 18.40
C VAL A 480 -5.40 -16.67 18.16
N GLN A 481 -5.51 -17.53 17.15
CA GLN A 481 -4.43 -18.42 16.75
C GLN A 481 -4.84 -19.12 15.46
N ASP A 482 -3.90 -19.89 14.90
CA ASP A 482 -4.10 -20.51 13.60
C ASP A 482 -5.34 -21.41 13.59
N GLY A 483 -6.15 -21.25 12.54
CA GLY A 483 -7.36 -22.06 12.43
C GLY A 483 -7.11 -23.48 11.99
N LEU A 484 -6.05 -23.71 11.22
CA LEU A 484 -5.65 -25.05 10.81
C LEU A 484 -4.46 -25.45 11.69
N LEU A 485 -4.76 -26.20 12.75
CA LEU A 485 -3.78 -26.55 13.77
C LEU A 485 -4.38 -27.67 14.60
N PRO A 486 -3.55 -28.60 15.13
CA PRO A 486 -4.08 -29.71 15.93
C PRO A 486 -5.09 -29.28 16.98
N PHE A 487 -6.14 -30.09 17.16
CA PHE A 487 -7.25 -29.72 18.02
C PHE A 487 -6.86 -29.60 19.48
N ARG A 488 -5.71 -30.16 19.87
CA ARG A 488 -5.25 -30.07 21.25
C ARG A 488 -4.56 -28.74 21.56
N PHE A 489 -4.37 -27.88 20.56
CA PHE A 489 -3.70 -26.60 20.74
C PHE A 489 -4.66 -25.48 21.10
N TYR A 490 -5.95 -25.77 21.26
CA TYR A 490 -6.96 -24.77 21.59
C TYR A 490 -7.31 -24.92 23.07
N VAL A 491 -7.09 -23.85 23.83
CA VAL A 491 -7.26 -23.87 25.27
C VAL A 491 -8.29 -22.80 25.67
N LYS A 492 -9.13 -23.13 26.64
CA LYS A 492 -10.16 -22.22 27.11
C LYS A 492 -10.62 -22.67 28.49
N GLU A 493 -10.58 -21.73 29.45
CA GLU A 493 -10.96 -22.03 30.83
C GLU A 493 -12.41 -21.62 31.08
N THR A 494 -13.31 -22.33 30.41
CA THR A 494 -14.74 -22.06 30.49
C THR A 494 -15.47 -23.39 30.31
N SER A 495 -16.76 -23.34 30.02
CA SER A 495 -17.60 -24.48 29.66
C SER A 495 -16.86 -25.37 28.69
N PRO A 496 -17.04 -26.71 28.74
CA PRO A 496 -16.18 -27.63 27.98
C PRO A 496 -15.88 -27.18 26.56
N ASN A 497 -14.60 -26.96 26.29
CA ASN A 497 -14.13 -26.44 25.01
C ASN A 497 -14.35 -27.52 23.96
N TYR A 498 -15.46 -27.37 23.20
CA TYR A 498 -15.79 -28.34 22.17
C TYR A 498 -14.71 -28.45 21.12
N LEU A 499 -13.89 -27.42 20.94
CA LEU A 499 -12.79 -27.47 19.98
C LEU A 499 -11.49 -27.91 20.66
N GLU A 500 -11.56 -29.02 21.40
CA GLU A 500 -10.34 -29.62 21.96
C GLU A 500 -10.29 -31.13 21.81
N THR A 501 -11.43 -31.78 21.60
CA THR A 501 -11.45 -33.25 21.44
C THR A 501 -10.80 -33.63 20.13
N ALA A 502 -10.18 -34.80 20.07
CA ALA A 502 -9.65 -35.29 18.81
C ALA A 502 -9.41 -36.79 18.85
N SER A 503 -10.06 -37.52 17.96
CA SER A 503 -9.87 -38.96 17.87
C SER A 503 -9.63 -39.34 16.42
N PRO A 504 -8.78 -40.34 16.17
CA PRO A 504 -8.54 -40.78 14.79
C PRO A 504 -9.81 -41.38 14.18
N ASP A 505 -9.93 -41.21 12.86
CA ASP A 505 -11.07 -41.71 12.11
C ASP A 505 -10.61 -42.79 11.14
N ALA A 506 -11.29 -43.94 11.18
CA ALA A 506 -10.94 -45.05 10.29
C ALA A 506 -11.17 -44.68 8.83
N LEU A 507 -12.29 -44.00 8.54
CA LEU A 507 -12.62 -43.63 7.17
C LEU A 507 -11.76 -42.49 6.63
N TYR A 508 -11.25 -41.61 7.49
CA TYR A 508 -10.43 -40.48 7.06
C TYR A 508 -8.94 -40.80 7.03
N GLY A 509 -8.56 -42.01 7.43
CA GLY A 509 -7.16 -42.39 7.39
C GLY A 509 -6.45 -42.24 8.73
N ASP A 510 -7.14 -42.61 9.81
CA ASP A 510 -6.58 -42.57 11.16
C ASP A 510 -6.05 -41.17 11.50
N LYS A 511 -6.90 -40.18 11.28
CA LYS A 511 -6.57 -38.79 11.53
C LYS A 511 -7.63 -38.15 12.40
N GLU A 512 -7.24 -37.09 13.10
CA GLU A 512 -8.09 -36.50 14.13
C GLU A 512 -9.36 -35.92 13.53
N VAL A 513 -10.48 -36.16 14.22
CA VAL A 513 -11.76 -35.60 13.83
C VAL A 513 -12.46 -35.05 15.07
N ASN A 514 -12.56 -33.71 15.24
CA ASN A 514 -13.38 -33.18 16.37
C ASN A 514 -14.77 -33.72 16.06
N GLY A 515 -15.60 -32.91 15.40
CA GLY A 515 -16.76 -33.49 14.79
C GLY A 515 -17.73 -33.32 15.95
N LYS A 516 -18.08 -32.05 16.20
CA LYS A 516 -19.09 -31.68 17.18
C LYS A 516 -20.03 -30.58 16.70
N PHE A 517 -19.63 -29.76 15.73
CA PHE A 517 -20.43 -28.62 15.32
C PHE A 517 -21.49 -29.02 14.30
N ASP A 518 -22.52 -28.18 14.18
CA ASP A 518 -23.59 -28.43 13.23
C ASP A 518 -23.37 -27.69 11.91
N VAL A 519 -22.91 -26.45 11.94
CA VAL A 519 -22.68 -25.68 10.73
C VAL A 519 -21.30 -25.03 10.81
N VAL A 520 -20.63 -24.95 9.67
CA VAL A 520 -19.39 -24.19 9.52
C VAL A 520 -19.60 -23.21 8.37
N VAL A 521 -19.44 -21.92 8.67
CA VAL A 521 -19.55 -20.86 7.68
C VAL A 521 -18.28 -20.02 7.75
N SER A 522 -17.63 -19.84 6.61
CA SER A 522 -16.36 -19.13 6.58
C SER A 522 -16.03 -18.75 5.14
N ASN A 523 -15.05 -17.87 5.00
CA ASN A 523 -14.44 -17.55 3.71
C ASN A 523 -12.96 -17.88 3.81
N PRO A 524 -12.47 -18.89 3.09
CA PRO A 524 -11.08 -19.31 3.28
C PRO A 524 -10.11 -18.24 2.82
N PRO A 525 -8.92 -18.20 3.41
CA PRO A 525 -7.89 -17.26 2.93
C PRO A 525 -7.21 -17.74 1.66
N PHE A 526 -7.79 -17.41 0.51
CA PHE A 526 -7.30 -17.93 -0.78
C PHE A 526 -5.84 -17.59 -0.99
N SER A 527 -5.03 -18.64 -1.17
CA SER A 527 -3.65 -18.52 -1.64
C SER A 527 -2.81 -17.62 -0.73
N VAL A 528 -2.65 -18.06 0.52
CA VAL A 528 -1.79 -17.38 1.48
C VAL A 528 -0.77 -18.39 2.00
N ASP A 529 0.49 -17.98 2.06
CA ASP A 529 1.55 -18.87 2.53
C ASP A 529 1.37 -19.17 4.01
N LEU A 530 1.45 -20.46 4.36
CA LEU A 530 1.28 -20.88 5.74
C LEU A 530 2.57 -20.69 6.53
N ASP A 531 2.43 -20.60 7.84
CA ASP A 531 3.58 -20.49 8.72
C ASP A 531 4.35 -21.81 8.74
N THR A 532 5.66 -21.71 8.94
CA THR A 532 6.50 -22.90 8.94
C THR A 532 6.12 -23.85 10.06
N GLN A 533 5.81 -23.32 11.23
CA GLN A 533 5.44 -24.15 12.38
C GLN A 533 4.21 -24.99 12.07
N THR A 534 3.18 -24.36 11.49
CA THR A 534 2.01 -25.13 11.09
C THR A 534 2.23 -25.86 9.77
N GLN A 535 3.20 -25.42 8.96
CA GLN A 535 3.54 -26.14 7.74
C GLN A 535 4.13 -27.52 8.04
N ARG A 536 4.89 -27.64 9.13
CA ARG A 536 5.43 -28.93 9.53
C ARG A 536 4.36 -29.87 10.04
N GLU A 537 3.31 -29.34 10.67
CA GLU A 537 2.32 -30.17 11.36
C GLU A 537 1.15 -30.58 10.47
N VAL A 538 1.06 -30.06 9.25
CA VAL A 538 -0.11 -30.36 8.41
C VAL A 538 0.11 -31.61 7.57
N ARG A 539 1.37 -31.95 7.27
CA ARG A 539 1.63 -33.10 6.41
C ARG A 539 1.14 -34.39 7.03
N ASN A 540 1.38 -34.58 8.32
CA ASN A 540 0.98 -35.79 9.03
C ASN A 540 -0.40 -35.69 9.67
N ALA A 541 -1.10 -34.56 9.48
CA ALA A 541 -2.42 -34.38 10.06
C ALA A 541 -3.53 -34.21 9.03
N PHE A 542 -3.21 -33.87 7.79
CA PHE A 542 -4.20 -33.68 6.75
C PHE A 542 -4.04 -34.73 5.65
N LEU A 543 -5.16 -35.10 5.03
CA LEU A 543 -5.14 -36.10 3.97
C LEU A 543 -4.38 -35.64 2.74
N PHE A 544 -4.25 -34.34 2.52
CA PHE A 544 -3.53 -33.77 1.39
C PHE A 544 -2.49 -32.77 1.85
N GLY A 545 -1.76 -33.11 2.92
CA GLY A 545 -0.81 -32.18 3.49
C GLY A 545 0.33 -31.79 2.59
N ASP A 546 0.61 -32.59 1.56
CA ASP A 546 1.67 -32.25 0.62
C ASP A 546 1.29 -31.05 -0.25
N LYS A 547 0.01 -30.95 -0.64
CA LYS A 547 -0.47 -29.85 -1.46
C LYS A 547 -0.57 -28.60 -0.58
N LYS A 548 0.51 -27.81 -0.58
CA LYS A 548 0.59 -26.60 0.24
C LYS A 548 -0.23 -25.51 -0.44
N ASN A 549 -1.54 -25.52 -0.17
CA ASN A 549 -2.44 -24.51 -0.72
C ASN A 549 -3.50 -24.22 0.33
N SER A 550 -3.70 -22.93 0.62
CA SER A 550 -4.50 -22.54 1.78
C SER A 550 -5.98 -22.85 1.57
N GLU A 551 -6.53 -22.50 0.43
CA GLU A 551 -7.98 -22.67 0.26
C GLU A 551 -8.39 -24.14 0.43
N ASN A 552 -7.50 -25.10 0.18
CA ASN A 552 -7.93 -26.54 0.21
C ASN A 552 -7.54 -27.19 1.53
N LEU A 553 -6.37 -26.89 2.07
CA LEU A 553 -5.98 -27.42 3.41
C LEU A 553 -6.93 -26.79 4.42
N PHE A 554 -8.18 -26.58 4.08
CA PHE A 554 -9.12 -25.89 4.98
C PHE A 554 -10.41 -26.35 4.51
N ILE A 555 -10.43 -27.01 3.36
CA ILE A 555 -11.73 -27.62 2.97
C ILE A 555 -11.76 -28.93 3.75
N GLU A 556 -10.62 -29.30 4.32
CA GLU A 556 -10.63 -30.52 5.16
C GLU A 556 -11.08 -30.10 6.55
N ARG A 557 -10.47 -29.07 7.11
CA ARG A 557 -10.88 -28.57 8.42
C ARG A 557 -12.39 -28.61 8.56
N TYR A 558 -13.11 -28.26 7.48
CA TYR A 558 -14.56 -28.41 7.50
C TYR A 558 -14.94 -29.86 7.77
N TYR A 559 -14.28 -30.80 7.10
CA TYR A 559 -14.64 -32.20 7.31
C TYR A 559 -14.40 -32.62 8.76
N GLN A 560 -13.27 -32.18 9.34
CA GLN A 560 -13.00 -32.53 10.73
C GLN A 560 -14.03 -31.92 11.67
N LEU A 561 -14.43 -30.67 11.43
CA LEU A 561 -15.29 -29.97 12.38
C LEU A 561 -16.73 -30.48 12.33
N LEU A 562 -17.27 -30.73 11.15
CA LEU A 562 -18.68 -31.10 11.03
C LEU A 562 -18.95 -32.48 11.64
N LYS A 563 -20.22 -32.76 11.88
CA LYS A 563 -20.68 -34.05 12.37
C LYS A 563 -21.23 -34.87 11.21
N GLU A 564 -21.75 -36.06 11.54
CA GLU A 564 -22.35 -36.92 10.53
C GLU A 564 -23.72 -36.40 10.12
N GLY A 565 -23.74 -35.31 9.36
CA GLY A 565 -24.99 -34.69 8.95
C GLY A 565 -24.99 -33.20 9.13
N GLY A 566 -23.82 -32.63 9.44
CA GLY A 566 -23.71 -31.20 9.61
C GLY A 566 -23.76 -30.44 8.29
N ARG A 567 -24.12 -29.18 8.38
CA ARG A 567 -24.31 -28.32 7.22
C ARG A 567 -23.10 -27.44 6.99
N LEU A 568 -22.83 -27.14 5.73
CA LEU A 568 -21.69 -26.32 5.34
C LEU A 568 -22.12 -25.26 4.34
N GLY A 569 -21.52 -24.08 4.45
CA GLY A 569 -21.66 -23.07 3.43
C GLY A 569 -20.51 -22.08 3.49
N VAL A 570 -19.79 -21.92 2.38
CA VAL A 570 -18.56 -21.15 2.34
C VAL A 570 -18.42 -20.48 0.99
N VAL A 571 -17.73 -19.34 0.97
CA VAL A 571 -17.46 -18.62 -0.27
C VAL A 571 -16.10 -19.13 -0.75
N LEU A 572 -16.15 -20.10 -1.66
CA LEU A 572 -14.93 -20.67 -2.22
C LEU A 572 -14.59 -19.96 -3.53
N PRO A 573 -13.34 -20.05 -3.96
CA PRO A 573 -12.96 -19.44 -5.24
C PRO A 573 -13.47 -20.25 -6.41
N GLU A 574 -13.50 -19.61 -7.58
CA GLU A 574 -13.87 -20.32 -8.80
C GLU A 574 -12.82 -21.33 -9.20
N SER A 575 -11.60 -21.21 -8.68
CA SER A 575 -10.54 -22.17 -8.98
C SER A 575 -10.91 -23.57 -8.49
N VAL A 576 -11.57 -23.66 -7.33
CA VAL A 576 -11.98 -24.96 -6.83
C VAL A 576 -12.95 -25.63 -7.80
N PHE A 577 -13.83 -24.84 -8.41
CA PHE A 577 -14.87 -25.36 -9.29
C PHE A 577 -14.40 -25.59 -10.72
N ASP A 578 -13.37 -24.88 -11.19
CA ASP A 578 -13.05 -24.97 -12.61
C ASP A 578 -11.62 -25.43 -12.90
N THR A 579 -10.66 -24.99 -12.10
CA THR A 579 -9.26 -25.28 -12.38
C THR A 579 -8.99 -26.79 -12.34
N THR A 580 -8.25 -27.28 -13.32
CA THR A 580 -7.96 -28.70 -13.44
C THR A 580 -6.85 -29.17 -12.52
N GLU A 581 -6.00 -28.23 -12.09
CA GLU A 581 -4.89 -28.56 -11.18
C GLU A 581 -5.46 -28.85 -9.80
N ASN A 582 -6.79 -28.91 -9.68
CA ASN A 582 -7.39 -29.09 -8.35
C ASN A 582 -8.34 -30.26 -8.46
N LYS A 583 -7.95 -31.29 -9.18
CA LYS A 583 -8.93 -32.37 -9.34
C LYS A 583 -9.05 -33.09 -8.00
N TYR A 584 -8.01 -33.05 -7.16
CA TYR A 584 -8.06 -33.84 -5.90
C TYR A 584 -9.19 -33.33 -5.04
N ILE A 585 -9.09 -32.08 -4.63
CA ILE A 585 -10.10 -31.54 -3.69
C ILE A 585 -11.47 -31.78 -4.29
N ARG A 586 -11.63 -31.49 -5.59
CA ARG A 586 -12.96 -31.63 -6.21
C ARG A 586 -13.51 -33.00 -5.81
N LEU A 587 -12.65 -34.01 -5.76
CA LEU A 587 -13.16 -35.39 -5.51
C LEU A 587 -13.37 -35.57 -4.00
N PHE A 588 -12.50 -34.99 -3.18
CA PHE A 588 -12.69 -35.06 -1.71
C PHE A 588 -14.06 -34.60 -1.48
N ILE A 589 -14.29 -33.36 -1.85
CA ILE A 589 -15.62 -32.77 -1.62
C ILE A 589 -16.63 -33.75 -2.19
N PHE A 590 -16.29 -34.43 -3.26
CA PHE A 590 -17.35 -35.27 -3.86
C PHE A 590 -17.58 -36.47 -3.01
N LYS A 591 -16.57 -36.92 -2.28
CA LYS A 591 -16.76 -38.18 -1.52
C LYS A 591 -17.33 -37.93 -0.13
N TYR A 592 -16.69 -37.05 0.62
CA TYR A 592 -17.13 -36.87 2.01
C TYR A 592 -18.38 -36.00 2.11
N PHE A 593 -18.41 -34.88 1.39
CA PHE A 593 -19.51 -33.95 1.46
C PHE A 593 -20.58 -34.29 0.44
N LYS A 594 -21.82 -33.90 0.75
CA LYS A 594 -22.97 -34.09 -0.13
C LYS A 594 -23.36 -32.71 -0.66
N VAL A 595 -22.85 -32.38 -1.86
CA VAL A 595 -23.16 -31.08 -2.46
C VAL A 595 -24.66 -30.97 -2.70
N LYS A 596 -25.23 -29.81 -2.37
CA LYS A 596 -26.67 -29.65 -2.45
C LYS A 596 -27.11 -28.36 -3.13
N ALA A 597 -26.24 -27.37 -3.28
CA ALA A 597 -26.59 -26.13 -3.97
C ALA A 597 -25.31 -25.37 -4.28
N VAL A 598 -25.23 -24.88 -5.53
CA VAL A 598 -24.06 -24.13 -5.96
C VAL A 598 -24.49 -22.87 -6.70
N VAL A 599 -24.21 -21.71 -6.10
CA VAL A 599 -24.55 -20.42 -6.70
C VAL A 599 -23.25 -19.70 -7.04
N SER A 600 -23.23 -19.05 -8.20
CA SER A 600 -22.04 -18.33 -8.66
C SER A 600 -22.25 -16.84 -8.42
N LEU A 601 -21.50 -16.30 -7.47
CA LEU A 601 -21.57 -14.86 -7.22
C LEU A 601 -20.94 -14.10 -8.39
N PRO A 602 -21.41 -12.88 -8.65
CA PRO A 602 -20.77 -12.04 -9.66
C PRO A 602 -19.34 -11.70 -9.28
N GLN A 603 -18.60 -11.18 -10.25
CA GLN A 603 -17.27 -10.67 -9.99
C GLN A 603 -17.30 -9.28 -9.38
N VAL A 604 -18.48 -8.66 -9.30
CA VAL A 604 -18.60 -7.35 -8.66
C VAL A 604 -18.49 -7.48 -7.14
N THR A 605 -18.62 -8.69 -6.61
CA THR A 605 -18.29 -8.92 -5.22
C THR A 605 -16.81 -8.62 -4.99
N PHE A 606 -16.51 -8.00 -3.86
CA PHE A 606 -15.14 -7.65 -3.48
C PHE A 606 -14.51 -6.68 -4.46
N GLU A 607 -15.33 -5.95 -5.22
CA GLU A 607 -14.83 -5.18 -6.35
C GLU A 607 -13.77 -4.14 -5.98
N PRO A 608 -13.97 -3.28 -4.97
CA PRO A 608 -12.94 -2.26 -4.69
C PRO A 608 -11.63 -2.83 -4.18
N PHE A 609 -11.58 -4.12 -3.85
CA PHE A 609 -10.38 -4.71 -3.27
C PHE A 609 -9.74 -5.76 -4.15
N THR A 610 -10.45 -6.81 -4.54
CA THR A 610 -9.81 -7.83 -5.36
C THR A 610 -10.57 -8.19 -6.62
N SER A 611 -11.91 -8.20 -6.58
CA SER A 611 -12.74 -8.47 -7.75
C SER A 611 -12.39 -9.79 -8.43
N THR A 612 -12.40 -10.86 -7.65
CA THR A 612 -12.17 -12.21 -8.16
C THR A 612 -13.46 -13.02 -8.11
N LYS A 613 -13.65 -13.86 -9.12
CA LYS A 613 -14.87 -14.67 -9.20
C LYS A 613 -14.90 -15.70 -8.09
N THR A 614 -16.05 -15.84 -7.44
CA THR A 614 -16.22 -16.78 -6.35
C THR A 614 -17.55 -17.50 -6.51
N SER A 615 -17.74 -18.55 -5.72
CA SER A 615 -18.96 -19.34 -5.74
C SER A 615 -19.23 -19.86 -4.34
N LEU A 616 -20.39 -20.47 -4.16
CA LEU A 616 -20.81 -21.02 -2.89
C LEU A 616 -21.05 -22.52 -3.01
N LEU A 617 -20.67 -23.26 -1.96
CA LEU A 617 -20.64 -24.72 -2.00
C LEU A 617 -21.90 -25.37 -1.46
N PHE A 618 -22.34 -25.00 -0.25
CA PHE A 618 -23.53 -25.57 0.37
C PHE A 618 -23.49 -27.10 0.37
N ALA A 619 -22.53 -27.63 1.10
CA ALA A 619 -22.32 -29.06 1.20
C ALA A 619 -22.81 -29.57 2.56
N GLN A 620 -22.90 -30.90 2.67
CA GLN A 620 -23.26 -31.55 3.92
C GLN A 620 -22.46 -32.85 4.03
N LYS A 621 -21.92 -33.11 5.21
CA LYS A 621 -21.10 -34.30 5.40
C LYS A 621 -21.95 -35.57 5.32
N LYS A 622 -21.38 -36.59 4.69
CA LYS A 622 -22.02 -37.90 4.60
C LYS A 622 -21.89 -38.64 5.93
N THR A 623 -22.87 -39.48 6.22
CA THR A 623 -22.79 -40.34 7.39
C THR A 623 -21.76 -41.44 7.18
N LYS A 624 -21.42 -42.15 8.26
CA LYS A 624 -20.41 -43.19 8.17
C LYS A 624 -20.85 -44.35 7.28
N GLU A 625 -22.13 -44.72 7.32
CA GLU A 625 -22.61 -45.80 6.48
C GLU A 625 -22.84 -45.35 5.04
N GLU A 626 -22.51 -44.11 4.69
CA GLU A 626 -22.57 -43.63 3.32
C GLU A 626 -21.20 -43.45 2.68
N VAL A 627 -20.13 -43.44 3.48
CA VAL A 627 -18.78 -43.40 2.91
C VAL A 627 -18.23 -44.80 2.66
N GLU A 628 -18.66 -45.80 3.41
CA GLU A 628 -18.30 -47.17 3.11
C GLU A 628 -18.87 -47.60 1.76
N GLN A 629 -20.01 -47.02 1.41
CA GLN A 629 -20.58 -47.34 0.10
C GLN A 629 -19.61 -46.73 -0.91
N TRP A 630 -19.25 -45.46 -0.76
CA TRP A 630 -18.37 -44.88 -1.81
C TRP A 630 -17.20 -45.82 -1.99
N ASN A 631 -16.45 -46.08 -0.92
CA ASN A 631 -15.23 -46.91 -1.09
C ASN A 631 -15.58 -48.25 -1.74
N GLU A 632 -16.52 -49.03 -1.21
CA GLU A 632 -16.75 -50.32 -1.84
C GLU A 632 -17.00 -50.17 -3.34
N LEU A 633 -17.67 -49.08 -3.70
CA LEU A 633 -17.84 -48.84 -5.13
C LEU A 633 -16.48 -48.39 -5.63
N TRP A 634 -15.84 -47.43 -4.96
CA TRP A 634 -14.58 -46.94 -5.56
C TRP A 634 -13.76 -48.13 -6.03
N ASP A 635 -13.70 -49.20 -5.25
CA ASP A 635 -12.80 -50.32 -5.65
C ASP A 635 -13.53 -51.24 -6.63
N LYS A 636 -14.78 -51.60 -6.37
CA LYS A 636 -15.46 -52.45 -7.34
C LYS A 636 -15.21 -51.96 -8.76
N TYR A 637 -15.29 -50.66 -8.99
CA TYR A 637 -15.03 -50.10 -10.31
C TYR A 637 -13.58 -49.74 -10.53
N GLY A 638 -12.71 -49.94 -9.55
CA GLY A 638 -11.29 -49.75 -9.75
C GLY A 638 -10.57 -51.03 -10.12
N LYS A 639 -11.00 -52.17 -9.58
CA LYS A 639 -10.41 -53.43 -10.00
C LYS A 639 -10.71 -53.72 -11.47
N GLU A 640 -11.93 -53.40 -11.92
CA GLU A 640 -12.26 -53.54 -13.32
C GLU A 640 -11.39 -52.65 -14.18
N TRP A 641 -11.17 -51.41 -13.74
CA TRP A 641 -10.31 -50.49 -14.49
C TRP A 641 -8.87 -51.01 -14.55
N SER A 642 -8.38 -51.56 -13.43
CA SER A 642 -7.01 -52.07 -13.41
C SER A 642 -6.85 -53.27 -14.34
N LEU A 643 -7.84 -54.16 -14.37
CA LEU A 643 -7.78 -55.28 -15.30
C LEU A 643 -7.84 -54.79 -16.75
N LEU A 644 -8.75 -53.85 -17.02
CA LEU A 644 -8.91 -53.33 -18.37
C LEU A 644 -7.66 -52.61 -18.84
N LYS A 645 -6.96 -51.94 -17.93
CA LYS A 645 -5.69 -51.32 -18.28
C LYS A 645 -4.78 -52.31 -18.98
N THR A 646 -4.47 -53.43 -18.30
CA THR A 646 -3.59 -54.43 -18.88
C THR A 646 -4.18 -55.04 -20.15
N ARG A 647 -5.49 -55.34 -20.14
CA ARG A 647 -6.06 -56.04 -21.28
C ARG A 647 -6.03 -55.19 -22.55
N ILE A 648 -6.50 -53.95 -22.47
CA ILE A 648 -6.51 -53.08 -23.65
C ILE A 648 -5.10 -52.62 -24.01
N ASN A 649 -4.21 -52.41 -23.02
CA ASN A 649 -2.84 -52.07 -23.40
C ASN A 649 -2.07 -53.25 -23.97
N ASP A 650 -2.55 -54.49 -23.79
CA ASP A 650 -1.98 -55.63 -24.49
C ASP A 650 -2.59 -55.79 -25.87
N TYR A 651 -3.89 -55.51 -26.01
CA TYR A 651 -4.51 -55.45 -27.32
C TYR A 651 -3.80 -54.41 -28.20
N PHE A 652 -3.48 -53.25 -27.60
CA PHE A 652 -2.72 -52.23 -28.33
C PHE A 652 -1.35 -52.73 -28.70
N SER A 653 -0.66 -53.41 -27.77
CA SER A 653 0.68 -53.90 -28.05
C SER A 653 0.70 -54.96 -29.14
N TYR A 654 -0.39 -55.72 -29.29
CA TYR A 654 -0.43 -56.79 -30.29
C TYR A 654 -0.97 -56.35 -31.63
N PHE A 655 -2.18 -55.77 -31.66
CA PHE A 655 -2.81 -55.44 -32.93
C PHE A 655 -2.06 -54.38 -33.71
N VAL A 656 -1.42 -53.43 -33.01
CA VAL A 656 -0.55 -52.45 -33.63
C VAL A 656 0.80 -52.54 -32.92
N LYS A 657 1.85 -52.06 -33.59
CA LYS A 657 3.22 -52.23 -33.13
C LYS A 657 3.54 -53.72 -32.97
N GLY A 658 3.58 -54.40 -34.12
CA GLY A 658 3.60 -55.85 -34.22
C GLY A 658 4.42 -56.59 -33.17
N ARG A 659 3.74 -57.47 -32.43
CA ARG A 659 4.40 -58.22 -31.34
C ARG A 659 3.72 -59.59 -31.20
N PRO A 660 4.48 -60.71 -31.24
CA PRO A 660 3.88 -62.04 -31.17
C PRO A 660 3.21 -62.32 -29.82
N LEU A 661 2.36 -63.35 -29.78
CA LEU A 661 1.70 -63.72 -28.50
C LEU A 661 2.78 -64.14 -27.49
N ASN A 662 2.59 -63.79 -26.22
CA ASN A 662 3.59 -64.08 -25.19
C ASN A 662 3.16 -65.25 -24.30
N LYS A 663 1.85 -65.50 -24.21
CA LYS A 663 1.25 -66.60 -23.46
C LYS A 663 1.29 -66.37 -21.95
N LYS A 664 1.95 -65.30 -21.51
CA LYS A 664 1.87 -64.92 -20.09
C LYS A 664 1.02 -63.68 -19.88
N TRP A 665 0.40 -63.14 -20.93
CA TRP A 665 -0.35 -61.90 -20.82
C TRP A 665 -1.54 -62.04 -19.88
N ALA A 666 -2.49 -62.89 -20.23
CA ALA A 666 -3.68 -63.15 -19.42
C ALA A 666 -4.37 -64.39 -19.98
N PRO A 667 -5.06 -65.15 -19.13
CA PRO A 667 -5.73 -66.37 -19.59
C PRO A 667 -6.95 -66.11 -20.47
N ASP A 668 -7.26 -64.86 -20.79
CA ASP A 668 -8.39 -64.53 -21.65
C ASP A 668 -8.01 -63.75 -22.90
N VAL A 669 -6.97 -62.90 -22.84
CA VAL A 669 -6.57 -62.14 -24.02
C VAL A 669 -5.95 -63.06 -25.05
N VAL A 670 -5.11 -64.00 -24.63
CA VAL A 670 -4.50 -64.93 -25.58
C VAL A 670 -5.49 -66.00 -25.99
N LYS A 671 -6.48 -66.29 -25.14
CA LYS A 671 -7.51 -67.26 -25.50
C LYS A 671 -8.49 -66.70 -26.53
N ASP A 672 -8.59 -65.37 -26.65
CA ASP A 672 -9.52 -64.74 -27.57
C ASP A 672 -8.85 -64.16 -28.81
N ILE A 673 -7.57 -63.78 -28.73
CA ILE A 673 -6.86 -63.31 -29.91
C ILE A 673 -6.75 -64.41 -30.95
N GLN A 674 -6.54 -65.66 -30.51
CA GLN A 674 -6.37 -66.76 -31.44
C GLN A 674 -7.63 -67.01 -32.26
N GLU A 675 -8.81 -66.79 -31.66
CA GLU A 675 -10.05 -67.05 -32.37
C GLU A 675 -10.42 -65.88 -33.28
N GLY A 676 -10.58 -64.70 -32.70
CA GLY A 676 -10.94 -63.53 -33.48
C GLY A 676 -11.36 -62.40 -32.57
N ASN A 677 -11.75 -61.29 -33.20
CA ASN A 677 -12.20 -60.13 -32.43
C ASN A 677 -13.46 -60.46 -31.62
N GLU A 678 -14.42 -61.12 -32.26
CA GLU A 678 -15.67 -61.54 -31.61
C GLU A 678 -16.31 -60.34 -30.92
N ASP A 679 -17.03 -60.59 -29.82
CA ASP A 679 -17.59 -59.53 -29.02
C ASP A 679 -16.74 -59.20 -27.80
N ASN A 680 -15.92 -60.14 -27.33
CA ASN A 680 -15.12 -59.92 -26.14
C ASN A 680 -14.14 -58.77 -26.33
N ILE A 681 -13.43 -58.75 -27.46
CA ILE A 681 -12.52 -57.65 -27.74
C ILE A 681 -13.30 -56.34 -27.82
N ARG A 682 -14.41 -56.35 -28.55
CA ARG A 682 -15.21 -55.14 -28.72
C ARG A 682 -15.78 -54.67 -27.39
N LYS A 683 -16.31 -55.60 -26.60
CA LYS A 683 -16.88 -55.22 -25.30
C LYS A 683 -15.81 -54.64 -24.38
N ASN A 684 -14.65 -55.30 -24.29
CA ASN A 684 -13.59 -54.83 -23.42
C ASN A 684 -12.95 -53.54 -23.90
N ILE A 685 -12.99 -53.25 -25.20
CA ILE A 685 -12.43 -51.98 -25.67
C ILE A 685 -13.46 -50.85 -25.62
N PHE A 686 -14.75 -51.17 -25.66
CA PHE A 686 -15.77 -50.14 -25.48
C PHE A 686 -15.92 -49.77 -24.01
N ARG A 687 -15.80 -50.74 -23.10
CA ARG A 687 -15.89 -50.45 -21.68
C ARG A 687 -14.77 -49.53 -21.24
N PHE A 688 -13.54 -49.80 -21.69
CA PHE A 688 -12.42 -48.95 -21.32
C PHE A 688 -12.55 -47.55 -21.92
N LEU A 689 -13.06 -47.45 -23.15
CA LEU A 689 -13.27 -46.18 -23.82
C LEU A 689 -14.73 -45.76 -23.74
N LYS A 690 -15.34 -45.97 -22.57
CA LYS A 690 -16.75 -45.65 -22.38
C LYS A 690 -17.05 -44.16 -22.51
N ASP A 691 -16.07 -43.29 -22.31
CA ASP A 691 -16.34 -41.85 -22.28
C ASP A 691 -16.25 -41.24 -23.67
N HIS A 692 -15.09 -41.31 -24.31
CA HIS A 692 -14.92 -40.71 -25.63
C HIS A 692 -15.84 -41.40 -26.63
N ILE A 693 -15.53 -42.66 -26.93
CA ILE A 693 -16.29 -43.59 -27.78
C ILE A 693 -16.86 -42.91 -29.04
N LYS A 694 -17.70 -43.62 -29.78
CA LYS A 694 -18.54 -43.07 -30.82
C LYS A 694 -19.50 -44.15 -31.29
N GLU A 695 -20.78 -43.81 -31.48
CA GLU A 695 -21.76 -44.80 -31.92
C GLU A 695 -21.40 -45.35 -33.30
N GLU A 696 -21.04 -44.46 -34.24
CA GLU A 696 -20.72 -44.89 -35.59
C GLU A 696 -19.47 -45.76 -35.63
N ASP A 697 -18.68 -45.81 -34.56
CA ASP A 697 -17.54 -46.71 -34.49
C ASP A 697 -17.93 -48.12 -34.09
N LYS A 698 -19.23 -48.44 -34.01
CA LYS A 698 -19.63 -49.79 -33.65
C LYS A 698 -19.34 -50.80 -34.75
N ASN A 699 -19.14 -50.36 -35.99
CA ASN A 699 -18.91 -51.25 -37.12
C ASN A 699 -17.72 -50.77 -37.93
N LEU A 700 -16.57 -51.38 -37.70
CA LEU A 700 -15.31 -51.03 -38.36
C LEU A 700 -14.23 -52.02 -37.94
N GLU A 701 -13.10 -51.96 -38.63
CA GLU A 701 -12.04 -52.95 -38.48
C GLU A 701 -11.30 -52.78 -37.16
N ILE A 702 -10.67 -53.87 -36.71
CA ILE A 702 -10.03 -53.87 -35.39
C ILE A 702 -8.87 -52.88 -35.32
N LYS A 703 -8.10 -52.75 -36.41
CA LYS A 703 -7.01 -51.79 -36.41
C LYS A 703 -7.46 -50.39 -36.81
N ASP A 704 -8.56 -49.92 -36.25
CA ASP A 704 -8.96 -48.52 -36.39
C ASP A 704 -9.16 -47.91 -35.01
N LEU A 705 -9.85 -48.64 -34.13
CA LEU A 705 -10.04 -48.16 -32.75
C LEU A 705 -8.84 -48.47 -31.87
N LEU A 706 -7.64 -48.24 -32.37
CA LEU A 706 -6.41 -48.32 -31.58
C LEU A 706 -5.43 -47.19 -31.87
N ILE A 707 -5.59 -46.47 -32.97
CA ILE A 707 -4.68 -45.41 -33.37
C ILE A 707 -5.32 -44.04 -33.19
N LYS A 708 -6.59 -43.91 -33.54
CA LYS A 708 -7.30 -42.65 -33.31
C LYS A 708 -7.37 -42.31 -31.83
N TYR A 709 -7.55 -43.32 -30.98
CA TYR A 709 -7.60 -43.13 -29.53
C TYR A 709 -6.26 -43.38 -28.85
N ALA A 710 -5.21 -43.67 -29.63
CA ALA A 710 -3.92 -44.01 -29.03
C ALA A 710 -3.39 -42.88 -28.16
N GLU A 711 -3.66 -41.64 -28.54
CA GLU A 711 -3.24 -40.51 -27.73
C GLU A 711 -3.97 -40.44 -26.39
N GLU A 712 -5.20 -40.95 -26.32
CA GLU A 712 -5.95 -40.99 -25.08
C GLU A 712 -6.10 -42.38 -24.47
N ILE A 713 -5.54 -43.41 -25.10
CA ILE A 713 -5.39 -44.69 -24.41
C ILE A 713 -4.41 -44.53 -23.25
N SER A 714 -3.37 -43.73 -23.45
CA SER A 714 -2.40 -43.42 -22.40
C SER A 714 -2.90 -42.39 -21.41
N SER A 715 -4.11 -41.88 -21.59
CA SER A 715 -4.72 -40.92 -20.68
C SER A 715 -5.62 -41.56 -19.64
N ILE A 716 -6.41 -42.56 -20.03
CA ILE A 716 -7.25 -43.28 -19.09
C ILE A 716 -6.57 -44.57 -18.60
N SER A 717 -5.27 -44.71 -18.85
CA SER A 717 -4.49 -45.83 -18.33
C SER A 717 -3.23 -45.34 -17.64
N LYS A 718 -3.23 -44.11 -17.14
CA LYS A 718 -2.09 -43.51 -16.46
C LYS A 718 -2.26 -43.47 -14.95
N HIS A 719 -3.47 -43.77 -14.45
CA HIS A 719 -3.87 -43.71 -13.04
C HIS A 719 -3.59 -42.33 -12.44
N GLU A 720 -3.87 -42.17 -11.15
CA GLU A 720 -3.86 -40.87 -10.51
C GLU A 720 -2.76 -40.83 -9.45
N LYS A 721 -1.99 -39.74 -9.43
CA LYS A 721 -1.00 -39.53 -8.39
C LYS A 721 -1.69 -39.41 -7.04
N GLU A 722 -0.89 -39.41 -5.96
CA GLU A 722 -1.35 -39.56 -4.58
C GLU A 722 -2.28 -40.77 -4.47
N THR A 723 -1.77 -41.93 -4.83
CA THR A 723 -2.56 -43.16 -4.82
C THR A 723 -3.03 -43.51 -3.42
N ASP A 724 -2.35 -42.99 -2.40
CA ASP A 724 -2.64 -43.31 -1.01
C ASP A 724 -4.08 -43.00 -0.63
N VAL A 725 -4.69 -42.01 -1.27
CA VAL A 725 -6.03 -41.58 -0.95
C VAL A 725 -7.06 -42.09 -1.94
N PHE A 726 -6.62 -42.45 -3.15
CA PHE A 726 -7.56 -42.87 -4.21
C PHE A 726 -7.48 -44.37 -4.47
N GLY A 727 -6.27 -44.89 -4.66
CA GLY A 727 -6.13 -46.32 -4.83
C GLY A 727 -5.58 -46.81 -6.15
N PHE A 728 -4.66 -46.06 -6.76
CA PHE A 728 -3.94 -46.47 -7.97
C PHE A 728 -4.85 -46.52 -9.19
N TYR A 729 -5.97 -45.81 -9.15
CA TYR A 729 -6.88 -45.72 -10.29
C TYR A 729 -6.71 -44.37 -10.98
N ASN A 730 -7.35 -44.27 -12.16
CA ASN A 730 -7.25 -43.05 -13.01
C ASN A 730 -8.39 -42.11 -12.68
N ALA A 731 -9.22 -42.47 -11.72
CA ALA A 731 -10.27 -41.54 -11.24
C ALA A 731 -11.39 -41.39 -12.27
N TRP A 732 -11.23 -40.46 -13.21
CA TRP A 732 -12.36 -40.16 -14.14
C TRP A 732 -13.15 -41.42 -14.44
N TRP A 733 -12.49 -42.48 -14.90
CA TRP A 733 -13.28 -43.65 -15.27
C TRP A 733 -14.04 -44.10 -14.03
N VAL A 734 -13.29 -44.54 -13.02
CA VAL A 734 -13.94 -45.04 -11.78
C VAL A 734 -15.04 -44.06 -11.42
N PHE A 735 -14.65 -42.82 -11.18
CA PHE A 735 -15.66 -41.82 -10.74
C PHE A 735 -16.84 -41.99 -11.62
N GLY A 736 -16.65 -41.85 -12.91
CA GLY A 736 -17.78 -41.93 -13.83
C GLY A 736 -18.84 -42.85 -13.29
N GLU A 737 -18.56 -44.14 -13.19
CA GLU A 737 -19.66 -45.06 -12.79
C GLU A 737 -20.01 -44.79 -11.34
N VAL A 738 -19.02 -44.53 -10.48
CA VAL A 738 -19.37 -44.38 -9.04
C VAL A 738 -20.59 -43.49 -9.02
N ALA A 739 -20.46 -42.34 -9.67
CA ALA A 739 -21.58 -41.40 -9.63
C ALA A 739 -22.77 -42.06 -10.29
N LYS A 740 -22.58 -42.65 -11.45
CA LYS A 740 -23.77 -43.16 -12.15
C LYS A 740 -24.62 -44.07 -11.24
N GLU A 741 -24.09 -44.62 -10.17
CA GLU A 741 -24.92 -45.55 -9.38
C GLU A 741 -25.63 -44.78 -8.26
N LEU A 742 -25.11 -43.60 -7.92
CA LEU A 742 -25.78 -42.77 -6.93
C LEU A 742 -25.89 -41.35 -7.48
N ASP A 743 -27.12 -40.87 -7.64
CA ASP A 743 -27.39 -39.64 -8.36
C ASP A 743 -27.98 -38.60 -7.40
N TYR A 744 -27.39 -37.41 -7.39
CA TYR A 744 -27.89 -36.30 -6.59
C TYR A 744 -28.47 -35.23 -7.50
N PRO A 745 -29.77 -34.99 -7.48
CA PRO A 745 -30.34 -33.88 -8.27
C PRO A 745 -30.15 -32.54 -7.55
N ILE A 746 -28.93 -32.02 -7.61
CA ILE A 746 -28.58 -30.83 -6.85
C ILE A 746 -29.08 -29.58 -7.58
N PHE A 747 -29.04 -28.45 -6.88
CA PHE A 747 -29.53 -27.17 -7.40
C PHE A 747 -28.36 -26.26 -7.72
N MET A 748 -28.49 -25.51 -8.81
CA MET A 748 -27.47 -24.55 -9.22
C MET A 748 -28.14 -23.23 -9.58
N ALA A 749 -27.39 -22.14 -9.41
CA ALA A 749 -27.93 -20.81 -9.69
C ALA A 749 -26.79 -19.85 -9.97
N GLU A 750 -27.14 -18.70 -10.53
CA GLU A 750 -26.19 -17.64 -10.79
C GLU A 750 -26.81 -16.30 -10.44
N ALA A 751 -26.05 -15.46 -9.74
CA ALA A 751 -26.42 -14.08 -9.48
C ALA A 751 -25.60 -13.18 -10.38
N GLU A 752 -26.25 -12.17 -10.96
CA GLU A 752 -25.53 -11.15 -11.73
C GLU A 752 -25.46 -9.82 -11.01
N ASN A 753 -26.41 -9.52 -10.13
CA ASN A 753 -26.36 -8.33 -9.28
C ASN A 753 -26.59 -8.74 -7.83
N VAL A 754 -25.57 -8.54 -7.00
CA VAL A 754 -25.67 -8.93 -5.60
C VAL A 754 -26.63 -8.02 -4.84
N GLY A 755 -26.61 -6.72 -5.13
CA GLY A 755 -27.47 -5.79 -4.43
C GLY A 755 -26.75 -4.58 -3.89
N TYR A 756 -25.47 -4.43 -4.23
CA TYR A 756 -24.70 -3.26 -3.84
C TYR A 756 -23.66 -3.00 -4.92
N LYS A 757 -22.95 -1.88 -4.77
CA LYS A 757 -21.84 -1.55 -5.66
C LYS A 757 -20.86 -0.72 -4.84
N ARG A 758 -19.84 -1.38 -4.29
CA ARG A 758 -18.91 -0.69 -3.42
C ARG A 758 -17.84 0.04 -4.24
N THR A 759 -17.27 1.08 -3.61
CA THR A 759 -16.19 1.89 -4.24
C THR A 759 -15.55 2.72 -3.13
N LYS A 760 -14.36 3.27 -3.36
CA LYS A 760 -13.67 4.02 -2.32
C LYS A 760 -14.39 5.33 -2.02
N LYS A 761 -15.66 5.42 -2.45
CA LYS A 761 -16.48 6.59 -2.14
C LYS A 761 -17.84 6.21 -1.57
N GLY A 762 -17.99 5.02 -1.00
CA GLY A 762 -19.27 4.61 -0.43
C GLY A 762 -20.03 3.65 -1.32
N GLU A 763 -20.98 2.95 -0.71
CA GLU A 763 -21.75 1.93 -1.42
C GLU A 763 -22.67 2.54 -2.48
N LYS A 764 -23.33 1.69 -3.25
CA LYS A 764 -24.25 2.12 -4.31
C LYS A 764 -25.29 1.03 -4.55
N PRO A 765 -26.57 1.33 -4.37
CA PRO A 765 -27.60 0.30 -4.53
C PRO A 765 -27.62 -0.27 -5.94
N MET A 766 -27.92 -1.57 -6.02
CA MET A 766 -28.12 -2.30 -7.27
C MET A 766 -29.26 -3.28 -7.08
N PRO A 767 -29.88 -3.79 -8.16
CA PRO A 767 -30.91 -4.82 -8.01
C PRO A 767 -30.45 -6.00 -7.18
N ASN A 768 -31.39 -6.67 -6.53
CA ASN A 768 -31.11 -7.75 -5.60
C ASN A 768 -31.48 -9.08 -6.26
N ASP A 769 -30.46 -9.86 -6.61
CA ASP A 769 -30.70 -11.15 -7.26
C ASP A 769 -30.77 -12.30 -6.26
N LEU A 770 -30.11 -12.17 -5.10
CA LEU A 770 -30.08 -13.24 -4.12
C LEU A 770 -31.40 -13.30 -3.35
N TYR A 771 -31.75 -12.22 -2.67
CA TYR A 771 -32.94 -12.17 -1.82
C TYR A 771 -33.63 -10.84 -2.06
N ASP A 772 -34.59 -10.53 -1.20
CA ASP A 772 -35.28 -9.24 -1.25
C ASP A 772 -35.84 -8.92 0.13
N LEU A 773 -35.67 -7.67 0.55
CA LEU A 773 -36.19 -7.25 1.85
C LEU A 773 -37.71 -7.10 1.79
N GLU A 774 -38.37 -7.50 2.87
CA GLU A 774 -39.83 -7.41 2.93
C GLU A 774 -40.29 -5.96 2.89
N TYR A 775 -39.62 -5.07 3.62
CA TYR A 775 -39.89 -3.65 3.74
C TYR A 775 -41.19 -3.37 4.49
N ALA A 776 -41.95 -4.39 4.86
CA ALA A 776 -43.13 -4.24 5.71
C ALA A 776 -42.83 -4.90 7.04
N PRO A 777 -42.72 -4.14 8.14
CA PRO A 777 -42.29 -4.75 9.41
C PRO A 777 -43.17 -5.91 9.85
N SER A 778 -44.47 -5.83 9.65
CA SER A 778 -45.45 -6.84 10.06
C SER A 778 -45.42 -7.10 11.56
N THR A 779 -44.68 -6.30 12.32
CA THR A 779 -44.65 -6.40 13.78
C THR A 779 -44.82 -5.04 14.43
N LEU A 780 -44.98 -3.98 13.63
CA LEU A 780 -45.20 -2.64 14.16
C LEU A 780 -46.55 -2.57 14.85
N ASP A 781 -46.62 -1.81 15.94
CA ASP A 781 -47.82 -1.76 16.75
C ASP A 781 -49.00 -1.21 15.96
N CYS A 782 -48.94 0.08 15.60
CA CYS A 782 -49.95 0.88 14.91
C CYS A 782 -49.97 2.27 15.53
N GLU A 783 -50.58 2.39 16.72
CA GLU A 783 -50.67 3.68 17.40
C GLU A 783 -49.31 4.25 17.76
N LYS A 784 -48.27 3.41 17.82
CA LYS A 784 -46.94 3.90 18.12
C LYS A 784 -46.46 4.89 17.07
N VAL A 785 -46.74 4.61 15.80
CA VAL A 785 -46.41 5.53 14.72
C VAL A 785 -47.48 6.59 14.55
N LEU A 786 -48.74 6.27 14.87
CA LEU A 786 -49.78 7.29 14.87
C LEU A 786 -49.50 8.39 15.88
N SER A 787 -48.74 8.10 16.93
CA SER A 787 -48.32 9.15 17.86
C SER A 787 -47.44 10.17 17.15
N SER A 788 -46.45 9.71 16.40
CA SER A 788 -45.63 10.63 15.62
C SER A 788 -46.47 11.33 14.55
N PHE A 789 -47.44 10.62 13.98
CA PHE A 789 -48.30 11.21 12.97
C PHE A 789 -49.09 12.38 13.52
N ASP A 790 -49.70 12.21 14.71
CA ASP A 790 -50.49 13.29 15.27
C ASP A 790 -49.60 14.37 15.87
N ILE A 791 -48.38 14.03 16.29
CA ILE A 791 -47.42 15.05 16.70
C ILE A 791 -47.05 15.93 15.51
N GLU A 792 -46.97 15.33 14.32
CA GLU A 792 -46.65 16.10 13.12
C GLU A 792 -47.64 17.24 12.89
N ILE A 793 -48.92 17.01 13.16
CA ILE A 793 -49.90 18.09 13.02
C ILE A 793 -49.99 18.94 14.29
N ASN A 794 -49.74 18.35 15.46
CA ASN A 794 -49.80 19.12 16.70
C ASN A 794 -48.73 20.20 16.74
N ALA A 795 -47.50 19.87 16.31
CA ALA A 795 -46.44 20.87 16.30
C ALA A 795 -46.74 21.99 15.32
N LEU A 796 -47.26 21.65 14.14
CA LEU A 796 -47.58 22.68 13.15
C LEU A 796 -48.72 23.58 13.61
N GLU A 797 -49.76 22.99 14.23
CA GLU A 797 -50.85 23.82 14.74
C GLU A 797 -50.40 24.63 15.96
N ALA A 798 -49.46 24.11 16.74
CA ALA A 798 -48.89 24.89 17.83
C ALA A 798 -48.12 26.08 17.30
N SER A 799 -47.36 25.89 16.21
CA SER A 799 -46.69 27.01 15.56
C SER A 799 -47.70 28.02 15.01
N LYS A 800 -48.79 27.52 14.43
CA LYS A 800 -49.85 28.41 13.94
C LYS A 800 -50.43 29.25 15.07
N THR A 801 -50.71 28.63 16.21
CA THR A 801 -51.21 29.37 17.36
C THR A 801 -50.16 30.36 17.89
N LYS A 802 -48.90 29.93 17.95
CA LYS A 802 -47.83 30.76 18.49
C LYS A 802 -47.46 31.91 17.56
N LEU A 803 -47.92 31.87 16.31
CA LEU A 803 -47.80 33.06 15.46
C LEU A 803 -49.09 33.88 15.46
N SER A 804 -50.25 33.23 15.54
CA SER A 804 -51.51 33.96 15.53
C SER A 804 -51.78 34.70 16.83
N VAL A 805 -51.11 34.33 17.93
CA VAL A 805 -51.28 35.06 19.18
C VAL A 805 -50.80 36.50 19.03
N GLU A 806 -49.61 36.68 18.47
CA GLU A 806 -49.09 38.02 18.21
C GLU A 806 -49.56 38.58 16.87
N LYS A 807 -50.16 37.76 16.00
CA LYS A 807 -50.82 38.30 14.83
C LYS A 807 -51.86 39.33 15.21
N GLY A 808 -52.70 39.00 16.21
CA GLY A 808 -53.62 40.00 16.73
C GLY A 808 -52.92 41.11 17.48
N LEU A 809 -51.72 40.84 18.01
CA LEU A 809 -50.97 41.88 18.69
C LEU A 809 -50.55 42.99 17.74
N LEU A 810 -50.06 42.65 16.55
CA LEU A 810 -49.64 43.70 15.63
C LEU A 810 -50.74 44.16 14.69
N GLU A 811 -51.70 43.30 14.35
CA GLU A 811 -52.80 43.70 13.48
C GLU A 811 -53.67 44.77 14.16
N GLU A 812 -53.97 44.58 15.44
CA GLU A 812 -54.75 45.57 16.17
C GLU A 812 -53.93 46.81 16.50
N LYS A 813 -52.60 46.73 16.41
CA LYS A 813 -51.79 47.95 16.54
C LYS A 813 -51.95 48.84 15.31
N LEU A 814 -52.29 48.27 14.15
CA LEU A 814 -52.56 49.08 12.97
C LEU A 814 -53.77 49.97 13.16
N LYS A 815 -54.62 49.67 14.16
CA LYS A 815 -55.79 50.50 14.41
C LYS A 815 -55.40 51.91 14.82
N ASP A 816 -54.52 52.05 15.81
CA ASP A 816 -54.12 53.37 16.32
C ASP A 816 -52.70 53.28 16.86
N LYS A 817 -51.73 53.64 16.02
CA LYS A 817 -50.34 53.77 16.44
C LYS A 817 -49.68 54.85 15.59
N GLU A 818 -48.39 55.07 15.82
CA GLU A 818 -47.64 56.04 15.05
C GLU A 818 -47.47 55.57 13.62
N ASP A 819 -47.34 56.54 12.70
CA ASP A 819 -47.20 56.20 11.27
C ASP A 819 -45.92 55.41 11.02
N LYS A 820 -44.81 55.83 11.62
CA LYS A 820 -43.57 55.08 11.48
C LYS A 820 -43.66 53.72 12.17
N GLU A 821 -44.38 53.64 13.29
CA GLU A 821 -44.61 52.35 13.93
C GLU A 821 -45.38 51.41 13.00
N ASN A 822 -46.43 51.92 12.35
CA ASN A 822 -47.17 51.10 11.41
C ASN A 822 -46.31 50.68 10.22
N GLU A 823 -45.46 51.60 9.74
CA GLU A 823 -44.55 51.26 8.65
C GLU A 823 -43.60 50.13 9.03
N LYS A 824 -43.06 50.19 10.25
CA LYS A 824 -42.23 49.09 10.74
C LYS A 824 -43.03 47.81 10.86
N ILE A 825 -44.29 47.91 11.31
CA ILE A 825 -45.12 46.72 11.50
C ILE A 825 -45.45 46.04 10.18
N GLN A 826 -45.56 46.82 9.09
CA GLN A 826 -45.96 46.27 7.80
C GLN A 826 -45.09 45.09 7.36
N LYS A 827 -43.79 45.12 7.68
CA LYS A 827 -42.91 44.02 7.28
C LYS A 827 -43.31 42.71 7.94
N ARG A 828 -43.49 42.74 9.26
CA ARG A 828 -43.97 41.55 9.96
C ARG A 828 -45.37 41.18 9.49
N LEU A 829 -46.19 42.17 9.15
CA LEU A 829 -47.53 41.90 8.65
C LEU A 829 -47.49 41.07 7.38
N ASN A 830 -46.68 41.49 6.40
CA ASN A 830 -46.65 40.77 5.12
C ASN A 830 -45.94 39.43 5.26
N LYS A 831 -44.94 39.36 6.13
CA LYS A 831 -44.27 38.08 6.38
C LYS A 831 -45.24 37.07 6.99
N ILE A 832 -46.01 37.49 7.98
CA ILE A 832 -46.98 36.59 8.60
C ILE A 832 -48.12 36.28 7.64
N SER A 833 -48.45 37.22 6.75
CA SER A 833 -49.47 36.95 5.74
C SER A 833 -49.02 35.84 4.79
N GLU A 834 -47.75 35.89 4.37
CA GLU A 834 -47.21 34.81 3.55
C GLU A 834 -47.18 33.50 4.33
N LEU A 835 -46.77 33.56 5.61
CA LEU A 835 -46.72 32.36 6.43
C LEU A 835 -48.09 31.73 6.61
N LEU A 836 -49.15 32.54 6.61
CA LEU A 836 -50.51 32.01 6.71
C LEU A 836 -50.72 30.90 5.67
N GLU A 837 -50.60 31.24 4.39
CA GLU A 837 -50.74 30.24 3.34
C GLU A 837 -49.64 29.19 3.42
N THR A 838 -48.40 29.62 3.71
CA THR A 838 -47.27 28.70 3.70
C THR A 838 -47.49 27.52 4.64
N ILE A 839 -48.04 27.76 5.81
CA ILE A 839 -48.32 26.69 6.76
C ILE A 839 -49.73 26.12 6.62
N GLU A 840 -50.69 26.88 6.08
CA GLU A 840 -52.03 26.33 5.87
C GLU A 840 -52.02 25.24 4.81
N ASN A 841 -51.35 25.50 3.67
CA ASN A 841 -51.21 24.46 2.66
C ASN A 841 -50.42 23.28 3.18
N GLN A 842 -49.42 23.54 4.03
CA GLN A 842 -48.68 22.45 4.66
C GLN A 842 -49.59 21.58 5.52
N LEU A 843 -50.47 22.22 6.29
CA LEU A 843 -51.42 21.46 7.11
C LEU A 843 -52.36 20.63 6.24
N ASP A 844 -52.85 21.22 5.14
CA ASP A 844 -53.75 20.49 4.25
C ASP A 844 -53.04 19.26 3.66
N SER A 845 -51.82 19.45 3.16
CA SER A 845 -51.08 18.32 2.59
C SER A 845 -50.77 17.28 3.65
N ILE A 846 -50.40 17.71 4.85
CA ILE A 846 -50.05 16.77 5.91
C ILE A 846 -51.26 15.95 6.33
N ARG A 847 -52.42 16.60 6.46
CA ARG A 847 -53.63 15.86 6.82
C ARG A 847 -54.08 14.93 5.70
N SER A 848 -53.84 15.31 4.44
CA SER A 848 -54.10 14.37 3.35
C SER A 848 -53.20 13.14 3.46
N LYS A 849 -51.91 13.36 3.73
CA LYS A 849 -50.99 12.24 3.95
C LYS A 849 -51.43 11.39 5.13
N LYS A 850 -51.91 12.03 6.20
CA LYS A 850 -52.45 11.29 7.33
C LYS A 850 -53.59 10.39 6.89
N LEU A 851 -54.68 10.99 6.37
CA LEU A 851 -55.83 10.19 5.99
C LEU A 851 -55.43 9.05 5.05
N GLU A 852 -54.45 9.28 4.17
CA GLU A 852 -53.96 8.20 3.32
C GLU A 852 -53.32 7.08 4.14
N VAL A 853 -52.45 7.43 5.08
CA VAL A 853 -51.73 6.39 5.82
C VAL A 853 -52.66 5.67 6.80
N GLU A 854 -53.62 6.38 7.38
CA GLU A 854 -54.63 5.73 8.22
C GLU A 854 -55.62 4.92 7.41
N GLY A 855 -55.78 5.21 6.11
CA GLY A 855 -56.55 4.33 5.26
C GLY A 855 -55.82 3.11 4.78
N ILE A 856 -54.50 3.17 4.61
CA ILE A 856 -53.72 1.99 4.23
C ILE A 856 -53.49 1.06 5.40
N LEU A 857 -53.51 1.59 6.63
CA LEU A 857 -53.54 0.73 7.81
C LEU A 857 -54.92 0.15 8.06
N GLU A 858 -55.95 0.65 7.38
CA GLU A 858 -57.27 0.02 7.34
C GLU A 858 -57.44 -0.87 6.12
N LYS A 859 -56.37 -1.54 5.71
CA LYS A 859 -56.30 -2.29 4.46
C LYS A 859 -55.39 -3.47 4.80
N TYR A 860 -54.69 -4.05 3.82
CA TYR A 860 -53.92 -5.29 3.99
C TYR A 860 -53.30 -5.46 5.37
N TYR A 861 -52.67 -4.41 5.91
CA TYR A 861 -52.20 -4.49 7.28
C TYR A 861 -53.42 -4.56 8.20
N GLU A 862 -53.72 -5.75 8.73
CA GLU A 862 -55.03 -6.00 9.32
C GLU A 862 -55.13 -5.46 10.74
N ASN A 863 -54.34 -6.01 11.66
CA ASN A 863 -54.37 -5.57 13.06
C ASN A 863 -53.06 -5.94 13.75
N ASN A 864 -52.17 -4.96 13.89
CA ASN A 864 -50.90 -5.06 14.58
C ASN A 864 -49.92 -6.01 13.90
N LYS A 865 -50.33 -6.68 12.83
CA LYS A 865 -49.52 -7.71 12.17
C LYS A 865 -49.77 -7.63 10.68
N LEU A 866 -49.31 -8.66 9.96
CA LEU A 866 -49.57 -8.77 8.53
C LEU A 866 -50.95 -9.40 8.32
N LYS A 867 -51.26 -9.78 7.08
CA LYS A 867 -52.51 -10.44 6.74
C LYS A 867 -52.20 -11.77 6.08
N GLU A 868 -52.90 -12.82 6.51
CA GLU A 868 -52.63 -14.16 6.00
C GLU A 868 -53.05 -14.34 4.55
N GLU A 869 -53.91 -13.46 4.03
CA GLU A 869 -54.37 -13.60 2.65
C GLU A 869 -53.20 -13.46 1.68
N TYR A 870 -52.32 -12.49 1.91
CA TYR A 870 -51.14 -12.32 1.07
C TYR A 870 -49.88 -12.92 1.67
N SER A 871 -49.71 -12.84 2.99
CA SER A 871 -48.55 -13.36 3.69
C SER A 871 -47.25 -12.85 3.05
N GLU A 872 -46.74 -13.60 2.07
CA GLU A 872 -45.56 -13.15 1.34
C GLU A 872 -45.92 -11.93 0.49
N ARG A 873 -44.97 -11.01 0.37
CA ARG A 873 -45.22 -9.74 -0.29
C ARG A 873 -45.01 -9.84 -1.80
N ASP A 874 -45.69 -10.79 -2.45
CA ASP A 874 -45.64 -10.91 -3.90
C ASP A 874 -46.77 -10.13 -4.57
N ASP A 875 -46.95 -8.87 -4.16
CA ASP A 875 -47.96 -8.04 -4.79
C ASP A 875 -47.53 -6.59 -4.95
N GLU A 876 -46.22 -6.31 -4.93
CA GLU A 876 -45.62 -4.96 -4.89
C GLU A 876 -46.34 -4.02 -3.94
N GLU A 877 -47.65 -3.83 -4.11
CA GLU A 877 -48.49 -3.09 -3.17
C GLU A 877 -47.97 -1.68 -2.94
N LEU A 878 -47.52 -1.40 -1.72
CA LEU A 878 -47.01 -0.09 -1.32
C LEU A 878 -45.65 -0.22 -0.67
N ILE A 879 -44.81 -1.11 -1.20
CA ILE A 879 -43.46 -1.27 -0.67
C ILE A 879 -42.67 0.02 -0.84
N ASN A 880 -42.84 0.69 -1.98
CA ASN A 880 -42.18 1.97 -2.19
C ASN A 880 -42.64 3.02 -1.19
N HIS A 881 -43.90 2.93 -0.73
CA HIS A 881 -44.38 3.86 0.29
C HIS A 881 -43.73 3.62 1.64
N PHE A 882 -43.05 2.49 1.82
CA PHE A 882 -42.24 2.26 3.01
C PHE A 882 -40.83 2.83 2.87
N LYS A 883 -40.53 3.46 1.74
CA LYS A 883 -39.25 4.15 1.57
C LYS A 883 -39.40 5.53 0.93
N HIS A 884 -40.62 5.96 0.63
CA HIS A 884 -40.81 7.28 0.03
C HIS A 884 -40.67 8.40 1.04
N GLY A 885 -41.06 8.16 2.28
CA GLY A 885 -40.99 9.18 3.31
C GLY A 885 -41.71 8.74 4.56
N VAL A 886 -41.46 9.48 5.64
CA VAL A 886 -41.93 9.21 7.00
C VAL A 886 -41.93 7.71 7.33
N LEU A 887 -42.72 6.92 6.61
CA LEU A 887 -42.68 5.46 6.77
C LEU A 887 -41.32 4.91 6.38
N TYR A 888 -40.52 5.69 5.65
CA TYR A 888 -39.14 5.28 5.36
C TYR A 888 -38.34 5.11 6.65
N GLN A 889 -38.69 5.85 7.71
CA GLN A 889 -38.03 5.64 8.99
C GLN A 889 -38.51 4.39 9.71
N TYR A 890 -39.62 3.79 9.26
CA TYR A 890 -40.15 2.58 9.87
C TYR A 890 -40.19 1.43 8.88
N ARG A 891 -39.23 1.39 7.96
CA ARG A 891 -39.15 0.30 7.00
C ARG A 891 -38.61 -0.96 7.69
N SER A 892 -38.77 -2.09 7.01
CA SER A 892 -38.29 -3.38 7.51
C SER A 892 -37.04 -3.76 6.73
N GLU A 893 -35.87 -3.59 7.36
CA GLU A 893 -34.61 -3.98 6.76
C GLU A 893 -34.26 -5.43 7.08
N ASP A 894 -35.21 -6.32 6.82
CA ASP A 894 -35.05 -7.75 7.09
C ASP A 894 -35.31 -8.53 5.82
N ILE A 895 -34.60 -9.64 5.66
CA ILE A 895 -34.74 -10.47 4.47
C ILE A 895 -36.07 -11.22 4.53
N LEU A 896 -36.88 -11.04 3.49
CA LEU A 896 -38.16 -11.75 3.41
C LEU A 896 -37.92 -13.20 3.03
N LEU A 897 -38.56 -14.10 3.76
CA LEU A 897 -38.45 -15.54 3.51
C LEU A 897 -39.78 -16.04 2.96
N ARG A 898 -39.77 -16.47 1.70
CA ARG A 898 -40.97 -16.92 1.02
C ARG A 898 -41.05 -18.45 1.03
N ASN A 899 -42.27 -18.96 0.83
CA ASN A 899 -42.47 -20.40 0.80
C ASN A 899 -43.43 -20.85 -0.30
N LYS A 900 -43.93 -19.94 -1.14
CA LYS A 900 -44.85 -20.29 -2.22
C LYS A 900 -44.41 -19.80 -3.59
N THR A 901 -43.72 -18.66 -3.67
CA THR A 901 -43.18 -18.16 -4.93
C THR A 901 -41.77 -17.65 -4.63
N VAL A 902 -40.97 -17.52 -5.69
CA VAL A 902 -39.55 -17.23 -5.45
C VAL A 902 -39.13 -15.85 -5.96
N HIS A 903 -39.18 -15.63 -7.27
CA HIS A 903 -38.73 -14.39 -7.89
C HIS A 903 -37.27 -14.07 -7.59
N LYS A 904 -36.59 -14.94 -6.85
CA LYS A 904 -35.25 -14.67 -6.36
C LYS A 904 -34.49 -15.99 -6.30
N ILE A 905 -33.37 -16.00 -5.58
CA ILE A 905 -32.54 -17.19 -5.42
C ILE A 905 -32.60 -17.72 -3.99
N LEU A 906 -32.59 -16.83 -3.00
CA LEU A 906 -32.54 -17.27 -1.60
C LEU A 906 -33.76 -18.12 -1.25
N ASP A 907 -34.95 -17.70 -1.68
CA ASP A 907 -36.15 -18.48 -1.42
C ASP A 907 -36.37 -19.57 -2.45
N GLU A 908 -35.55 -19.63 -3.50
CA GLU A 908 -35.45 -20.83 -4.32
C GLU A 908 -34.60 -21.92 -3.67
N ILE A 909 -33.52 -21.53 -2.98
CA ILE A 909 -32.72 -22.50 -2.24
C ILE A 909 -33.52 -23.11 -1.10
N ARG A 910 -34.31 -22.30 -0.39
CA ARG A 910 -35.08 -22.77 0.76
C ARG A 910 -36.25 -23.67 0.37
N GLN A 911 -36.36 -24.05 -0.89
CA GLN A 911 -37.40 -24.95 -1.35
C GLN A 911 -36.86 -26.17 -2.07
N GLY A 912 -35.78 -26.02 -2.84
CA GLY A 912 -35.24 -27.12 -3.62
C GLY A 912 -34.09 -27.84 -2.95
N VAL A 913 -33.85 -27.56 -1.67
CA VAL A 913 -32.78 -28.21 -0.92
C VAL A 913 -33.39 -28.89 0.30
N ILE A 914 -32.91 -30.09 0.59
CA ILE A 914 -33.58 -31.03 1.48
C ILE A 914 -32.68 -31.33 2.67
N TRP A 915 -31.98 -30.31 3.17
CA TRP A 915 -31.07 -30.44 4.30
C TRP A 915 -31.62 -31.37 5.38
N ASP A 916 -30.87 -32.43 5.68
CA ASP A 916 -31.24 -33.38 6.72
C ASP A 916 -30.09 -34.34 6.98
N MET B 1 40.64 -22.61 -3.07
CA MET B 1 41.58 -22.74 -1.97
C MET B 1 41.69 -21.41 -1.23
N LYS B 2 41.07 -21.34 -0.05
CA LYS B 2 40.99 -20.10 0.70
C LYS B 2 42.32 -19.80 1.41
N ASN B 3 42.41 -18.57 1.92
CA ASN B 3 43.64 -18.14 2.59
C ASN B 3 43.83 -18.85 3.93
N TRP B 4 42.72 -19.18 4.61
CA TRP B 4 42.85 -19.89 5.88
C TRP B 4 43.49 -21.26 5.68
N GLN B 5 43.32 -21.86 4.50
CA GLN B 5 44.06 -23.08 4.19
C GLN B 5 45.56 -22.83 4.19
N ARG B 6 45.99 -21.71 3.60
CA ARG B 6 47.40 -21.36 3.60
C ARG B 6 47.91 -21.13 5.02
N ILE B 7 47.12 -20.44 5.83
CA ILE B 7 47.54 -20.17 7.21
C ILE B 7 47.63 -21.48 8.01
N VAL B 8 46.68 -22.39 7.79
CA VAL B 8 46.72 -23.68 8.47
C VAL B 8 47.94 -24.48 8.04
N GLU B 9 48.26 -24.47 6.75
CA GLU B 9 49.44 -25.18 6.27
C GLU B 9 50.71 -24.58 6.86
N ALA B 10 50.78 -23.25 6.92
CA ALA B 10 51.94 -22.59 7.52
C ALA B 10 52.09 -22.95 8.99
N LYS B 11 50.97 -22.97 9.72
CA LYS B 11 51.03 -23.34 11.13
C LYS B 11 51.46 -24.79 11.31
N LEU B 12 50.97 -25.68 10.44
CA LEU B 12 51.37 -27.09 10.51
C LEU B 12 52.87 -27.23 10.23
N GLU B 13 53.39 -26.49 9.25
CA GLU B 13 54.83 -26.51 9.01
C GLU B 13 55.59 -25.89 10.16
N GLN B 14 54.95 -25.00 10.93
CA GLN B 14 55.59 -24.37 12.08
C GLN B 14 55.49 -25.20 13.35
N GLN B 15 54.70 -26.27 13.36
CA GLN B 15 54.53 -27.06 14.57
C GLN B 15 55.79 -27.87 14.86
N LYS B 16 56.20 -27.85 16.14
CA LYS B 16 57.40 -28.59 16.54
C LYS B 16 57.17 -30.09 16.42
N HIS B 17 55.98 -30.57 16.81
CA HIS B 17 55.65 -31.98 16.74
C HIS B 17 54.90 -32.24 15.42
N LYS B 18 55.51 -33.04 14.55
CA LYS B 18 54.93 -33.33 13.24
C LYS B 18 53.94 -34.49 13.39
N VAL B 19 52.74 -34.15 13.86
CA VAL B 19 51.69 -35.14 14.07
C VAL B 19 50.69 -35.07 12.94
N ALA B 20 50.54 -33.89 12.33
CA ALA B 20 49.63 -33.69 11.21
C ALA B 20 50.26 -32.75 10.22
N GLU B 21 50.25 -33.13 8.94
CA GLU B 21 50.80 -32.31 7.88
C GLU B 21 49.86 -32.33 6.67
N ILE B 22 49.84 -31.22 5.93
CA ILE B 22 49.08 -31.10 4.71
C ILE B 22 49.98 -30.53 3.62
N SER B 23 49.59 -30.77 2.37
CA SER B 23 50.33 -30.27 1.21
C SER B 23 49.31 -29.86 0.16
N LEU B 24 49.13 -28.55 0.00
CA LEU B 24 48.19 -28.04 -0.99
C LEU B 24 48.72 -28.18 -2.41
N GLU B 25 50.05 -28.15 -2.57
CA GLU B 25 50.64 -28.33 -3.90
C GLU B 25 50.33 -29.71 -4.45
N ASN B 26 50.44 -30.74 -3.60
CA ASN B 26 50.09 -32.10 -3.99
C ASN B 26 48.70 -32.50 -3.54
N GLY B 27 48.05 -31.71 -2.69
CA GLY B 27 46.74 -32.08 -2.18
C GLY B 27 46.76 -33.34 -1.35
N THR B 28 47.73 -33.47 -0.46
CA THR B 28 47.92 -34.67 0.35
C THR B 28 47.83 -34.35 1.83
N VAL B 29 47.51 -35.36 2.63
CA VAL B 29 47.41 -35.23 4.07
C VAL B 29 48.13 -36.40 4.72
N ASN B 30 48.84 -36.14 5.82
CA ASN B 30 49.56 -37.16 6.54
C ASN B 30 49.34 -36.98 8.04
N TYR B 31 49.22 -38.09 8.76
CA TYR B 31 49.01 -38.09 10.19
C TYR B 31 50.03 -39.01 10.86
N SER B 32 50.32 -38.70 12.13
CA SER B 32 51.26 -39.52 12.88
C SER B 32 50.67 -40.90 13.15
N LYS B 33 51.55 -41.91 13.20
CA LYS B 33 51.12 -43.27 13.45
C LYS B 33 50.61 -43.48 14.87
N LYS B 34 50.83 -42.52 15.76
CA LYS B 34 50.35 -42.64 17.14
C LYS B 34 48.83 -42.73 17.18
N ILE B 35 48.15 -42.09 16.24
CA ILE B 35 46.68 -42.10 16.20
C ILE B 35 46.22 -43.35 15.46
N LYS B 36 45.28 -44.07 16.07
CA LYS B 36 44.72 -45.27 15.45
C LYS B 36 43.82 -44.86 14.30
N HIS B 37 44.21 -45.21 13.08
CA HIS B 37 43.48 -44.86 11.87
C HIS B 37 42.76 -46.09 11.34
N ASN B 38 41.45 -45.96 11.11
CA ASN B 38 40.67 -47.03 10.51
C ASN B 38 40.61 -46.95 8.99
N ARG B 39 41.15 -45.89 8.40
CA ARG B 39 41.16 -45.73 6.96
C ARG B 39 42.44 -44.99 6.55
N ASN B 40 42.80 -45.13 5.28
CA ASN B 40 44.01 -44.51 4.74
C ASN B 40 43.65 -43.13 4.21
N LEU B 41 44.06 -42.09 4.94
CA LEU B 41 43.84 -40.70 4.53
C LEU B 41 45.16 -40.16 4.02
N LYS B 42 45.31 -40.08 2.70
CA LYS B 42 46.54 -39.60 2.09
C LYS B 42 46.33 -38.52 1.04
N ALA B 43 45.08 -38.12 0.78
CA ALA B 43 44.79 -37.08 -0.20
C ALA B 43 43.84 -36.06 0.41
N LEU B 44 44.01 -34.80 0.02
CA LEU B 44 43.16 -33.71 0.50
C LEU B 44 41.90 -33.67 -0.35
N THR B 45 40.84 -34.32 0.14
CA THR B 45 39.58 -34.36 -0.61
C THR B 45 38.90 -33.00 -0.65
N GLY B 46 39.25 -32.10 0.27
CA GLY B 46 38.63 -30.79 0.29
C GLY B 46 38.98 -30.05 1.56
N ASP B 47 38.16 -29.04 1.87
CA ASP B 47 38.39 -28.25 3.07
C ASP B 47 38.20 -29.09 4.34
N GLU B 48 37.35 -30.12 4.27
CA GLU B 48 37.07 -30.93 5.45
C GLU B 48 38.33 -31.63 5.95
N GLU B 49 39.13 -32.18 5.04
CA GLU B 49 40.35 -32.87 5.45
C GLU B 49 41.35 -31.90 6.09
N ILE B 50 41.47 -30.70 5.52
CA ILE B 50 42.37 -29.69 6.08
C ILE B 50 41.92 -29.29 7.47
N VAL B 51 40.62 -29.06 7.65
CA VAL B 51 40.09 -28.68 8.95
C VAL B 51 40.31 -29.79 9.97
N ARG B 52 40.10 -31.04 9.55
CA ARG B 52 40.32 -32.17 10.45
C ARG B 52 41.79 -32.28 10.85
N ALA B 53 42.69 -32.08 9.90
CA ALA B 53 44.12 -32.14 10.21
C ALA B 53 44.52 -31.04 11.19
N PHE B 54 44.03 -29.81 10.96
CA PHE B 54 44.33 -28.73 11.87
C PHE B 54 43.76 -29.00 13.26
N LEU B 55 42.55 -29.57 13.31
CA LEU B 55 41.95 -29.90 14.60
C LEU B 55 42.76 -30.94 15.34
N ILE B 56 43.23 -31.97 14.63
CA ILE B 56 44.04 -33.00 15.26
C ILE B 56 45.34 -32.40 15.78
N ASP B 57 45.97 -31.52 14.99
CA ASP B 57 47.20 -30.88 15.43
C ASP B 57 46.96 -30.02 16.67
N ARG B 58 45.86 -29.26 16.69
CA ARG B 58 45.56 -28.43 17.86
C ARG B 58 45.28 -29.28 19.09
N LEU B 59 44.59 -30.40 18.92
CA LEU B 59 44.33 -31.30 20.04
C LEU B 59 45.62 -31.88 20.59
N VAL B 60 46.52 -32.31 19.70
CA VAL B 60 47.76 -32.92 20.16
C VAL B 60 48.70 -31.89 20.78
N ASN B 61 48.85 -30.73 20.14
CA ASN B 61 49.88 -29.77 20.54
C ASN B 61 49.35 -28.73 21.52
N GLU B 62 48.33 -27.97 21.12
CA GLU B 62 47.88 -26.85 21.95
C GLU B 62 46.90 -27.31 23.02
N LEU B 63 45.93 -28.15 22.65
CA LEU B 63 44.95 -28.63 23.62
C LEU B 63 45.47 -29.77 24.49
N ASP B 64 46.66 -30.29 24.20
CA ASP B 64 47.34 -31.28 25.03
C ASP B 64 46.47 -32.52 25.24
N TYR B 65 46.17 -33.19 24.13
CA TYR B 65 45.42 -34.44 24.14
C TYR B 65 46.29 -35.53 23.52
N LYS B 66 46.30 -36.70 24.15
CA LYS B 66 47.18 -37.78 23.73
C LYS B 66 46.79 -38.29 22.34
N PRO B 67 47.71 -38.31 21.38
CA PRO B 67 47.36 -38.82 20.05
C PRO B 67 46.92 -40.28 20.04
N GLU B 68 47.45 -41.09 20.95
CA GLU B 68 47.05 -42.50 21.01
C GLU B 68 45.57 -42.63 21.36
N TYR B 69 45.08 -41.80 22.26
CA TYR B 69 43.66 -41.81 22.60
C TYR B 69 42.78 -41.36 21.44
N LEU B 70 43.34 -40.57 20.51
CA LEU B 70 42.58 -40.08 19.37
C LEU B 70 42.30 -41.19 18.37
N GLU B 71 41.12 -41.12 17.75
CA GLU B 71 40.71 -42.06 16.72
C GLU B 71 40.08 -41.30 15.57
N THR B 72 40.35 -41.76 14.35
CA THR B 72 39.88 -41.10 13.14
C THR B 72 39.14 -42.08 12.24
N GLU B 73 38.04 -41.62 11.67
CA GLU B 73 37.28 -42.36 10.66
C GLU B 73 36.84 -43.74 11.17
N LYS B 74 36.26 -43.74 12.37
CA LYS B 74 35.71 -44.97 12.93
C LYS B 74 34.33 -45.23 12.32
N GLU B 75 34.11 -46.48 11.87
CA GLU B 75 32.86 -46.84 11.23
C GLU B 75 31.76 -47.06 12.27
N TYR B 76 30.57 -46.57 11.96
CA TYR B 76 29.44 -46.60 12.88
C TYR B 76 28.17 -47.05 12.17
N THR B 77 28.26 -48.18 11.46
CA THR B 77 27.12 -48.76 10.75
C THR B 77 25.91 -48.88 11.65
N ILE B 78 24.79 -48.29 11.22
CA ILE B 78 23.54 -48.31 11.95
C ILE B 78 22.45 -48.83 11.03
N LYS B 79 21.25 -48.98 11.60
CA LYS B 79 20.09 -49.49 10.86
C LYS B 79 19.31 -48.30 10.29
N GLY B 80 19.62 -47.93 9.05
CA GLY B 80 18.92 -46.84 8.40
C GLY B 80 17.97 -47.28 7.31
N GLY B 81 16.68 -47.24 7.58
CA GLY B 81 15.70 -47.65 6.58
C GLY B 81 15.74 -49.14 6.36
N HIS B 82 15.46 -49.54 5.11
CA HIS B 82 15.42 -50.96 4.76
C HIS B 82 16.80 -51.60 4.70
N SER B 83 17.86 -50.80 4.57
CA SER B 83 19.22 -51.30 4.48
C SER B 83 20.01 -50.80 5.69
N LYS B 84 21.32 -51.05 5.67
CA LYS B 84 22.22 -50.65 6.74
C LYS B 84 23.13 -49.54 6.22
N ILE B 85 22.89 -48.31 6.68
CA ILE B 85 23.76 -47.19 6.34
C ILE B 85 25.10 -47.35 7.05
N ASN B 86 26.16 -46.85 6.41
CA ASN B 86 27.52 -46.95 6.92
C ASN B 86 28.11 -45.55 7.05
N PRO B 87 27.73 -44.81 8.09
CA PRO B 87 28.34 -43.50 8.33
C PRO B 87 29.65 -43.64 9.10
N ARG B 88 30.47 -42.60 9.01
CA ARG B 88 31.78 -42.56 9.66
C ARG B 88 31.93 -41.23 10.39
N VAL B 89 32.47 -41.29 11.61
CA VAL B 89 32.72 -40.11 12.41
C VAL B 89 34.14 -39.62 12.13
N ASP B 90 34.35 -38.31 12.28
CA ASP B 90 35.64 -37.73 11.92
C ASP B 90 36.66 -37.89 13.04
N VAL B 91 36.39 -37.32 14.21
CA VAL B 91 37.37 -37.26 15.29
C VAL B 91 36.76 -37.78 16.58
N LEU B 92 37.51 -38.64 17.28
CA LEU B 92 37.11 -39.18 18.57
C LEU B 92 38.26 -38.97 19.54
N VAL B 93 38.06 -38.11 20.54
CA VAL B 93 39.05 -37.88 21.58
C VAL B 93 38.57 -38.58 22.84
N LYS B 94 39.38 -39.52 23.35
CA LYS B 94 39.01 -40.33 24.49
C LYS B 94 39.87 -39.97 25.69
N ASP B 95 39.30 -40.13 26.89
CA ASP B 95 39.99 -39.79 28.12
C ASP B 95 40.96 -40.90 28.48
N ASP B 96 41.56 -40.80 29.67
CA ASP B 96 42.48 -41.83 30.14
C ASP B 96 41.78 -43.15 30.46
N LYS B 97 40.45 -43.12 30.61
CA LYS B 97 39.67 -44.32 30.91
C LYS B 97 39.19 -45.03 29.65
N GLY B 98 39.46 -44.48 28.47
CA GLY B 98 39.06 -45.09 27.22
C GLY B 98 37.69 -44.68 26.72
N ASN B 99 36.90 -43.95 27.51
CA ASN B 99 35.59 -43.50 27.06
C ASN B 99 35.73 -42.27 26.18
N PRO B 100 34.94 -42.17 25.12
CA PRO B 100 35.02 -40.99 24.24
C PRO B 100 34.60 -39.73 24.97
N PHE B 101 35.50 -38.75 25.01
CA PHE B 101 35.22 -37.47 25.66
C PHE B 101 34.71 -36.44 24.65
N PHE B 102 35.43 -36.26 23.56
CA PHE B 102 35.06 -35.33 22.50
C PHE B 102 34.65 -36.12 21.26
N PHE B 103 33.42 -35.92 20.81
CA PHE B 103 32.86 -36.58 19.64
C PHE B 103 32.73 -35.52 18.55
N ILE B 104 33.81 -35.30 17.81
CA ILE B 104 33.91 -34.14 16.93
C ILE B 104 33.63 -34.58 15.50
N GLU B 105 32.74 -33.86 14.82
CA GLU B 105 32.50 -34.02 13.40
C GLU B 105 33.05 -32.81 12.68
N VAL B 106 33.82 -33.03 11.63
CA VAL B 106 34.54 -31.98 10.92
C VAL B 106 33.74 -31.56 9.70
N LYS B 107 33.54 -30.25 9.54
CA LYS B 107 32.81 -29.71 8.41
C LYS B 107 33.51 -28.44 7.92
N ALA B 108 33.27 -28.11 6.66
CA ALA B 108 33.84 -26.91 6.07
C ALA B 108 33.20 -25.66 6.68
N PRO B 109 33.90 -24.53 6.66
CA PRO B 109 33.30 -23.28 7.17
C PRO B 109 32.00 -22.91 6.48
N ASN B 110 31.90 -23.15 5.17
CA ASN B 110 30.64 -22.92 4.47
C ASN B 110 29.64 -24.03 4.77
N LYS B 111 30.13 -25.27 4.89
CA LYS B 111 29.28 -26.41 5.24
C LYS B 111 28.81 -26.37 6.69
N PHE B 112 29.37 -25.48 7.51
CA PHE B 112 29.06 -25.42 8.94
C PHE B 112 27.66 -24.87 9.21
N GLU B 113 26.97 -24.33 8.21
CA GLU B 113 25.69 -23.69 8.42
C GLU B 113 24.52 -24.48 7.85
N GLU B 114 24.56 -24.84 6.57
CA GLU B 114 23.45 -25.52 5.94
C GLU B 114 23.40 -27.01 6.24
N ASP B 115 24.42 -27.56 6.88
CA ASP B 115 24.46 -28.98 7.20
C ASP B 115 24.14 -29.26 8.67
N LYS B 116 23.62 -28.27 9.40
CA LYS B 116 23.24 -28.50 10.79
C LYS B 116 22.09 -29.50 10.90
N ASP B 117 21.18 -29.50 9.93
CA ASP B 117 20.05 -30.43 9.94
C ASP B 117 20.50 -31.88 9.87
N GLU B 118 21.69 -32.15 9.31
CA GLU B 118 22.23 -33.49 9.26
C GLU B 118 22.89 -33.91 10.57
N ILE B 119 22.99 -33.00 11.54
CA ILE B 119 23.61 -33.32 12.82
C ILE B 119 22.88 -34.47 13.49
N GLU B 120 21.55 -34.52 13.33
CA GLU B 120 20.77 -35.62 13.90
C GLU B 120 21.25 -36.97 13.41
N GLY B 121 21.78 -37.04 12.19
CA GLY B 121 22.32 -38.29 11.68
C GLY B 121 23.82 -38.37 11.77
N GLN B 122 24.46 -37.32 12.25
CA GLN B 122 25.92 -37.24 12.30
C GLN B 122 26.49 -37.31 13.72
N LEU B 123 25.76 -36.84 14.73
CA LEU B 123 26.30 -36.78 16.08
C LEU B 123 25.53 -37.65 17.06
N PHE B 124 24.21 -37.51 17.15
CA PHE B 124 23.45 -38.20 18.19
C PHE B 124 23.36 -39.69 17.92
N ALA B 125 23.04 -40.07 16.68
CA ALA B 125 22.88 -41.49 16.36
C ALA B 125 24.20 -42.25 16.52
N LEU B 126 25.30 -41.66 16.05
CA LEU B 126 26.59 -42.31 16.17
C LEU B 126 27.03 -42.43 17.62
N ALA B 127 26.74 -41.40 18.43
CA ALA B 127 27.04 -41.48 19.85
C ALA B 127 26.22 -42.56 20.54
N GLN B 128 24.95 -42.68 20.17
CA GLN B 128 24.11 -43.74 20.72
C GLN B 128 24.67 -45.12 20.33
N ALA B 129 25.10 -45.27 19.09
CA ALA B 129 25.71 -46.53 18.65
C ALA B 129 26.98 -46.81 19.43
N GLU B 130 27.80 -45.78 19.66
CA GLU B 130 29.03 -45.96 20.44
C GLU B 130 28.72 -46.42 21.85
N GLU B 131 27.72 -45.81 22.50
CA GLU B 131 27.37 -46.21 23.85
C GLU B 131 26.76 -47.61 23.89
N ARG B 132 26.00 -47.98 22.86
CA ARG B 132 25.34 -49.28 22.84
C ARG B 132 26.32 -50.41 22.56
N ASP B 133 27.10 -50.31 21.48
CA ASP B 133 27.95 -51.41 21.05
C ASP B 133 29.26 -51.52 21.81
N PHE B 134 29.64 -50.48 22.56
CA PHE B 134 30.91 -50.48 23.26
C PHE B 134 30.81 -50.28 24.76
N LYS B 135 29.60 -50.04 25.29
CA LYS B 135 29.38 -49.84 26.73
C LYS B 135 30.20 -48.68 27.27
N THR B 136 30.51 -47.71 26.42
CA THR B 136 31.34 -46.57 26.79
C THR B 136 30.47 -45.33 27.03
N LYS B 137 31.10 -44.30 27.56
CA LYS B 137 30.44 -43.04 27.91
C LYS B 137 30.90 -41.97 26.93
N VAL B 138 29.96 -41.41 26.17
CA VAL B 138 30.23 -40.30 25.28
C VAL B 138 29.89 -39.01 26.03
N LYS B 139 30.85 -38.11 26.16
CA LYS B 139 30.69 -36.93 26.99
C LYS B 139 30.19 -35.73 26.20
N TYR B 140 30.94 -35.30 25.18
CA TYR B 140 30.64 -34.09 24.44
C TYR B 140 30.54 -34.37 22.95
N LEU B 141 29.45 -33.90 22.34
CA LEU B 141 29.27 -33.96 20.90
C LEU B 141 29.63 -32.59 20.33
N VAL B 142 30.61 -32.56 19.43
CA VAL B 142 31.16 -31.31 18.94
C VAL B 142 30.91 -31.23 17.43
N TYR B 143 30.22 -30.18 17.01
CA TYR B 143 30.12 -29.81 15.60
C TYR B 143 31.09 -28.65 15.39
N TYR B 144 32.23 -28.93 14.75
CA TYR B 144 33.38 -28.05 14.81
C TYR B 144 33.78 -27.53 13.44
N THR B 145 34.40 -26.35 13.44
CA THR B 145 35.05 -25.79 12.24
C THR B 145 36.13 -24.84 12.71
N VAL B 146 36.95 -24.38 11.76
CA VAL B 146 38.03 -23.46 12.06
C VAL B 146 37.50 -22.03 12.04
N GLU B 147 38.23 -21.13 12.70
CA GLU B 147 37.85 -19.72 12.73
C GLU B 147 39.12 -18.89 12.79
N LEU B 148 39.41 -18.14 11.73
CA LEU B 148 40.61 -17.34 11.68
C LEU B 148 40.46 -16.08 12.52
N ILE B 149 41.43 -15.84 13.40
CA ILE B 149 41.46 -14.66 14.27
C ILE B 149 42.91 -14.23 14.39
N ASP B 150 43.24 -13.05 13.87
CA ASP B 150 44.61 -12.52 13.88
C ASP B 150 45.50 -13.51 13.12
N ASP B 151 46.77 -13.61 13.50
CA ASP B 151 47.67 -14.60 12.92
C ASP B 151 47.56 -15.94 13.65
N GLU B 152 46.32 -16.42 13.80
CA GLU B 152 46.06 -17.66 14.52
C GLU B 152 44.68 -18.15 14.11
N ILE B 153 44.45 -19.45 14.36
CA ILE B 153 43.16 -20.07 14.06
C ILE B 153 42.66 -20.75 15.32
N VAL B 154 41.40 -20.50 15.66
CA VAL B 154 40.77 -21.08 16.85
C VAL B 154 39.61 -21.96 16.42
N ASP B 155 38.93 -22.56 17.38
CA ASP B 155 37.88 -23.54 17.13
C ASP B 155 36.52 -22.86 17.28
N ARG B 156 35.77 -22.78 16.19
CA ARG B 156 34.38 -22.34 16.24
C ARG B 156 33.51 -23.58 16.21
N ALA B 157 32.90 -23.92 17.34
CA ALA B 157 32.22 -25.19 17.46
C ALA B 157 30.99 -25.06 18.33
N ILE B 158 30.02 -25.93 18.07
CA ILE B 158 28.86 -26.10 18.94
C ILE B 158 29.06 -27.40 19.71
N ILE B 159 29.19 -27.31 21.03
CA ILE B 159 29.48 -28.46 21.88
C ILE B 159 28.26 -28.73 22.75
N ILE B 160 27.83 -29.98 22.78
CA ILE B 160 26.64 -30.41 23.51
C ILE B 160 27.04 -31.49 24.48
N ASP B 161 26.69 -31.31 25.76
CA ASP B 161 26.93 -32.36 26.75
C ASP B 161 25.98 -33.51 26.48
N PHE B 162 26.52 -34.62 25.97
CA PHE B 162 25.67 -35.73 25.54
C PHE B 162 24.88 -36.32 26.70
N GLU B 163 25.42 -36.28 27.91
CA GLU B 163 24.69 -36.77 29.06
C GLU B 163 23.45 -35.93 29.32
N LYS B 164 23.56 -34.60 29.18
CA LYS B 164 22.42 -33.73 29.40
C LYS B 164 21.32 -33.96 28.36
N TYR B 165 21.71 -34.14 27.10
CA TYR B 165 20.75 -34.28 25.99
C TYR B 165 21.11 -35.54 25.21
N PRO B 166 20.72 -36.71 25.70
CA PRO B 166 21.01 -37.96 24.95
C PRO B 166 20.29 -38.04 23.61
N THR B 167 19.21 -37.27 23.41
CA THR B 167 18.42 -37.32 22.20
C THR B 167 18.49 -36.00 21.45
N TYR B 168 18.35 -36.07 20.13
CA TYR B 168 18.33 -34.86 19.32
C TYR B 168 17.08 -34.04 19.57
N THR B 169 15.97 -34.70 19.90
CA THR B 169 14.73 -33.98 20.18
C THR B 169 14.88 -33.08 21.40
N ASP B 170 15.53 -33.58 22.45
CA ASP B 170 15.80 -32.74 23.61
C ASP B 170 16.71 -31.58 23.27
N TRP B 171 17.67 -31.82 22.37
CA TRP B 171 18.55 -30.74 21.92
C TRP B 171 17.76 -29.65 21.21
N SER B 172 16.83 -30.04 20.33
CA SER B 172 16.08 -29.06 19.56
C SER B 172 15.02 -28.36 20.40
N ASN B 173 14.49 -29.04 21.42
CA ASN B 173 13.45 -28.42 22.25
C ASN B 173 13.98 -27.24 23.04
N GLY B 174 15.27 -27.26 23.39
CA GLY B 174 15.85 -26.17 24.14
C GLY B 174 16.37 -25.05 23.26
N GLY B 175 16.18 -25.19 21.95
CA GLY B 175 16.64 -24.18 21.01
C GLY B 175 18.10 -24.31 20.62
N PHE B 176 18.50 -25.46 20.08
CA PHE B 176 19.87 -25.70 19.62
C PHE B 176 20.87 -25.49 20.76
N ILE B 177 20.73 -26.38 21.76
CA ILE B 177 21.55 -26.30 22.96
C ILE B 177 23.04 -26.36 22.59
N SER B 178 23.85 -25.54 23.24
CA SER B 178 25.29 -25.49 23.04
C SER B 178 25.93 -25.33 24.43
N THR B 179 26.56 -26.39 24.93
CA THR B 179 27.23 -26.31 26.21
C THR B 179 28.56 -25.57 26.11
N GLY B 180 29.20 -25.62 24.94
CA GLY B 180 30.50 -25.01 24.77
C GLY B 180 30.68 -24.49 23.36
N THR B 181 31.67 -23.61 23.20
CA THR B 181 32.03 -23.04 21.90
C THR B 181 33.44 -23.40 21.47
N GLU B 182 34.43 -23.21 22.32
CA GLU B 182 35.83 -23.40 21.97
C GLU B 182 36.42 -24.50 22.84
N LEU B 183 37.20 -25.39 22.22
CA LEU B 183 37.70 -26.56 22.91
C LEU B 183 38.67 -26.17 24.03
N THR B 184 38.56 -26.87 25.15
CA THR B 184 39.35 -26.57 26.34
C THR B 184 40.37 -27.67 26.58
N ALA B 185 41.58 -27.28 26.94
CA ALA B 185 42.66 -28.22 27.16
C ALA B 185 42.47 -28.94 28.49
N GLY B 186 42.94 -30.19 28.55
CA GLY B 186 42.89 -30.97 29.77
C GLY B 186 41.49 -31.33 30.22
N TYR B 187 40.60 -31.68 29.27
CA TYR B 187 39.25 -32.15 29.56
C TYR B 187 38.48 -31.12 30.40
N GLY B 188 38.31 -29.93 29.82
CA GLY B 188 37.67 -28.84 30.52
C GLY B 188 36.23 -28.59 30.11
N GLU B 189 35.96 -27.35 29.68
CA GLU B 189 34.65 -26.85 29.27
C GLU B 189 33.69 -26.78 30.45
N PRO B 190 33.03 -25.64 30.66
CA PRO B 190 32.08 -25.53 31.77
C PRO B 190 30.68 -26.00 31.36
N LYS B 191 29.79 -26.17 32.34
CA LYS B 191 28.41 -26.50 32.04
C LYS B 191 27.65 -25.29 31.49
N LYS B 192 27.83 -24.14 32.12
CA LYS B 192 27.18 -22.91 31.65
C LYS B 192 27.80 -22.44 30.34
N GLN B 193 26.99 -21.75 29.54
CA GLN B 193 27.51 -21.13 28.33
C GLN B 193 28.64 -20.17 28.68
N PRO B 194 29.78 -20.26 27.99
CA PRO B 194 30.83 -19.25 28.19
C PRO B 194 30.33 -17.88 27.76
N LEU B 195 30.19 -16.99 28.73
CA LEU B 195 29.69 -15.65 28.44
C LEU B 195 30.70 -14.89 27.59
N ILE B 196 30.18 -14.02 26.71
CA ILE B 196 31.07 -13.28 25.83
C ILE B 196 32.01 -12.40 26.65
N LYS B 197 31.45 -11.57 27.53
CA LYS B 197 32.22 -10.72 28.43
C LYS B 197 33.36 -10.05 27.68
N GLY B 198 32.95 -9.19 26.75
CA GLY B 198 33.82 -8.66 25.72
C GLY B 198 34.86 -7.68 26.26
N HIS B 199 35.39 -6.89 25.31
CA HIS B 199 36.47 -5.95 25.57
C HIS B 199 37.71 -6.65 26.11
N GLU B 200 38.02 -7.82 25.54
CA GLU B 200 39.09 -8.67 26.01
C GLU B 200 39.52 -9.59 24.86
N LYS B 201 40.32 -10.61 25.19
CA LYS B 201 40.69 -11.69 24.28
C LYS B 201 39.50 -12.22 23.48
N TYR B 202 38.31 -12.18 24.06
CA TYR B 202 37.08 -12.59 23.39
C TYR B 202 36.14 -11.41 23.25
N ASP B 203 35.47 -11.35 22.11
CA ASP B 203 34.55 -10.26 21.79
C ASP B 203 33.37 -10.85 21.02
N LEU B 204 32.58 -9.99 20.39
CA LEU B 204 31.41 -10.48 19.65
C LEU B 204 31.82 -11.01 18.29
N ARG B 205 32.30 -10.12 17.41
CA ARG B 205 32.97 -10.44 16.16
C ARG B 205 33.43 -9.14 15.51
N VAL B 206 34.59 -9.17 14.84
CA VAL B 206 35.14 -7.95 14.26
C VAL B 206 35.52 -8.20 12.81
N ARG B 207 35.69 -9.47 12.45
CA ARG B 207 36.13 -9.86 11.12
C ARG B 207 35.01 -10.55 10.34
N ILE B 208 33.80 -10.00 10.46
CA ILE B 208 32.62 -10.59 9.83
C ILE B 208 32.79 -10.61 8.31
N ASP B 209 32.23 -11.65 7.67
CA ASP B 209 32.40 -11.89 6.25
C ASP B 209 31.06 -11.80 5.53
N ARG B 210 31.14 -11.65 4.20
CA ARG B 210 29.94 -11.42 3.40
C ARG B 210 29.03 -12.66 3.38
N GLU B 211 29.62 -13.86 3.24
CA GLU B 211 28.81 -15.06 3.15
C GLU B 211 28.04 -15.32 4.44
N GLU B 212 28.67 -15.09 5.59
CA GLU B 212 27.99 -15.24 6.86
C GLU B 212 26.79 -14.30 6.95
N ILE B 213 26.98 -13.05 6.51
CA ILE B 213 25.90 -12.06 6.55
C ILE B 213 24.78 -12.45 5.61
N GLU B 214 25.11 -12.94 4.41
CA GLU B 214 24.08 -13.34 3.47
C GLU B 214 23.26 -14.51 4.01
N GLY B 215 23.95 -15.51 4.59
CA GLY B 215 23.22 -16.62 5.21
C GLY B 215 22.38 -16.18 6.38
N LEU B 216 22.90 -15.23 7.17
CA LEU B 216 22.13 -14.70 8.29
C LEU B 216 20.87 -14.01 7.81
N GLY B 217 20.97 -13.20 6.76
CA GLY B 217 19.79 -12.56 6.21
C GLY B 217 18.79 -13.57 5.69
N ARG B 218 19.28 -14.59 4.97
CA ARG B 218 18.39 -15.61 4.44
C ARG B 218 17.62 -16.31 5.56
N ASN B 219 18.34 -16.77 6.60
CA ASN B 219 17.67 -17.53 7.64
C ASN B 219 16.79 -16.64 8.51
N LEU B 220 17.18 -15.38 8.72
CA LEU B 220 16.34 -14.45 9.46
C LEU B 220 15.02 -14.22 8.74
N HIS B 221 15.09 -13.99 7.42
CA HIS B 221 13.86 -13.83 6.65
C HIS B 221 13.03 -15.11 6.66
N ASN B 222 13.68 -16.27 6.59
CA ASN B 222 12.96 -17.53 6.57
C ASN B 222 12.23 -17.77 7.89
N VAL B 223 12.85 -17.44 9.01
CA VAL B 223 12.29 -17.78 10.32
C VAL B 223 11.33 -16.69 10.81
N LEU B 224 11.80 -15.44 10.93
CA LEU B 224 11.00 -14.42 11.60
C LEU B 224 9.74 -14.09 10.80
N TRP B 225 9.89 -13.83 9.50
CA TRP B 225 8.75 -13.39 8.70
C TRP B 225 7.68 -14.46 8.62
N GLY B 226 8.06 -15.67 8.22
CA GLY B 226 7.11 -16.76 8.16
C GLY B 226 5.94 -16.45 7.26
N GLY B 227 4.77 -16.99 7.60
CA GLY B 227 3.56 -16.70 6.88
C GLY B 227 2.32 -16.66 7.76
N GLY B 228 2.52 -16.68 9.08
CA GLY B 228 1.41 -16.76 9.99
C GLY B 228 1.08 -15.49 10.74
N GLY B 229 -0.01 -14.82 10.34
CA GLY B 229 -0.52 -13.67 11.05
C GLY B 229 0.43 -12.49 11.01
N THR B 230 0.22 -11.57 11.97
CA THR B 230 0.98 -10.34 12.09
C THR B 230 0.97 -9.56 10.77
N ASN B 231 2.13 -9.28 10.22
CA ASN B 231 2.28 -8.50 8.98
C ASN B 231 3.71 -8.68 8.49
N ASP B 232 4.07 -7.94 7.44
CA ASP B 232 5.44 -7.92 6.95
C ASP B 232 6.21 -6.70 7.43
N SER B 233 5.52 -5.66 7.91
CA SER B 233 6.17 -4.48 8.45
C SER B 233 6.30 -4.52 9.97
N GLU B 234 5.35 -5.14 10.67
CA GLU B 234 5.46 -5.28 12.11
C GLU B 234 6.69 -6.09 12.48
N ILE B 235 6.94 -7.18 11.75
CA ILE B 235 8.14 -7.97 11.97
C ILE B 235 9.40 -7.13 11.73
N PHE B 236 9.37 -6.31 10.68
CA PHE B 236 10.51 -5.44 10.39
C PHE B 236 10.78 -4.47 11.51
N TYR B 237 9.72 -3.84 12.05
CA TYR B 237 9.91 -2.88 13.13
C TYR B 237 10.36 -3.57 14.42
N SER B 238 9.85 -4.77 14.68
CA SER B 238 10.34 -5.53 15.83
C SER B 238 11.82 -5.87 15.69
N LEU B 239 12.24 -6.26 14.49
CA LEU B 239 13.66 -6.53 14.26
C LEU B 239 14.49 -5.27 14.43
N VAL B 240 13.97 -4.12 13.98
CA VAL B 240 14.67 -2.86 14.17
C VAL B 240 14.82 -2.55 15.66
N ASN B 241 13.77 -2.80 16.44
CA ASN B 241 13.85 -2.58 17.88
C ASN B 241 14.90 -3.50 18.51
N ILE B 242 14.94 -4.76 18.08
CA ILE B 242 15.93 -5.70 18.60
C ILE B 242 17.34 -5.25 18.25
N ILE B 243 17.54 -4.75 17.03
CA ILE B 243 18.86 -4.26 16.63
C ILE B 243 19.22 -3.01 17.45
N LEU B 244 18.23 -2.17 17.76
CA LEU B 244 18.48 -1.02 18.61
C LEU B 244 18.94 -1.46 20.00
N ALA B 245 18.30 -2.49 20.55
CA ALA B 245 18.75 -3.04 21.83
C ALA B 245 20.16 -3.60 21.73
N LYS B 246 20.48 -4.25 20.60
CA LYS B 246 21.83 -4.77 20.40
C LYS B 246 22.86 -3.65 20.40
N ILE B 247 22.55 -2.54 19.73
CA ILE B 247 23.46 -1.39 19.73
C ILE B 247 23.57 -0.79 21.12
N GLN B 248 22.45 -0.76 21.87
CA GLN B 248 22.52 -0.31 23.25
C GLN B 248 23.45 -1.19 24.06
N ASP B 249 23.46 -2.50 23.81
CA ASP B 249 24.54 -3.33 24.33
C ASP B 249 25.79 -3.28 23.48
N GLU B 250 26.14 -2.08 23.01
CA GLU B 250 27.51 -1.72 22.63
C GLU B 250 27.87 -0.30 23.03
N TYR B 251 26.88 0.55 23.32
CA TYR B 251 27.18 1.93 23.72
C TYR B 251 27.47 2.03 25.22
N GLU B 252 26.78 1.24 26.05
CA GLU B 252 26.84 1.36 27.49
C GLU B 252 27.54 0.16 28.14
N LYS B 253 28.46 -0.47 27.41
CA LYS B 253 29.16 -1.66 27.91
C LYS B 253 30.64 -1.35 28.01
N GLU B 254 31.16 -1.38 29.24
CA GLU B 254 32.55 -1.08 29.52
C GLU B 254 33.37 -2.38 29.50
N ASP B 255 34.61 -2.31 29.98
CA ASP B 255 35.46 -3.49 30.06
C ASP B 255 34.85 -4.51 31.02
N GLY B 256 35.12 -5.78 30.73
CA GLY B 256 34.41 -6.84 31.43
C GLY B 256 32.93 -6.72 31.14
N GLN B 257 32.11 -6.77 32.18
CA GLN B 257 30.68 -6.46 32.09
C GLN B 257 30.00 -7.31 31.02
N GLU B 258 29.91 -8.61 31.33
CA GLU B 258 29.30 -9.61 30.46
C GLU B 258 28.09 -9.04 29.73
N TYR B 259 28.09 -9.23 28.41
CA TYR B 259 27.08 -8.60 27.57
C TYR B 259 25.68 -9.08 27.96
N ASP B 260 24.74 -8.14 28.00
CA ASP B 260 23.37 -8.46 28.35
C ASP B 260 22.55 -8.98 27.17
N PHE B 261 23.09 -8.92 25.95
CA PHE B 261 22.39 -9.38 24.76
C PHE B 261 22.90 -10.77 24.39
N GLN B 262 22.48 -11.76 25.16
CA GLN B 262 22.83 -13.15 24.90
C GLN B 262 21.94 -14.05 25.73
N VAL B 263 22.03 -15.35 25.48
CA VAL B 263 21.06 -16.31 25.99
C VAL B 263 21.20 -16.48 27.51
N TYR B 264 22.43 -16.45 28.02
CA TYR B 264 22.74 -16.76 29.42
C TYR B 264 22.26 -18.17 29.77
N GLN B 265 22.87 -19.15 29.10
CA GLN B 265 22.52 -20.56 29.28
C GLN B 265 23.18 -21.07 30.56
N TYR B 266 22.54 -20.79 31.69
CA TYR B 266 23.02 -21.31 32.97
C TYR B 266 22.78 -22.81 33.07
N GLY B 267 23.79 -23.52 33.50
CA GLY B 267 23.68 -24.98 33.61
C GLY B 267 23.45 -25.61 32.25
N ASP B 268 22.42 -26.45 32.14
CA ASP B 268 22.12 -27.14 30.91
C ASP B 268 20.84 -26.66 30.24
N ASN B 269 20.03 -25.84 30.89
CA ASN B 269 18.78 -25.35 30.35
C ASN B 269 18.89 -23.87 30.02
N VAL B 270 18.34 -23.48 28.87
CA VAL B 270 18.30 -22.08 28.49
C VAL B 270 17.50 -21.30 29.54
N GLU B 271 18.03 -20.15 29.94
CA GLU B 271 17.33 -19.31 30.91
C GLU B 271 15.97 -18.90 30.37
N SER B 272 14.98 -18.85 31.26
CA SER B 272 13.58 -18.58 30.95
C SER B 272 13.43 -17.43 29.95
N PRO B 273 12.58 -17.59 28.95
CA PRO B 273 12.39 -16.50 27.97
C PRO B 273 11.93 -15.19 28.59
N GLN B 274 11.20 -15.27 29.71
CA GLN B 274 10.76 -14.03 30.37
C GLN B 274 11.93 -13.23 30.87
N LYS B 275 12.98 -13.89 31.37
CA LYS B 275 14.18 -13.17 31.80
C LYS B 275 14.83 -12.46 30.63
N LEU B 276 14.93 -13.12 29.48
CA LEU B 276 15.48 -12.47 28.29
C LEU B 276 14.63 -11.28 27.88
N PHE B 277 13.30 -11.45 27.90
CA PHE B 277 12.40 -10.35 27.56
C PHE B 277 12.61 -9.16 28.48
N ASP B 278 12.71 -9.41 29.79
CA ASP B 278 12.88 -8.32 30.75
C ASP B 278 14.21 -7.62 30.56
N ARG B 279 15.30 -8.39 30.41
CA ARG B 279 16.62 -7.80 30.31
C ARG B 279 16.91 -7.21 28.92
N ILE B 280 16.05 -7.47 27.94
CA ILE B 280 16.13 -6.76 26.67
C ILE B 280 15.24 -5.51 26.67
N ASN B 281 14.09 -5.59 27.35
CA ASN B 281 13.26 -4.39 27.51
C ASN B 281 13.96 -3.34 28.34
N ALA B 282 14.77 -3.76 29.32
CA ALA B 282 15.58 -2.79 30.06
C ALA B 282 16.54 -2.08 29.11
N LEU B 283 17.20 -2.83 28.22
CA LEU B 283 18.10 -2.24 27.25
C LEU B 283 17.36 -1.26 26.34
N TYR B 284 16.16 -1.64 25.90
CA TYR B 284 15.42 -0.82 24.95
C TYR B 284 14.89 0.45 25.63
N LYS B 285 14.44 0.34 26.88
CA LYS B 285 14.02 1.50 27.63
C LYS B 285 15.18 2.44 27.88
N ARG B 286 16.36 1.91 28.19
CA ARG B 286 17.55 2.75 28.28
C ARG B 286 17.95 3.30 26.92
N ALA B 287 17.51 2.65 25.83
CA ALA B 287 17.80 3.16 24.49
C ALA B 287 16.93 4.38 24.16
N LEU B 288 15.72 4.43 24.69
CA LEU B 288 14.89 5.61 24.46
C LEU B 288 15.16 6.69 25.51
N ARG B 289 16.45 6.92 25.78
CA ARG B 289 16.88 8.06 26.58
C ARG B 289 18.17 8.69 26.07
N GLU B 290 18.95 8.01 25.24
CA GLU B 290 20.18 8.58 24.68
C GLU B 290 20.21 8.39 23.17
N GLN B 291 19.59 7.30 22.70
CA GLN B 291 19.50 7.04 21.27
C GLN B 291 18.35 7.83 20.65
N LEU B 292 17.12 7.60 21.11
CA LEU B 292 15.95 8.33 20.67
C LEU B 292 15.54 9.43 21.63
N ASN B 293 16.37 9.70 22.65
CA ASN B 293 16.27 10.80 23.61
C ASN B 293 14.83 11.19 23.95
N VAL B 294 14.02 10.23 24.36
CA VAL B 294 12.67 10.48 24.84
C VAL B 294 12.75 10.93 26.29
N THR B 295 12.15 12.08 26.59
CA THR B 295 12.27 12.68 27.92
C THR B 295 11.19 12.21 28.88
N ASP B 296 9.97 12.01 28.39
CA ASP B 296 8.85 11.63 29.25
C ASP B 296 9.10 10.26 29.88
N GLU B 297 9.30 10.22 31.19
CA GLU B 297 9.59 8.96 31.88
C GLU B 297 8.38 8.02 31.84
N GLN B 298 7.16 8.57 31.82
CA GLN B 298 5.99 7.73 31.65
C GLN B 298 5.89 7.14 30.26
N LYS B 299 6.44 7.82 29.25
CA LYS B 299 6.48 7.24 27.91
C LYS B 299 7.57 6.19 27.80
N ILE B 300 8.58 6.24 28.66
CA ILE B 300 9.59 5.17 28.68
C ILE B 300 8.96 3.85 29.07
N ALA B 301 8.08 3.88 30.07
CA ALA B 301 7.27 2.71 30.39
C ALA B 301 6.19 2.53 29.33
N GLU B 302 5.31 1.56 29.56
CA GLU B 302 4.20 1.23 28.66
C GLU B 302 4.67 1.14 27.20
N ASP B 303 5.90 0.65 27.01
CA ASP B 303 6.52 0.56 25.70
C ASP B 303 7.54 -0.57 25.74
N ASN B 304 7.45 -1.47 24.75
CA ASN B 304 8.20 -2.71 24.80
C ASN B 304 8.85 -2.97 23.44
N VAL B 305 9.82 -3.89 23.44
CA VAL B 305 10.46 -4.30 22.20
C VAL B 305 9.46 -4.96 21.27
N ILE B 306 8.65 -5.88 21.81
CA ILE B 306 7.73 -6.67 21.01
C ILE B 306 6.37 -6.69 21.71
N ASN B 307 5.34 -6.98 20.92
CA ASN B 307 3.97 -6.97 21.45
C ASN B 307 3.72 -8.15 22.38
N ARG B 308 4.57 -9.17 22.33
CA ARG B 308 4.45 -10.46 23.03
C ARG B 308 3.30 -11.29 22.47
N ASN B 309 2.50 -10.75 21.55
CA ASN B 309 1.40 -11.46 20.94
C ASN B 309 1.54 -11.55 19.43
N LYS B 310 2.02 -10.47 18.80
CA LYS B 310 2.38 -10.53 17.39
C LYS B 310 3.73 -11.22 17.19
N PHE B 311 4.65 -11.07 18.15
CA PHE B 311 6.01 -11.59 18.05
C PHE B 311 6.23 -12.56 19.21
N PRO B 312 6.08 -13.86 18.98
CA PRO B 312 6.32 -14.84 20.05
C PRO B 312 7.75 -14.76 20.58
N LEU B 313 7.90 -15.08 21.87
CA LEU B 313 9.18 -14.95 22.53
C LEU B 313 10.24 -15.88 21.95
N ASN B 314 9.83 -17.03 21.41
CA ASN B 314 10.80 -17.95 20.82
C ASN B 314 11.50 -17.33 19.62
N LYS B 315 10.78 -16.54 18.82
CA LYS B 315 11.42 -15.83 17.73
C LYS B 315 12.43 -14.81 18.24
N LEU B 316 12.11 -14.14 19.36
CA LEU B 316 13.08 -13.22 19.96
C LEU B 316 14.32 -13.96 20.44
N VAL B 317 14.13 -15.14 21.03
CA VAL B 317 15.27 -15.93 21.49
C VAL B 317 16.14 -16.34 20.32
N TYR B 318 15.51 -16.77 19.22
CA TYR B 318 16.27 -17.14 18.03
C TYR B 318 17.00 -15.94 17.46
N THR B 319 16.36 -14.77 17.44
CA THR B 319 17.01 -13.56 16.94
C THR B 319 18.22 -13.19 17.80
N VAL B 320 18.09 -13.32 19.11
CA VAL B 320 19.22 -13.07 20.00
C VAL B 320 20.34 -14.06 19.72
N GLN B 321 20.00 -15.34 19.55
CA GLN B 321 21.01 -16.35 19.26
C GLN B 321 21.76 -16.02 17.96
N ALA B 322 21.02 -15.62 16.93
CA ALA B 322 21.65 -15.33 15.64
C ALA B 322 22.50 -14.07 15.71
N LEU B 323 22.01 -13.03 16.38
CA LEU B 323 22.64 -11.72 16.33
C LEU B 323 23.57 -11.42 17.50
N GLU B 324 23.66 -12.31 18.50
CA GLU B 324 24.46 -12.01 19.68
C GLU B 324 25.93 -11.90 19.35
N SER B 325 26.43 -12.78 18.48
CA SER B 325 27.86 -12.88 18.23
C SER B 325 28.34 -12.00 17.08
N LEU B 326 27.54 -11.02 16.67
CA LEU B 326 27.89 -10.15 15.54
C LEU B 326 27.85 -8.71 16.03
N SER B 327 29.03 -8.11 16.15
CA SER B 327 29.13 -6.73 16.62
C SER B 327 28.74 -5.77 15.50
N PHE B 328 27.51 -5.23 15.57
CA PHE B 328 27.05 -4.30 14.55
C PHE B 328 27.88 -3.02 14.57
N LEU B 329 28.00 -2.40 15.73
CA LEU B 329 28.78 -1.17 15.84
C LEU B 329 30.27 -1.50 15.92
N GLU B 330 31.07 -0.73 15.19
CA GLU B 330 32.53 -0.73 15.27
C GLU B 330 33.14 -1.99 14.66
N GLY B 331 32.32 -2.97 14.30
CA GLY B 331 32.85 -4.13 13.61
C GLY B 331 32.64 -4.09 12.11
N ARG B 332 33.66 -3.64 11.37
CA ARG B 332 33.58 -3.61 9.91
C ARG B 332 34.92 -3.90 9.25
N ASN B 333 35.76 -4.73 9.87
CA ASN B 333 37.10 -4.98 9.36
C ASN B 333 37.13 -5.92 8.16
N SER B 334 36.00 -6.06 7.47
CA SER B 334 35.95 -6.63 6.13
C SER B 334 36.26 -5.59 5.07
N LEU B 335 37.05 -4.57 5.43
CA LEU B 335 37.36 -3.42 4.57
C LEU B 335 38.05 -3.83 3.27
N ASP B 336 38.40 -5.11 3.12
CA ASP B 336 38.77 -5.59 1.80
C ASP B 336 37.59 -5.52 0.83
N GLY B 337 36.37 -5.40 1.36
CA GLY B 337 35.20 -5.08 0.58
C GLY B 337 34.49 -3.87 1.14
N LYS B 338 35.23 -3.08 1.95
CA LYS B 338 34.73 -1.86 2.57
C LYS B 338 33.61 -2.17 3.55
N ASP B 339 32.70 -1.22 3.74
CA ASP B 339 31.58 -1.41 4.66
C ASP B 339 30.75 -2.61 4.25
N ILE B 340 30.41 -3.46 5.21
CA ILE B 340 29.77 -4.73 4.93
C ILE B 340 28.43 -4.89 5.63
N LEU B 341 28.13 -4.08 6.65
CA LEU B 341 26.87 -4.19 7.37
C LEU B 341 25.78 -3.27 6.83
N GLY B 342 26.15 -2.23 6.07
CA GLY B 342 25.14 -1.35 5.51
C GLY B 342 24.27 -2.06 4.51
N ASP B 343 24.89 -2.75 3.55
CA ASP B 343 24.11 -3.50 2.55
C ASP B 343 23.35 -4.64 3.20
N PHE B 344 23.80 -5.11 4.36
CA PHE B 344 23.05 -6.11 5.11
C PHE B 344 21.66 -5.58 5.46
N PHE B 345 21.59 -4.40 6.07
CA PHE B 345 20.28 -3.90 6.46
C PHE B 345 19.53 -3.34 5.25
N GLU B 346 20.26 -2.94 4.20
CA GLU B 346 19.59 -2.62 2.93
C GLU B 346 18.86 -3.83 2.39
N SER B 347 19.50 -5.00 2.42
CA SER B 347 18.84 -6.23 1.99
C SER B 347 17.71 -6.61 2.93
N ILE B 348 17.86 -6.33 4.23
CA ILE B 348 16.76 -6.56 5.17
C ILE B 348 15.55 -5.72 4.79
N ILE B 349 15.78 -4.45 4.46
CA ILE B 349 14.68 -3.58 4.06
C ILE B 349 14.06 -4.06 2.75
N ARG B 350 14.90 -4.39 1.76
CA ARG B 350 14.39 -4.75 0.44
C ARG B 350 13.62 -6.06 0.48
N ASP B 351 14.23 -7.11 1.05
CA ASP B 351 13.57 -8.41 1.10
C ASP B 351 12.35 -8.38 2.02
N GLY B 352 12.52 -7.90 3.24
CA GLY B 352 11.39 -7.78 4.14
C GLY B 352 10.95 -6.36 4.39
N PHE B 353 9.92 -5.93 3.66
CA PHE B 353 9.17 -4.69 3.88
C PHE B 353 8.09 -4.64 2.81
N LYS B 354 7.08 -3.81 3.07
CA LYS B 354 5.90 -3.75 2.22
C LYS B 354 5.51 -2.30 1.93
N GLN B 355 6.46 -1.53 1.40
CA GLN B 355 6.20 -0.16 0.96
C GLN B 355 4.90 -0.08 0.15
N THR B 356 3.96 0.71 0.66
CA THR B 356 2.67 0.94 0.02
C THR B 356 2.42 2.44 -0.09
N LYS B 357 1.20 2.80 -0.46
CA LYS B 357 0.80 4.20 -0.60
C LYS B 357 0.73 4.82 0.78
N GLY B 358 1.75 5.60 1.14
CA GLY B 358 1.80 6.23 2.44
C GLY B 358 2.95 5.72 3.29
N GLN B 359 3.73 4.80 2.74
CA GLN B 359 4.86 4.23 3.46
C GLN B 359 6.08 4.16 2.54
N PHE B 360 5.86 4.39 1.24
CA PHE B 360 6.91 4.30 0.24
C PHE B 360 8.01 5.33 0.49
N PHE B 361 9.23 5.02 0.04
CA PHE B 361 10.36 5.91 0.18
C PHE B 361 10.56 6.68 -1.11
N THR B 362 11.57 7.56 -1.12
CA THR B 362 11.91 8.33 -2.32
C THR B 362 12.90 7.52 -3.15
N PRO B 363 12.61 7.23 -4.42
CA PRO B 363 13.55 6.44 -5.24
C PRO B 363 14.95 7.00 -5.25
N THR B 364 15.94 6.11 -5.13
CA THR B 364 17.34 6.52 -5.06
C THR B 364 17.82 7.33 -6.26
N PRO B 365 17.46 7.02 -7.52
CA PRO B 365 17.93 7.87 -8.62
C PRO B 365 17.55 9.33 -8.46
N ILE B 366 16.33 9.61 -7.99
CA ILE B 366 15.91 10.99 -7.79
C ILE B 366 16.73 11.66 -6.69
N VAL B 367 16.99 10.93 -5.60
CA VAL B 367 17.80 11.48 -4.51
C VAL B 367 19.20 11.82 -5.00
N LYS B 368 19.82 10.91 -5.75
CA LYS B 368 21.15 11.15 -6.26
C LYS B 368 21.18 12.30 -7.25
N PHE B 369 20.17 12.41 -8.11
CA PHE B 369 20.11 13.52 -9.05
C PHE B 369 19.95 14.85 -8.32
N ILE B 370 19.14 14.88 -7.26
CA ILE B 370 19.00 16.10 -6.47
C ILE B 370 20.33 16.48 -5.82
N LEU B 371 21.00 15.50 -5.22
CA LEU B 371 22.26 15.79 -4.54
C LEU B 371 23.31 16.30 -5.52
N TYR B 372 23.33 15.75 -6.75
CA TYR B 372 24.31 16.21 -7.73
C TYR B 372 23.92 17.54 -8.35
N ALA B 373 22.62 17.81 -8.52
CA ALA B 373 22.19 19.07 -9.12
C ALA B 373 22.51 20.25 -8.22
N LEU B 374 22.52 20.03 -6.90
CA LEU B 374 22.95 21.07 -5.96
C LEU B 374 24.45 21.36 -6.05
N GLN B 375 25.19 20.59 -6.85
CA GLN B 375 26.65 20.70 -6.89
C GLN B 375 27.23 20.50 -5.50
N LEU B 376 26.65 19.56 -4.76
CA LEU B 376 27.05 19.36 -3.37
C LEU B 376 28.49 18.89 -3.24
N ASP B 377 29.03 18.20 -4.26
CA ASP B 377 30.42 17.80 -4.22
C ASP B 377 31.35 19.01 -4.25
N LYS B 378 31.11 19.94 -5.18
CA LYS B 378 31.90 21.16 -5.23
C LYS B 378 31.66 22.02 -3.99
N LEU B 379 30.43 22.04 -3.48
CA LEU B 379 30.14 22.78 -2.26
C LEU B 379 30.97 22.24 -1.09
N ALA B 380 31.00 20.92 -0.93
CA ALA B 380 31.78 20.32 0.15
C ALA B 380 33.27 20.56 -0.05
N ILE B 381 33.75 20.45 -1.29
CA ILE B 381 35.18 20.66 -1.55
C ILE B 381 35.59 22.08 -1.19
N ASP B 382 34.78 23.06 -1.61
CA ASP B 382 35.09 24.46 -1.30
C ASP B 382 34.88 24.77 0.18
N ARG B 383 33.91 24.11 0.82
CA ARG B 383 33.68 24.29 2.25
C ARG B 383 34.83 23.76 3.08
N LEU B 384 35.47 22.67 2.64
CA LEU B 384 36.63 22.14 3.34
C LEU B 384 37.92 22.86 2.98
N ASN B 385 38.02 23.40 1.76
CA ASN B 385 39.26 24.00 1.31
C ASN B 385 39.50 25.37 1.95
N ASN B 386 38.46 26.19 2.07
CA ASN B 386 38.64 27.58 2.50
C ASN B 386 38.66 27.72 4.01
N ASP B 387 37.55 27.37 4.66
CA ASP B 387 37.43 27.39 6.12
C ASP B 387 36.99 26.00 6.54
N ARG B 388 37.91 25.26 7.16
CA ARG B 388 37.79 23.81 7.30
C ARG B 388 36.49 23.42 8.00
N GLU B 389 35.57 22.85 7.22
CA GLU B 389 34.24 22.42 7.62
C GLU B 389 33.64 21.68 6.44
N LEU B 390 32.44 21.13 6.65
CA LEU B 390 31.64 20.49 5.64
C LEU B 390 30.25 21.09 5.61
N PRO B 391 29.48 20.87 4.54
CA PRO B 391 28.07 21.25 4.55
C PRO B 391 27.34 20.55 5.69
N LEU B 392 26.26 21.17 6.15
CA LEU B 392 25.61 20.79 7.39
C LEU B 392 24.16 20.44 7.11
N ILE B 393 23.99 19.54 6.13
CA ILE B 393 22.72 19.10 5.57
C ILE B 393 21.68 18.79 6.63
N ILE B 394 20.42 19.13 6.36
CA ILE B 394 19.28 18.73 7.17
C ILE B 394 18.21 18.17 6.24
N ASP B 395 17.51 17.14 6.71
CA ASP B 395 16.42 16.56 5.94
C ASP B 395 15.18 16.40 6.82
N PRO B 396 14.37 17.44 6.98
CA PRO B 396 13.05 17.24 7.59
C PRO B 396 12.23 16.29 6.73
N SER B 397 11.36 15.51 7.38
CA SER B 397 10.59 14.49 6.69
C SER B 397 11.51 13.48 6.01
N ALA B 398 12.20 12.67 6.81
CA ALA B 398 13.25 11.78 6.32
C ALA B 398 12.96 10.33 6.70
N GLY B 399 11.74 9.86 6.43
CA GLY B 399 11.24 8.56 6.84
C GLY B 399 12.22 7.40 6.85
N SER B 400 13.08 7.31 5.84
CA SER B 400 14.06 6.22 5.80
C SER B 400 15.47 6.74 5.64
N GLY B 401 15.64 8.06 5.71
CA GLY B 401 16.95 8.67 5.65
C GLY B 401 17.66 8.50 4.33
N THR B 402 16.90 8.24 3.25
CA THR B 402 17.50 8.05 1.95
C THR B 402 18.27 9.27 1.47
N PHE B 403 17.78 10.47 1.76
CA PHE B 403 18.50 11.69 1.40
C PHE B 403 19.75 11.89 2.23
N LEU B 404 19.89 11.20 3.36
CA LEU B 404 21.05 11.34 4.22
C LEU B 404 22.07 10.23 4.03
N ILE B 405 21.64 9.00 3.82
CA ILE B 405 22.57 7.92 3.50
C ILE B 405 23.25 8.20 2.16
N GLU B 406 22.46 8.59 1.16
CA GLU B 406 23.05 8.95 -0.12
C GLU B 406 23.94 10.17 -0.02
N ALA B 407 23.60 11.12 0.87
CA ALA B 407 24.48 12.25 1.09
C ALA B 407 25.82 11.82 1.68
N MET B 408 25.78 10.91 2.66
CA MET B 408 27.02 10.35 3.21
C MET B 408 27.87 9.71 2.14
N LYS B 409 27.24 8.84 1.33
CA LYS B 409 27.98 8.14 0.28
C LYS B 409 28.58 9.13 -0.71
N LEU B 410 27.78 10.12 -1.13
CA LEU B 410 28.24 11.11 -2.09
C LEU B 410 29.39 11.95 -1.56
N ILE B 411 29.34 12.36 -0.30
CA ILE B 411 30.42 13.16 0.27
C ILE B 411 31.69 12.33 0.46
N THR B 412 31.56 11.12 1.03
CA THR B 412 32.75 10.30 1.25
C THR B 412 33.43 9.94 -0.08
N LYS B 413 32.65 9.39 -1.01
CA LYS B 413 33.18 8.90 -2.27
C LYS B 413 33.81 10.01 -3.10
N GLU B 414 33.35 11.24 -2.96
CA GLU B 414 33.82 12.33 -3.80
C GLU B 414 34.64 13.38 -3.06
N VAL B 415 34.93 13.17 -1.78
CA VAL B 415 35.96 13.95 -1.09
C VAL B 415 37.16 13.10 -0.72
N LYS B 416 37.05 11.78 -0.72
CA LYS B 416 38.21 10.94 -0.47
C LYS B 416 38.68 10.16 -1.69
N TYR B 417 37.77 9.71 -2.55
CA TYR B 417 38.10 8.75 -3.59
C TYR B 417 38.12 9.35 -4.98
N LYS B 418 37.00 9.94 -5.43
CA LYS B 418 36.94 10.43 -6.81
C LYS B 418 37.60 11.80 -6.95
N GLN B 419 37.08 12.80 -6.25
CA GLN B 419 37.52 14.18 -6.41
C GLN B 419 38.46 14.63 -5.29
N ASN B 420 39.26 13.70 -4.74
CA ASN B 420 40.23 14.08 -3.71
C ASN B 420 41.34 14.96 -4.27
N HIS B 421 41.53 14.97 -5.58
CA HIS B 421 42.57 15.80 -6.19
C HIS B 421 42.25 17.29 -6.12
N LYS B 422 41.01 17.65 -5.81
CA LYS B 422 40.60 19.05 -5.69
C LYS B 422 40.66 19.56 -4.26
N VAL B 423 41.21 18.78 -3.33
CA VAL B 423 41.37 19.19 -1.95
C VAL B 423 42.82 19.62 -1.75
N LYS B 424 43.02 20.90 -1.43
CA LYS B 424 44.37 21.41 -1.21
C LYS B 424 44.85 21.05 0.18
N SER B 425 46.11 20.63 0.29
CA SER B 425 46.67 20.18 1.56
C SER B 425 46.71 21.31 2.58
N SER B 426 47.56 22.30 2.34
CA SER B 426 47.71 23.50 3.18
C SER B 426 47.65 23.17 4.66
N ARG B 427 48.40 22.13 5.05
CA ARG B 427 48.54 21.67 6.43
C ARG B 427 47.24 21.58 7.22
N GLN B 428 46.54 22.71 7.40
CA GLN B 428 45.33 22.71 8.23
C GLN B 428 44.24 21.84 7.62
N ILE B 429 44.06 21.94 6.30
CA ILE B 429 43.03 21.14 5.64
C ILE B 429 43.36 19.65 5.74
N THR B 430 44.64 19.30 5.67
CA THR B 430 45.01 17.90 5.86
C THR B 430 44.63 17.40 7.26
N LYS B 431 44.88 18.22 8.28
CA LYS B 431 44.51 17.82 9.64
C LYS B 431 42.99 17.66 9.77
N ARG B 432 42.23 18.60 9.21
CA ARG B 432 40.78 18.48 9.26
C ARG B 432 40.28 17.27 8.49
N PHE B 433 40.91 16.97 7.35
CA PHE B 433 40.56 15.79 6.57
C PHE B 433 40.83 14.51 7.36
N GLU B 434 41.97 14.46 8.06
CA GLU B 434 42.28 13.32 8.91
C GLU B 434 41.25 13.17 10.02
N GLU B 435 40.86 14.28 10.65
CA GLU B 435 39.89 14.21 11.73
C GLU B 435 38.52 13.75 11.24
N LEU B 436 38.06 14.31 10.11
CA LEU B 436 36.71 14.02 9.65
C LEU B 436 36.56 12.58 9.20
N PHE B 437 37.46 12.11 8.33
CA PHE B 437 37.42 10.74 7.84
C PHE B 437 38.70 10.39 7.09
N MET B 438 39.31 9.25 7.46
CA MET B 438 40.61 8.81 6.98
C MET B 438 40.98 7.41 7.48
N PRO B 439 40.73 7.06 8.77
CA PRO B 439 41.15 5.72 9.25
C PRO B 439 40.55 4.55 8.49
N ASP B 440 39.50 4.81 7.69
CA ASP B 440 38.85 3.82 6.84
C ASP B 440 38.04 2.82 7.66
N HIS B 441 38.17 2.87 8.98
CA HIS B 441 37.35 2.05 9.85
C HIS B 441 36.11 2.79 10.33
N ASN B 442 36.13 4.11 10.30
CA ASN B 442 34.97 4.95 10.57
C ASN B 442 34.99 6.07 9.54
N GLU B 443 34.37 5.83 8.39
CA GLU B 443 34.35 6.79 7.30
C GLU B 443 33.19 7.78 7.39
N ASN B 444 32.20 7.51 8.24
CA ASN B 444 31.04 8.36 8.40
C ASN B 444 30.98 9.01 9.78
N LYS B 445 32.11 9.05 10.50
CA LYS B 445 32.13 9.69 11.80
C LYS B 445 31.88 11.20 11.69
N TRP B 446 32.24 11.79 10.55
CA TRP B 446 31.90 13.20 10.32
C TRP B 446 30.40 13.41 10.28
N ALA B 447 29.64 12.41 9.83
CA ALA B 447 28.20 12.51 9.71
C ALA B 447 27.49 12.47 11.06
N ARG B 448 28.23 12.41 12.17
CA ARG B 448 27.65 12.60 13.49
C ARG B 448 27.47 14.07 13.85
N GLU B 449 27.88 14.98 12.95
CA GLU B 449 27.81 16.40 13.21
C GLU B 449 27.20 17.21 12.07
N TYR B 450 26.96 16.62 10.89
CA TYR B 450 26.54 17.38 9.73
C TYR B 450 25.29 16.80 9.07
N LEU B 451 24.60 15.88 9.74
CA LEU B 451 23.38 15.27 9.20
C LEU B 451 22.29 15.38 10.25
N TYR B 452 21.34 16.29 10.04
CA TYR B 452 20.35 16.59 11.08
C TYR B 452 18.92 16.30 10.61
N GLY B 453 18.71 15.14 9.99
CA GLY B 453 17.38 14.82 9.52
C GLY B 453 16.41 14.60 10.65
N CYS B 454 15.13 14.81 10.36
CA CYS B 454 14.05 14.66 11.32
C CYS B 454 12.99 13.72 10.75
N GLU B 455 12.10 13.26 11.64
CA GLU B 455 11.03 12.36 11.26
C GLU B 455 10.01 12.32 12.39
N ILE B 456 8.74 12.23 12.02
CA ILE B 456 7.63 12.23 12.97
C ILE B 456 7.24 10.82 13.40
N ASN B 457 7.53 9.80 12.59
CA ASN B 457 7.08 8.44 12.88
C ASN B 457 8.08 7.74 13.77
N PHE B 458 7.59 7.11 14.84
CA PHE B 458 8.47 6.43 15.78
C PHE B 458 9.17 5.24 15.13
N ASP B 459 8.40 4.41 14.42
CA ASP B 459 8.95 3.23 13.77
C ASP B 459 9.94 3.60 12.68
N LEU B 460 9.56 4.50 11.78
CA LEU B 460 10.48 4.96 10.74
C LEU B 460 11.63 5.75 11.33
N GLY B 461 11.41 6.42 12.46
CA GLY B 461 12.51 7.08 13.13
C GLY B 461 13.56 6.10 13.60
N THR B 462 13.12 5.02 14.26
CA THR B 462 14.07 4.00 14.71
C THR B 462 14.72 3.29 13.53
N ALA B 463 13.96 3.05 12.46
CA ALA B 463 14.53 2.43 11.27
C ALA B 463 15.60 3.32 10.65
N SER B 464 15.35 4.63 10.61
CA SER B 464 16.36 5.57 10.11
C SER B 464 17.58 5.58 11.01
N LYS B 465 17.39 5.51 12.33
CA LYS B 465 18.52 5.44 13.24
C LYS B 465 19.36 4.20 12.98
N VAL B 466 18.72 3.06 12.76
CA VAL B 466 19.47 1.83 12.50
C VAL B 466 20.16 1.89 11.14
N ASN B 467 19.48 2.42 10.13
CA ASN B 467 20.12 2.71 8.85
C ASN B 467 21.40 3.52 9.05
N MET B 468 21.30 4.56 9.87
CA MET B 468 22.41 5.49 10.04
C MET B 468 23.57 4.82 10.78
N ILE B 469 23.25 4.05 11.82
CA ILE B 469 24.28 3.41 12.63
C ILE B 469 24.99 2.32 11.84
N LEU B 470 24.23 1.48 11.15
CA LEU B 470 24.84 0.33 10.47
C LEU B 470 25.71 0.77 9.30
N HIS B 471 25.58 2.01 8.85
CA HIS B 471 26.43 2.54 7.79
C HIS B 471 27.69 3.22 8.33
N GLY B 472 27.98 3.07 9.61
CA GLY B 472 29.19 3.64 10.17
C GLY B 472 29.04 5.04 10.75
N ASP B 473 27.82 5.45 11.06
CA ASP B 473 27.55 6.76 11.63
C ASP B 473 26.83 6.58 12.96
N GLY B 474 26.70 7.67 13.70
CA GLY B 474 25.83 7.73 14.86
C GLY B 474 24.61 8.58 14.55
N SER B 475 23.45 8.09 14.98
CA SER B 475 22.18 8.76 14.72
C SER B 475 21.72 9.62 15.89
N ALA B 476 22.65 10.17 16.68
CA ALA B 476 22.27 11.02 17.79
C ALA B 476 21.54 12.27 17.30
N ASN B 477 22.03 12.86 16.22
CA ASN B 477 21.40 14.06 15.65
C ASN B 477 20.35 13.71 14.59
N ILE B 478 19.44 12.83 14.97
CA ILE B 478 18.23 12.55 14.21
C ILE B 478 17.08 12.48 15.21
N PHE B 479 16.04 13.29 14.98
CA PHE B 479 14.99 13.48 15.96
C PHE B 479 13.73 12.75 15.50
N VAL B 480 13.13 11.98 16.41
CA VAL B 480 11.99 11.13 16.10
C VAL B 480 10.71 11.89 16.46
N GLN B 481 10.84 13.20 16.63
CA GLN B 481 9.72 14.08 16.88
C GLN B 481 9.43 14.93 15.65
N ASP B 482 8.30 15.64 15.68
CA ASP B 482 7.81 16.40 14.54
C ASP B 482 8.86 17.36 13.99
N GLY B 483 8.85 17.57 12.67
CA GLY B 483 9.73 18.52 12.03
C GLY B 483 9.20 19.94 11.96
N LEU B 484 7.98 20.19 12.46
CA LEU B 484 7.41 21.53 12.50
C LEU B 484 7.07 21.85 13.96
N LEU B 485 8.07 22.34 14.68
CA LEU B 485 7.96 22.56 16.12
C LEU B 485 8.90 23.70 16.50
N PRO B 486 8.70 24.32 17.66
CA PRO B 486 9.66 25.32 18.12
C PRO B 486 11.06 24.73 18.21
N PHE B 487 12.05 25.56 17.85
CA PHE B 487 13.43 25.11 17.75
C PHE B 487 13.98 24.60 19.07
N ARG B 488 13.41 25.04 20.19
CA ARG B 488 13.85 24.58 21.51
C ARG B 488 13.43 23.15 21.82
N PHE B 489 12.59 22.54 20.98
CA PHE B 489 12.07 21.20 21.22
C PHE B 489 13.01 20.09 20.77
N TYR B 490 14.17 20.44 20.19
CA TYR B 490 15.10 19.46 19.63
C TYR B 490 16.36 19.46 20.48
N VAL B 491 16.44 18.53 21.42
CA VAL B 491 17.61 18.35 22.28
C VAL B 491 18.18 16.95 22.03
N LYS B 492 19.47 16.89 21.73
CA LYS B 492 20.09 15.59 21.41
C LYS B 492 20.48 14.83 22.67
N GLU B 493 21.45 15.38 23.42
CA GLU B 493 22.20 14.84 24.56
C GLU B 493 23.58 15.47 24.58
N THR B 494 24.14 15.73 23.40
CA THR B 494 25.50 16.26 23.27
C THR B 494 25.49 17.78 23.18
N SER B 495 26.68 18.36 23.03
CA SER B 495 26.82 19.82 22.99
C SER B 495 26.46 20.43 21.64
N PRO B 496 26.95 19.92 20.48
CA PRO B 496 26.63 20.57 19.21
C PRO B 496 25.23 20.21 18.75
N ASN B 497 24.31 21.15 18.85
CA ASN B 497 22.89 20.94 18.58
C ASN B 497 22.35 22.07 17.72
N TYR B 498 22.99 22.30 16.58
CA TYR B 498 22.62 23.37 15.64
C TYR B 498 21.12 23.51 15.45
N LEU B 499 20.39 22.40 15.43
CA LEU B 499 18.93 22.46 15.34
C LEU B 499 18.33 22.66 16.73
N GLU B 500 18.83 23.64 17.47
CA GLU B 500 18.21 24.04 18.73
C GLU B 500 18.09 25.55 18.87
N THR B 501 19.06 26.30 18.35
CA THR B 501 19.07 27.74 18.52
C THR B 501 17.94 28.39 17.73
N ALA B 502 17.53 29.57 18.18
CA ALA B 502 16.48 30.32 17.52
C ALA B 502 16.69 31.80 17.80
N SER B 503 16.11 32.63 16.93
CA SER B 503 16.23 34.08 17.06
C SER B 503 15.18 34.76 16.21
N PRO B 504 14.58 35.86 16.69
CA PRO B 504 13.61 36.59 15.87
C PRO B 504 14.29 37.26 14.69
N ASP B 505 13.55 37.38 13.59
CA ASP B 505 14.02 38.02 12.38
C ASP B 505 13.05 39.12 11.99
N ALA B 506 13.57 40.34 11.85
CA ALA B 506 12.71 41.49 11.53
C ALA B 506 12.06 41.33 10.16
N LEU B 507 12.83 40.86 9.17
CA LEU B 507 12.32 40.73 7.81
C LEU B 507 11.35 39.57 7.64
N TYR B 508 11.21 38.70 8.65
CA TYR B 508 10.33 37.52 8.58
C TYR B 508 9.44 37.49 9.82
N GLY B 509 8.35 38.26 9.77
CA GLY B 509 7.29 38.23 10.76
C GLY B 509 7.70 38.22 12.22
N ASP B 510 8.92 38.65 12.52
CA ASP B 510 9.48 38.60 13.88
C ASP B 510 9.35 37.19 14.46
N LYS B 511 9.79 36.21 13.70
CA LYS B 511 9.67 34.81 14.06
C LYS B 511 11.04 34.14 14.11
N GLU B 512 11.04 32.88 14.55
CA GLU B 512 12.28 32.17 14.80
C GLU B 512 12.95 31.75 13.49
N VAL B 513 14.28 31.93 13.44
CA VAL B 513 15.08 31.56 12.26
C VAL B 513 16.37 30.92 12.74
N ASN B 514 16.64 29.70 12.30
CA ASN B 514 17.90 29.00 12.59
C ASN B 514 18.79 29.12 11.35
N GLY B 515 19.41 30.28 11.19
CA GLY B 515 20.28 30.50 10.05
C GLY B 515 21.62 29.80 10.17
N LYS B 516 21.62 28.47 10.16
CA LYS B 516 22.84 27.70 10.31
C LYS B 516 22.98 26.55 9.33
N PHE B 517 21.90 26.06 8.74
CA PHE B 517 21.97 24.88 7.88
C PHE B 517 22.42 25.27 6.48
N ASP B 518 23.33 24.46 5.92
CA ASP B 518 23.90 24.79 4.61
C ASP B 518 22.94 24.45 3.47
N VAL B 519 22.49 23.21 3.40
CA VAL B 519 21.54 22.81 2.37
C VAL B 519 20.37 22.10 3.02
N VAL B 520 19.24 22.11 2.31
CA VAL B 520 18.03 21.42 2.75
C VAL B 520 17.55 20.55 1.59
N VAL B 521 17.57 19.24 1.78
CA VAL B 521 17.03 18.29 0.82
C VAL B 521 15.94 17.49 1.52
N SER B 522 14.78 17.39 0.88
CA SER B 522 13.64 16.74 1.52
C SER B 522 12.64 16.33 0.44
N ASN B 523 11.73 15.44 0.83
CA ASN B 523 10.59 15.04 0.00
C ASN B 523 9.34 15.14 0.86
N PRO B 524 8.77 16.34 0.98
CA PRO B 524 7.65 16.54 1.91
C PRO B 524 6.45 15.71 1.53
N PRO B 525 5.63 15.32 2.50
CA PRO B 525 4.39 14.59 2.17
C PRO B 525 3.48 15.43 1.29
N PHE B 526 2.79 14.73 0.38
CA PHE B 526 1.95 15.38 -0.61
C PHE B 526 0.63 15.91 -0.05
N SER B 527 0.15 15.37 1.07
CA SER B 527 -1.15 15.77 1.62
C SER B 527 -1.09 15.66 3.14
N VAL B 528 -0.90 16.79 3.80
CA VAL B 528 -0.91 16.85 5.27
C VAL B 528 -2.25 17.42 5.71
N ASP B 529 -3.00 16.63 6.48
CA ASP B 529 -4.27 17.06 7.05
C ASP B 529 -4.10 17.05 8.57
N LEU B 530 -3.74 18.20 9.13
CA LEU B 530 -3.37 18.27 10.53
C LEU B 530 -4.57 18.10 11.45
N ASP B 531 -4.27 17.75 12.70
CA ASP B 531 -5.29 17.60 13.73
C ASP B 531 -5.86 18.97 14.10
N THR B 532 -7.09 18.95 14.64
CA THR B 532 -7.75 20.19 15.05
C THR B 532 -7.02 20.87 16.20
N GLN B 533 -6.19 20.14 16.94
CA GLN B 533 -5.39 20.73 18.01
C GLN B 533 -3.92 20.89 17.65
N THR B 534 -3.41 20.12 16.68
CA THR B 534 -2.06 20.36 16.19
C THR B 534 -2.02 21.59 15.30
N GLN B 535 -3.14 21.93 14.65
CA GLN B 535 -3.20 23.14 13.85
C GLN B 535 -2.98 24.38 14.71
N ARG B 536 -3.62 24.42 15.88
CA ARG B 536 -3.58 25.63 16.70
C ARG B 536 -2.19 25.87 17.26
N GLU B 537 -1.40 24.81 17.43
CA GLU B 537 -0.10 24.96 18.07
C GLU B 537 0.98 25.46 17.12
N VAL B 538 0.70 25.61 15.82
CA VAL B 538 1.69 26.04 14.85
C VAL B 538 1.37 27.40 14.24
N ARG B 539 0.30 28.05 14.66
CA ARG B 539 0.01 29.40 14.15
C ARG B 539 0.67 30.47 15.00
N ASN B 540 1.96 30.28 15.27
CA ASN B 540 2.75 31.30 15.96
C ASN B 540 4.17 31.39 15.45
N ALA B 541 4.56 30.59 14.47
CA ALA B 541 5.90 30.61 13.93
C ALA B 541 5.93 30.60 12.41
N PHE B 542 4.76 30.58 11.75
CA PHE B 542 4.67 30.57 10.30
C PHE B 542 3.79 31.74 9.87
N LEU B 543 4.21 32.44 8.82
CA LEU B 543 3.44 33.58 8.32
C LEU B 543 2.08 33.14 7.82
N PHE B 544 2.02 32.00 7.13
CA PHE B 544 0.78 31.46 6.56
C PHE B 544 0.31 30.24 7.34
N GLY B 545 0.49 30.25 8.67
CA GLY B 545 0.15 29.09 9.48
C GLY B 545 -1.33 28.90 9.72
N ASP B 546 -2.17 29.53 8.90
CA ASP B 546 -3.61 29.38 9.05
C ASP B 546 -4.31 29.21 7.70
N LYS B 547 -3.59 28.77 6.67
CA LYS B 547 -4.17 28.65 5.33
C LYS B 547 -4.82 27.31 5.06
N LYS B 548 -4.78 26.38 6.02
CA LYS B 548 -5.34 25.04 5.86
C LYS B 548 -4.71 24.31 4.68
N ASN B 549 -3.43 24.60 4.44
CA ASN B 549 -2.66 24.03 3.35
C ASN B 549 -1.31 23.61 3.93
N SER B 550 -1.38 22.88 5.05
CA SER B 550 -0.24 22.62 5.93
C SER B 550 1.02 22.13 5.21
N GLU B 551 0.86 21.43 4.10
CA GLU B 551 2.02 20.86 3.42
C GLU B 551 2.92 21.94 2.82
N ASN B 552 2.42 23.17 2.69
CA ASN B 552 3.27 24.29 2.29
C ASN B 552 4.12 24.81 3.44
N LEU B 553 3.75 24.53 4.69
CA LEU B 553 4.51 24.99 5.84
C LEU B 553 5.97 24.57 5.73
N PHE B 554 6.21 23.37 5.22
CA PHE B 554 7.57 22.88 5.04
C PHE B 554 8.41 23.85 4.24
N ILE B 555 7.85 24.36 3.13
CA ILE B 555 8.57 25.37 2.36
C ILE B 555 8.94 26.55 3.24
N GLU B 556 7.97 27.05 4.01
CA GLU B 556 8.27 28.13 4.95
C GLU B 556 9.29 27.67 5.98
N ARG B 557 9.16 26.42 6.45
CA ARG B 557 10.15 25.87 7.36
C ARG B 557 11.54 25.93 6.75
N TYR B 558 11.64 25.71 5.44
CA TYR B 558 12.94 25.73 4.78
C TYR B 558 13.58 27.11 4.82
N TYR B 559 12.78 28.17 4.97
CA TYR B 559 13.37 29.50 5.15
C TYR B 559 13.92 29.68 6.55
N GLN B 560 13.36 29.00 7.54
CA GLN B 560 13.81 29.10 8.91
C GLN B 560 15.07 28.30 9.18
N LEU B 561 15.52 27.48 8.23
CA LEU B 561 16.67 26.61 8.42
C LEU B 561 17.90 27.05 7.66
N LEU B 562 17.73 27.61 6.46
CA LEU B 562 18.87 27.98 5.64
C LEU B 562 19.58 29.20 6.21
N LYS B 563 20.74 29.51 5.65
CA LYS B 563 21.64 30.49 6.24
C LYS B 563 22.03 31.61 5.28
N GLU B 564 21.05 32.19 4.59
CA GLU B 564 21.26 33.33 3.70
C GLU B 564 22.25 32.98 2.59
N GLY B 565 21.81 32.07 1.73
CA GLY B 565 22.64 31.58 0.66
C GLY B 565 22.69 30.07 0.67
N GLY B 566 21.73 29.45 1.36
CA GLY B 566 21.68 28.01 1.50
C GLY B 566 20.94 27.36 0.36
N ARG B 567 21.55 26.32 -0.21
CA ARG B 567 20.94 25.58 -1.30
C ARG B 567 19.70 24.85 -0.81
N LEU B 568 18.68 24.77 -1.67
CA LEU B 568 17.40 24.15 -1.31
C LEU B 568 16.91 23.31 -2.47
N GLY B 569 16.95 21.98 -2.30
CA GLY B 569 16.42 21.07 -3.30
C GLY B 569 15.27 20.25 -2.78
N VAL B 570 14.07 20.44 -3.35
CA VAL B 570 12.85 19.85 -2.81
C VAL B 570 12.08 19.15 -3.92
N VAL B 571 11.40 18.07 -3.56
CA VAL B 571 10.51 17.36 -4.47
C VAL B 571 9.10 17.83 -4.14
N LEU B 572 8.65 18.87 -4.84
CA LEU B 572 7.31 19.38 -4.57
C LEU B 572 6.31 18.79 -5.54
N PRO B 573 5.03 18.80 -5.19
CA PRO B 573 4.00 18.49 -6.19
C PRO B 573 3.89 19.62 -7.20
N GLU B 574 3.13 19.44 -8.27
CA GLU B 574 2.98 20.51 -9.25
C GLU B 574 1.80 21.41 -8.94
N SER B 575 1.04 21.14 -7.88
CA SER B 575 0.03 22.09 -7.42
C SER B 575 0.70 23.38 -6.94
N VAL B 576 1.87 23.26 -6.33
CA VAL B 576 2.62 24.41 -5.86
C VAL B 576 2.92 25.32 -7.04
N PHE B 577 3.36 24.73 -8.15
CA PHE B 577 3.68 25.51 -9.35
C PHE B 577 2.46 25.85 -10.21
N ASP B 578 1.29 25.24 -10.06
CA ASP B 578 0.22 25.46 -11.03
C ASP B 578 -1.03 26.10 -10.44
N THR B 579 -1.59 25.52 -9.38
CA THR B 579 -2.89 25.94 -8.90
C THR B 579 -2.81 27.33 -8.28
N THR B 580 -3.93 28.05 -8.33
CA THR B 580 -3.98 29.43 -7.88
C THR B 580 -4.04 29.56 -6.35
N GLU B 581 -4.58 28.56 -5.67
CA GLU B 581 -4.73 28.61 -4.22
C GLU B 581 -3.38 28.68 -3.52
N ASN B 582 -2.32 28.32 -4.23
CA ASN B 582 -0.96 28.35 -3.70
C ASN B 582 -0.19 29.60 -4.09
N LYS B 583 -0.85 30.59 -4.73
CA LYS B 583 -0.15 31.76 -5.21
C LYS B 583 0.70 32.40 -4.11
N TYR B 584 0.15 32.47 -2.88
CA TYR B 584 0.89 33.09 -1.79
C TYR B 584 2.23 32.41 -1.57
N ILE B 585 2.24 31.07 -1.53
CA ILE B 585 3.49 30.37 -1.27
C ILE B 585 4.43 30.47 -2.46
N ARG B 586 3.91 30.82 -3.64
CA ARG B 586 4.78 31.15 -4.76
C ARG B 586 5.38 32.55 -4.64
N LEU B 587 4.65 33.49 -4.05
CA LEU B 587 5.24 34.80 -3.79
C LEU B 587 6.32 34.73 -2.72
N PHE B 588 6.05 33.97 -1.65
CA PHE B 588 7.04 33.75 -0.60
C PHE B 588 8.36 33.29 -1.17
N ILE B 589 8.30 32.25 -2.01
CA ILE B 589 9.51 31.72 -2.63
C ILE B 589 10.17 32.77 -3.52
N PHE B 590 9.37 33.61 -4.17
CA PHE B 590 9.94 34.66 -5.00
C PHE B 590 10.43 35.85 -4.19
N LYS B 591 10.05 35.95 -2.92
CA LYS B 591 10.50 37.07 -2.08
C LYS B 591 11.81 36.74 -1.37
N TYR B 592 11.82 35.65 -0.60
CA TYR B 592 12.97 35.27 0.21
C TYR B 592 13.96 34.41 -0.55
N PHE B 593 13.50 33.56 -1.46
CA PHE B 593 14.39 32.67 -2.18
C PHE B 593 14.79 33.28 -3.52
N LYS B 594 15.60 32.55 -4.26
CA LYS B 594 16.24 32.99 -5.50
C LYS B 594 16.10 31.94 -6.58
N VAL B 595 14.86 31.52 -6.85
CA VAL B 595 14.52 30.33 -7.63
C VAL B 595 15.45 30.18 -8.81
N LYS B 596 16.03 28.99 -8.95
CA LYS B 596 17.19 28.81 -9.82
C LYS B 596 17.08 27.61 -10.74
N ALA B 597 16.25 26.62 -10.43
CA ALA B 597 16.07 25.48 -11.32
C ALA B 597 14.75 24.81 -11.01
N VAL B 598 14.04 24.41 -12.07
CA VAL B 598 12.81 23.65 -11.95
C VAL B 598 12.86 22.49 -12.95
N VAL B 599 12.65 21.28 -12.45
CA VAL B 599 12.69 20.07 -13.27
C VAL B 599 11.37 19.32 -13.12
N SER B 600 10.72 19.01 -14.23
CA SER B 600 9.43 18.32 -14.21
C SER B 600 9.66 16.82 -14.33
N LEU B 601 9.33 16.04 -13.24
CA LEU B 601 9.56 14.61 -13.33
C LEU B 601 8.29 13.90 -13.81
N PRO B 602 8.42 12.75 -14.47
CA PRO B 602 7.24 12.07 -15.01
C PRO B 602 6.28 11.58 -13.94
N GLN B 603 5.14 11.04 -14.36
CA GLN B 603 4.14 10.48 -13.45
C GLN B 603 4.40 9.01 -13.16
N VAL B 604 5.60 8.51 -13.51
CA VAL B 604 5.97 7.13 -13.30
C VAL B 604 6.99 7.00 -12.17
N THR B 605 7.57 8.11 -11.73
CA THR B 605 8.63 8.11 -10.72
C THR B 605 8.17 7.47 -9.41
N PHE B 606 6.97 7.80 -8.96
CA PHE B 606 6.46 7.35 -7.66
C PHE B 606 5.39 6.28 -7.83
N GLU B 607 5.52 5.47 -8.88
CA GLU B 607 4.60 4.39 -9.21
C GLU B 607 5.22 3.06 -8.78
N PRO B 608 4.42 2.07 -8.36
CA PRO B 608 2.96 1.98 -8.32
C PRO B 608 2.33 2.48 -7.02
N PHE B 609 2.99 3.40 -6.33
CA PHE B 609 2.45 3.98 -5.11
C PHE B 609 1.56 5.18 -5.37
N THR B 610 1.94 6.07 -6.28
CA THR B 610 1.11 7.19 -6.67
C THR B 610 1.51 7.74 -8.03
N SER B 611 0.55 8.13 -8.85
CA SER B 611 0.79 8.76 -10.14
C SER B 611 0.80 10.27 -10.02
N THR B 612 1.10 10.79 -8.84
CA THR B 612 1.09 12.23 -8.59
C THR B 612 2.29 12.86 -9.28
N LYS B 613 2.03 13.93 -10.03
CA LYS B 613 3.09 14.64 -10.73
C LYS B 613 4.00 15.33 -9.71
N THR B 614 5.28 15.43 -10.05
CA THR B 614 6.26 16.03 -9.15
C THR B 614 7.21 16.92 -9.94
N SER B 615 7.81 17.88 -9.22
CA SER B 615 8.83 18.74 -9.78
C SER B 615 9.89 18.99 -8.73
N LEU B 616 11.14 18.91 -9.17
CA LEU B 616 12.28 19.26 -8.32
C LEU B 616 12.52 20.76 -8.42
N LEU B 617 12.56 21.42 -7.27
CA LEU B 617 12.81 22.84 -7.17
C LEU B 617 14.17 23.04 -6.50
N PHE B 618 15.05 23.78 -7.17
CA PHE B 618 16.38 24.10 -6.69
C PHE B 618 16.46 25.61 -6.54
N ALA B 619 16.34 26.09 -5.31
CA ALA B 619 16.32 27.51 -5.01
C ALA B 619 17.34 27.84 -3.93
N GLN B 620 18.04 28.94 -4.12
CA GLN B 620 18.91 29.50 -3.10
C GLN B 620 18.11 30.44 -2.20
N LYS B 621 18.76 30.98 -1.18
CA LYS B 621 18.13 31.90 -0.25
C LYS B 621 18.80 33.27 -0.35
N LYS B 622 17.99 34.31 -0.47
CA LYS B 622 18.52 35.66 -0.60
C LYS B 622 19.19 36.09 0.70
N THR B 623 20.20 36.96 0.55
CA THR B 623 20.89 37.50 1.72
C THR B 623 19.99 38.50 2.44
N LYS B 624 20.55 39.11 3.49
CA LYS B 624 19.77 40.05 4.29
C LYS B 624 19.51 41.36 3.55
N GLU B 625 20.35 41.71 2.57
CA GLU B 625 20.15 42.94 1.81
C GLU B 625 19.23 42.76 0.61
N GLU B 626 19.24 41.57 0.00
CA GLU B 626 18.35 41.34 -1.13
C GLU B 626 16.89 41.38 -0.72
N VAL B 627 16.58 40.81 0.45
CA VAL B 627 15.20 40.83 0.94
C VAL B 627 14.74 42.25 1.20
N GLU B 628 15.60 43.09 1.78
CA GLU B 628 15.20 44.47 2.04
C GLU B 628 15.12 45.29 0.76
N GLN B 629 15.95 44.97 -0.25
CA GLN B 629 15.81 45.60 -1.54
C GLN B 629 14.47 45.25 -2.18
N TRP B 630 14.08 43.97 -2.09
CA TRP B 630 12.78 43.56 -2.59
C TRP B 630 11.66 44.27 -1.84
N ASN B 631 11.80 44.40 -0.52
CA ASN B 631 10.79 45.11 0.26
C ASN B 631 10.67 46.56 -0.15
N GLU B 632 11.80 47.23 -0.37
CA GLU B 632 11.78 48.64 -0.79
C GLU B 632 11.11 48.80 -2.15
N LEU B 633 11.48 47.94 -3.11
CA LEU B 633 10.86 48.01 -4.43
C LEU B 633 9.37 47.72 -4.35
N TRP B 634 8.98 46.72 -3.56
CA TRP B 634 7.58 46.38 -3.39
C TRP B 634 6.81 47.55 -2.80
N ASP B 635 7.36 48.21 -1.78
CA ASP B 635 6.66 49.33 -1.16
C ASP B 635 6.52 50.49 -2.12
N LYS B 636 7.59 50.81 -2.87
CA LYS B 636 7.52 51.92 -3.81
C LYS B 636 6.47 51.67 -4.89
N TYR B 637 6.53 50.50 -5.52
CA TYR B 637 5.57 50.21 -6.59
C TYR B 637 4.16 50.02 -6.05
N GLY B 638 4.00 49.58 -4.80
CA GLY B 638 2.68 49.53 -4.20
C GLY B 638 2.10 50.91 -3.94
N LYS B 639 2.94 51.85 -3.50
CA LYS B 639 2.49 53.23 -3.36
C LYS B 639 2.06 53.79 -4.71
N GLU B 640 2.84 53.51 -5.75
CA GLU B 640 2.47 53.92 -7.10
C GLU B 640 1.13 53.33 -7.50
N TRP B 641 0.94 52.04 -7.23
CA TRP B 641 -0.29 51.35 -7.57
C TRP B 641 -1.48 51.94 -6.84
N SER B 642 -1.31 52.27 -5.55
CA SER B 642 -2.39 52.88 -4.78
C SER B 642 -2.77 54.26 -5.31
N LEU B 643 -1.77 55.09 -5.63
CA LEU B 643 -2.08 56.40 -6.21
C LEU B 643 -2.79 56.24 -7.55
N LEU B 644 -2.33 55.31 -8.38
CA LEU B 644 -2.97 55.09 -9.67
C LEU B 644 -4.40 54.57 -9.51
N LYS B 645 -4.62 53.69 -8.54
CA LYS B 645 -5.97 53.17 -8.34
C LYS B 645 -6.92 54.26 -7.85
N THR B 646 -6.43 55.15 -6.99
CA THR B 646 -7.27 56.27 -6.57
C THR B 646 -7.61 57.17 -7.75
N ARG B 647 -6.60 57.51 -8.57
CA ARG B 647 -6.85 58.36 -9.73
C ARG B 647 -7.82 57.68 -10.71
N ILE B 648 -7.66 56.38 -10.92
CA ILE B 648 -8.49 55.67 -11.90
C ILE B 648 -9.92 55.54 -11.40
N ASN B 649 -10.12 55.26 -10.11
CA ASN B 649 -11.49 55.17 -9.63
C ASN B 649 -12.16 56.54 -9.58
N ASP B 650 -11.40 57.61 -9.33
CA ASP B 650 -11.97 58.95 -9.46
C ASP B 650 -12.37 59.24 -10.91
N TYR B 651 -11.52 58.85 -11.87
CA TYR B 651 -11.88 58.99 -13.28
C TYR B 651 -13.17 58.24 -13.59
N PHE B 652 -13.24 56.97 -13.18
CA PHE B 652 -14.40 56.15 -13.48
C PHE B 652 -15.65 56.72 -12.82
N SER B 653 -15.51 57.30 -11.63
CA SER B 653 -16.63 57.97 -10.99
C SER B 653 -17.10 59.15 -11.81
N TYR B 654 -16.16 59.96 -12.32
CA TYR B 654 -16.53 61.13 -13.10
C TYR B 654 -17.20 60.75 -14.42
N PHE B 655 -16.55 59.85 -15.17
CA PHE B 655 -17.12 59.38 -16.44
C PHE B 655 -18.14 58.28 -16.19
N VAL B 656 -18.53 57.59 -17.26
CA VAL B 656 -19.56 56.54 -17.28
C VAL B 656 -20.69 56.84 -16.30
N LYS B 657 -20.49 56.55 -15.01
CA LYS B 657 -21.48 56.82 -13.97
C LYS B 657 -21.97 58.26 -14.03
N GLY B 658 -21.03 59.21 -14.01
CA GLY B 658 -21.37 60.60 -14.19
C GLY B 658 -21.54 61.36 -12.90
N ARG B 659 -20.53 62.14 -12.52
CA ARG B 659 -20.57 62.98 -11.35
C ARG B 659 -20.36 64.44 -11.74
N PRO B 660 -21.02 65.38 -11.06
CA PRO B 660 -20.74 66.81 -11.31
C PRO B 660 -19.48 67.25 -10.58
N LEU B 661 -18.35 66.68 -11.00
CA LEU B 661 -17.07 66.79 -10.29
C LEU B 661 -17.30 66.32 -8.86
N ASN B 662 -16.52 66.84 -7.90
CA ASN B 662 -16.69 66.49 -6.50
C ASN B 662 -15.90 67.46 -5.64
N LYS B 663 -15.82 67.21 -4.33
CA LYS B 663 -15.14 68.10 -3.41
C LYS B 663 -13.62 67.97 -3.51
N LYS B 664 -13.08 68.20 -4.71
CA LYS B 664 -11.64 68.16 -4.94
C LYS B 664 -11.09 66.79 -4.50
N TRP B 665 -11.43 65.74 -5.25
CA TRP B 665 -10.93 64.39 -5.02
C TRP B 665 -9.46 64.40 -4.63
N ALA B 666 -8.63 65.04 -5.46
CA ALA B 666 -7.20 65.18 -5.21
C ALA B 666 -6.67 66.31 -6.08
N PRO B 667 -5.53 66.92 -5.71
CA PRO B 667 -5.00 68.03 -6.52
C PRO B 667 -4.69 67.64 -7.96
N ASP B 668 -4.21 66.42 -8.17
CA ASP B 668 -3.84 65.97 -9.50
C ASP B 668 -5.04 65.60 -10.35
N VAL B 669 -5.98 64.84 -9.78
CA VAL B 669 -7.14 64.39 -10.55
C VAL B 669 -8.01 65.57 -10.95
N VAL B 670 -8.31 66.48 -10.01
CA VAL B 670 -9.01 67.69 -10.38
C VAL B 670 -7.99 68.78 -10.66
N LYS B 671 -7.35 68.72 -11.82
CA LYS B 671 -6.61 69.84 -12.37
C LYS B 671 -6.76 69.91 -13.89
N ASP B 672 -7.41 68.92 -14.50
CA ASP B 672 -7.51 68.83 -15.95
C ASP B 672 -8.90 68.46 -16.44
N ILE B 673 -9.80 68.00 -15.56
CA ILE B 673 -11.17 67.70 -15.98
C ILE B 673 -11.84 68.96 -16.52
N GLN B 674 -11.69 70.07 -15.80
CA GLN B 674 -12.16 71.35 -16.32
C GLN B 674 -11.34 71.79 -17.53
N GLU B 675 -10.03 71.51 -17.50
CA GLU B 675 -9.14 71.92 -18.59
C GLU B 675 -9.17 70.96 -19.78
N GLY B 676 -9.76 69.79 -19.64
CA GLY B 676 -9.87 68.86 -20.75
C GLY B 676 -8.59 68.21 -21.19
N ASN B 677 -7.53 68.28 -20.38
CA ASN B 677 -6.27 67.63 -20.74
C ASN B 677 -6.41 66.12 -20.68
N GLU B 678 -5.94 65.44 -21.73
CA GLU B 678 -6.10 64.00 -21.86
C GLU B 678 -4.79 63.22 -21.84
N ASP B 679 -3.65 63.85 -22.12
CA ASP B 679 -2.39 63.13 -22.15
C ASP B 679 -2.06 62.56 -20.77
N ASN B 680 -2.26 63.35 -19.72
CA ASN B 680 -2.04 62.85 -18.37
C ASN B 680 -3.00 61.71 -18.04
N ILE B 681 -4.27 61.86 -18.43
CA ILE B 681 -5.24 60.79 -18.22
C ILE B 681 -4.84 59.55 -19.00
N ARG B 682 -4.40 59.73 -20.24
CA ARG B 682 -3.96 58.60 -21.05
C ARG B 682 -2.81 57.86 -20.39
N LYS B 683 -1.79 58.59 -19.92
CA LYS B 683 -0.64 57.94 -19.33
C LYS B 683 -0.99 57.28 -18.00
N ASN B 684 -1.89 57.89 -17.22
CA ASN B 684 -2.29 57.28 -15.96
C ASN B 684 -3.06 55.99 -16.21
N ILE B 685 -3.98 55.99 -17.17
CA ILE B 685 -4.72 54.76 -17.49
C ILE B 685 -3.77 53.71 -18.02
N PHE B 686 -2.79 54.11 -18.84
CA PHE B 686 -1.82 53.15 -19.36
C PHE B 686 -0.99 52.53 -18.24
N ARG B 687 -0.56 53.35 -17.26
CA ARG B 687 0.19 52.81 -16.14
C ARG B 687 -0.65 51.87 -15.30
N PHE B 688 -1.90 52.25 -15.01
CA PHE B 688 -2.77 51.38 -14.23
C PHE B 688 -3.25 50.17 -15.02
N LEU B 689 -3.14 50.20 -16.35
CA LEU B 689 -3.50 49.08 -17.20
C LEU B 689 -2.30 48.62 -18.00
N LYS B 690 -1.15 48.47 -17.32
CA LYS B 690 0.11 48.18 -17.99
C LYS B 690 0.09 46.83 -18.71
N ASP B 691 -0.85 45.95 -18.39
CA ASP B 691 -0.91 44.64 -19.00
C ASP B 691 -2.09 44.48 -19.95
N HIS B 692 -3.28 44.91 -19.54
CA HIS B 692 -4.47 44.80 -20.40
C HIS B 692 -4.63 46.03 -21.28
N ILE B 693 -3.60 46.36 -22.04
CA ILE B 693 -3.65 47.49 -22.98
C ILE B 693 -3.15 46.99 -24.33
N LYS B 694 -3.88 47.34 -25.38
CA LYS B 694 -3.51 46.98 -26.74
C LYS B 694 -3.06 48.21 -27.51
N GLU B 695 -2.56 47.99 -28.73
CA GLU B 695 -2.08 49.08 -29.56
C GLU B 695 -3.18 49.72 -30.40
N GLU B 696 -4.35 49.07 -30.52
CA GLU B 696 -5.45 49.63 -31.29
C GLU B 696 -6.35 50.54 -30.46
N ASP B 697 -6.16 50.56 -29.15
CA ASP B 697 -7.02 51.34 -28.25
C ASP B 697 -6.43 52.69 -27.89
N LYS B 698 -5.27 53.04 -28.45
CA LYS B 698 -4.67 54.34 -28.13
C LYS B 698 -5.53 55.50 -28.64
N ASN B 699 -6.10 55.36 -29.84
CA ASN B 699 -6.92 56.41 -30.41
C ASN B 699 -8.31 56.48 -29.79
N LEU B 700 -8.74 55.41 -29.12
CA LEU B 700 -10.10 55.36 -28.59
C LEU B 700 -10.25 56.33 -27.43
N GLU B 701 -11.41 56.97 -27.34
CA GLU B 701 -11.64 58.03 -26.36
C GLU B 701 -11.87 57.45 -24.97
N ILE B 702 -11.76 58.32 -23.97
CA ILE B 702 -11.79 57.89 -22.57
C ILE B 702 -13.14 57.26 -22.23
N LYS B 703 -14.22 57.86 -22.73
CA LYS B 703 -15.57 57.42 -22.35
C LYS B 703 -15.79 55.94 -22.62
N ASP B 704 -15.38 55.48 -23.81
CA ASP B 704 -15.49 54.07 -24.14
C ASP B 704 -14.24 53.27 -23.81
N LEU B 705 -13.11 53.93 -23.58
CA LEU B 705 -11.92 53.22 -23.14
C LEU B 705 -12.11 52.67 -21.73
N LEU B 706 -12.75 53.44 -20.86
CA LEU B 706 -13.06 52.97 -19.52
C LEU B 706 -14.17 51.93 -19.49
N ILE B 707 -14.85 51.72 -20.61
CA ILE B 707 -15.83 50.66 -20.75
C ILE B 707 -15.21 49.39 -21.32
N LYS B 708 -14.32 49.53 -22.30
CA LYS B 708 -13.64 48.37 -22.86
C LYS B 708 -12.83 47.64 -21.80
N TYR B 709 -11.98 48.37 -21.08
CA TYR B 709 -11.24 47.81 -19.95
C TYR B 709 -11.94 48.24 -18.67
N ALA B 710 -13.07 47.60 -18.39
CA ALA B 710 -13.83 47.85 -17.18
C ALA B 710 -13.75 46.72 -16.17
N GLU B 711 -13.89 45.47 -16.61
CA GLU B 711 -13.69 44.34 -15.71
C GLU B 711 -12.26 44.27 -15.21
N GLU B 712 -11.29 44.55 -16.09
CA GLU B 712 -9.89 44.53 -15.69
C GLU B 712 -9.59 45.59 -14.63
N ILE B 713 -10.16 46.79 -14.80
CA ILE B 713 -9.97 47.84 -13.81
C ILE B 713 -10.57 47.42 -12.47
N SER B 714 -11.76 46.83 -12.50
CA SER B 714 -12.39 46.39 -11.26
C SER B 714 -11.70 45.18 -10.65
N SER B 715 -10.79 44.54 -11.39
CA SER B 715 -10.06 43.38 -10.90
C SER B 715 -8.64 43.73 -10.47
N ILE B 716 -7.90 44.47 -11.31
CA ILE B 716 -6.55 44.87 -10.98
C ILE B 716 -6.51 45.89 -9.84
N SER B 717 -7.66 46.44 -9.45
CA SER B 717 -7.76 47.36 -8.33
C SER B 717 -7.99 46.65 -7.01
N LYS B 718 -8.22 45.34 -7.03
CA LYS B 718 -8.49 44.58 -5.83
C LYS B 718 -7.19 44.27 -5.09
N HIS B 719 -7.29 44.21 -3.76
CA HIS B 719 -6.17 43.84 -2.91
C HIS B 719 -6.26 42.38 -2.54
N GLU B 720 -5.24 41.89 -1.83
CA GLU B 720 -5.23 40.46 -1.39
C GLU B 720 -6.07 40.33 -0.12
N LYS B 721 -7.10 39.49 -0.16
CA LYS B 721 -7.97 39.27 1.03
C LYS B 721 -7.10 38.90 2.23
N GLU B 722 -6.16 37.98 2.05
CA GLU B 722 -5.30 37.51 3.18
C GLU B 722 -3.84 37.86 2.90
N THR B 723 -2.90 37.17 3.57
CA THR B 723 -1.46 37.39 3.36
C THR B 723 -1.18 38.87 3.18
N ASP B 724 -1.65 39.71 4.10
CA ASP B 724 -1.36 41.17 4.02
C ASP B 724 0.14 41.38 4.24
N VAL B 725 0.90 40.30 4.43
CA VAL B 725 2.35 40.42 4.54
C VAL B 725 2.91 41.31 3.43
N PHE B 726 2.15 41.50 2.35
CA PHE B 726 2.55 42.30 1.20
C PHE B 726 2.08 43.74 1.29
N GLY B 727 1.07 44.02 2.11
CA GLY B 727 0.64 45.38 2.39
C GLY B 727 -0.40 45.94 1.44
N PHE B 728 -1.43 45.15 1.14
CA PHE B 728 -2.64 45.58 0.43
C PHE B 728 -2.37 45.93 -1.02
N TYR B 729 -1.09 46.06 -1.40
CA TYR B 729 -0.70 46.22 -2.78
C TYR B 729 -1.04 44.98 -3.60
N ASN B 730 -1.61 45.17 -4.79
CA ASN B 730 -1.89 44.07 -5.70
C ASN B 730 -0.62 43.28 -6.00
N ALA B 731 -0.69 41.96 -5.86
CA ALA B 731 0.51 41.13 -6.04
C ALA B 731 1.00 41.15 -7.47
N TRP B 732 0.09 41.06 -8.44
CA TRP B 732 0.50 40.91 -9.84
C TRP B 732 1.16 42.18 -10.36
N TRP B 733 0.53 43.34 -10.13
CA TRP B 733 1.07 44.59 -10.63
C TRP B 733 2.44 44.90 -10.04
N VAL B 734 2.54 44.87 -8.71
CA VAL B 734 3.79 45.18 -8.04
C VAL B 734 4.84 44.13 -8.35
N PHE B 735 4.44 42.86 -8.44
CA PHE B 735 5.38 41.80 -8.74
C PHE B 735 5.97 41.96 -10.12
N GLY B 736 5.13 42.28 -11.12
CA GLY B 736 5.66 42.52 -12.45
C GLY B 736 6.60 43.72 -12.48
N GLU B 737 6.24 44.80 -11.78
CA GLU B 737 7.12 45.96 -11.75
C GLU B 737 8.45 45.63 -11.10
N VAL B 738 8.44 44.86 -10.01
CA VAL B 738 9.68 44.50 -9.32
C VAL B 738 10.52 43.59 -10.20
N ALA B 739 9.89 42.59 -10.82
CA ALA B 739 10.62 41.63 -11.64
C ALA B 739 11.21 42.32 -12.87
N LYS B 740 10.58 43.40 -13.34
CA LYS B 740 11.15 44.15 -14.45
C LYS B 740 12.50 44.75 -14.09
N GLU B 741 12.64 45.23 -12.85
CA GLU B 741 13.91 45.85 -12.44
C GLU B 741 14.97 44.79 -12.16
N LEU B 742 14.74 43.93 -11.17
CA LEU B 742 15.66 42.85 -10.85
C LEU B 742 15.19 41.58 -11.54
N ASP B 743 16.05 41.00 -12.37
CA ASP B 743 15.69 39.84 -13.18
C ASP B 743 16.89 38.91 -13.27
N TYR B 744 16.63 37.62 -13.15
CA TYR B 744 17.64 36.58 -13.22
C TYR B 744 17.10 35.42 -14.04
N PRO B 745 17.97 34.66 -14.70
CA PRO B 745 17.50 33.49 -15.44
C PRO B 745 17.06 32.38 -14.51
N ILE B 746 16.12 31.56 -15.01
CA ILE B 746 15.59 30.43 -14.26
C ILE B 746 15.66 29.22 -15.19
N PHE B 747 16.63 28.35 -14.96
CA PHE B 747 16.73 27.11 -15.71
C PHE B 747 15.52 26.23 -15.46
N MET B 748 14.90 25.77 -16.54
CA MET B 748 13.75 24.87 -16.45
C MET B 748 13.97 23.71 -17.42
N ALA B 749 13.57 22.52 -17.02
CA ALA B 749 13.81 21.33 -17.82
C ALA B 749 12.73 20.30 -17.55
N GLU B 750 12.64 19.31 -18.43
CA GLU B 750 11.67 18.23 -18.33
C GLU B 750 12.37 16.89 -18.47
N ALA B 751 11.86 15.90 -17.76
CA ALA B 751 12.37 14.53 -17.85
C ALA B 751 11.29 13.64 -18.43
N GLU B 752 11.65 12.89 -19.48
CA GLU B 752 10.71 11.94 -20.07
C GLU B 752 10.73 10.62 -19.32
N ASN B 753 11.92 10.11 -19.02
CA ASN B 753 12.09 8.89 -18.26
C ASN B 753 13.18 9.09 -17.21
N VAL B 754 13.12 8.30 -16.15
CA VAL B 754 14.02 8.43 -15.02
C VAL B 754 14.89 7.19 -14.84
N GLY B 755 15.02 6.37 -15.87
CA GLY B 755 15.85 5.19 -15.79
C GLY B 755 15.11 3.94 -15.36
N TYR B 756 14.32 4.04 -14.30
CA TYR B 756 13.59 2.90 -13.77
C TYR B 756 12.11 3.00 -14.13
N LYS B 757 11.44 1.84 -14.14
CA LYS B 757 9.99 1.78 -14.16
C LYS B 757 9.58 0.69 -13.18
N ARG B 758 9.37 1.05 -11.92
CA ARG B 758 8.96 0.10 -10.91
C ARG B 758 7.46 -0.14 -10.99
N THR B 759 7.08 -1.37 -10.65
CA THR B 759 5.68 -1.78 -10.67
C THR B 759 5.48 -2.87 -9.63
N LYS B 760 4.22 -3.27 -9.45
CA LYS B 760 3.85 -4.18 -8.37
C LYS B 760 4.42 -5.58 -8.59
N LYS B 761 5.24 -5.75 -9.61
CA LYS B 761 5.93 -7.00 -9.85
C LYS B 761 7.44 -6.87 -9.78
N GLY B 762 7.98 -5.67 -9.96
CA GLY B 762 9.41 -5.48 -9.88
C GLY B 762 9.85 -4.25 -10.64
N GLU B 763 11.17 -4.11 -10.76
CA GLU B 763 11.77 -2.97 -11.45
C GLU B 763 12.06 -3.33 -12.90
N LYS B 764 12.38 -2.34 -13.73
CA LYS B 764 12.64 -2.53 -15.14
C LYS B 764 13.41 -1.33 -15.68
N PRO B 765 14.55 -1.53 -16.35
CA PRO B 765 15.33 -0.41 -16.83
C PRO B 765 14.65 0.34 -17.97
N MET B 766 14.84 1.66 -17.98
CA MET B 766 14.36 2.55 -19.02
C MET B 766 15.45 3.57 -19.35
N PRO B 767 15.40 4.23 -20.51
CA PRO B 767 16.42 5.22 -20.84
C PRO B 767 16.39 6.41 -19.89
N ASN B 768 17.42 6.55 -19.07
CA ASN B 768 17.49 7.63 -18.09
C ASN B 768 17.77 8.95 -18.80
N ASP B 769 16.95 9.96 -18.52
CA ASP B 769 17.17 11.30 -19.03
C ASP B 769 17.83 12.22 -18.03
N LEU B 770 17.69 11.92 -16.73
CA LEU B 770 18.29 12.79 -15.71
C LEU B 770 19.81 12.72 -15.77
N TYR B 771 20.38 11.52 -15.78
CA TYR B 771 21.82 11.36 -15.70
C TYR B 771 22.25 10.09 -16.43
N ASP B 772 23.54 10.01 -16.69
CA ASP B 772 24.16 8.87 -17.35
C ASP B 772 25.21 8.26 -16.44
N LEU B 773 25.26 6.94 -16.38
CA LEU B 773 26.23 6.25 -15.54
C LEU B 773 27.62 6.25 -16.18
N GLU B 774 28.63 6.12 -15.34
CA GLU B 774 30.01 6.14 -15.82
C GLU B 774 30.35 4.91 -16.63
N TYR B 775 29.86 3.74 -16.22
CA TYR B 775 30.16 2.47 -16.87
C TYR B 775 31.66 2.17 -16.79
N ALA B 776 32.46 2.84 -17.61
CA ALA B 776 33.90 2.67 -17.55
C ALA B 776 34.46 3.43 -16.36
N PRO B 777 35.08 2.74 -15.39
CA PRO B 777 35.62 3.45 -14.23
C PRO B 777 36.80 4.35 -14.61
N SER B 778 36.92 5.45 -13.87
CA SER B 778 38.06 6.34 -14.06
C SER B 778 39.36 5.65 -13.68
N THR B 779 39.35 4.90 -12.59
CA THR B 779 40.51 4.13 -12.14
C THR B 779 40.16 2.64 -12.15
N LEU B 780 41.06 1.84 -12.71
CA LEU B 780 40.89 0.40 -12.78
C LEU B 780 42.19 -0.27 -12.38
N ASP B 781 42.11 -1.27 -11.51
CA ASP B 781 43.28 -2.04 -11.13
C ASP B 781 43.63 -3.00 -12.25
N CYS B 782 44.41 -2.52 -13.23
CA CYS B 782 44.67 -3.29 -14.44
C CYS B 782 45.42 -4.59 -14.12
N GLU B 783 46.39 -4.52 -13.22
CA GLU B 783 47.14 -5.73 -12.87
C GLU B 783 46.24 -6.76 -12.18
N LYS B 784 45.27 -6.29 -11.38
CA LYS B 784 44.34 -7.22 -10.74
C LYS B 784 43.50 -7.94 -11.79
N VAL B 785 43.00 -7.21 -12.79
CA VAL B 785 42.19 -7.82 -13.84
C VAL B 785 43.03 -8.80 -14.65
N LEU B 786 44.25 -8.41 -15.01
CA LEU B 786 45.12 -9.30 -15.76
C LEU B 786 45.44 -10.56 -14.97
N SER B 787 45.69 -10.42 -13.66
CA SER B 787 45.98 -11.59 -12.83
C SER B 787 44.76 -12.49 -12.69
N SER B 788 43.57 -11.90 -12.61
CA SER B 788 42.35 -12.71 -12.55
C SER B 788 42.16 -13.52 -13.83
N PHE B 789 42.37 -12.88 -14.99
CA PHE B 789 42.27 -13.61 -16.24
C PHE B 789 43.35 -14.68 -16.35
N ASP B 790 44.56 -14.36 -15.89
CA ASP B 790 45.64 -15.36 -15.91
C ASP B 790 45.29 -16.54 -15.01
N ILE B 791 44.69 -16.28 -13.85
CA ILE B 791 44.30 -17.34 -12.94
C ILE B 791 43.24 -18.23 -13.57
N GLU B 792 42.23 -17.62 -14.20
CA GLU B 792 41.17 -18.45 -14.79
C GLU B 792 41.69 -19.26 -15.97
N ILE B 793 42.53 -18.66 -16.82
CA ILE B 793 43.06 -19.41 -17.96
C ILE B 793 44.01 -20.50 -17.47
N ASN B 794 44.76 -20.24 -16.40
CA ASN B 794 45.64 -21.27 -15.84
C ASN B 794 44.83 -22.42 -15.25
N ALA B 795 43.71 -22.10 -14.61
CA ALA B 795 42.83 -23.15 -14.08
C ALA B 795 42.26 -24.02 -15.21
N LEU B 796 41.79 -23.37 -16.28
CA LEU B 796 41.29 -24.14 -17.42
C LEU B 796 42.39 -24.96 -18.07
N GLU B 797 43.61 -24.41 -18.17
CA GLU B 797 44.72 -25.17 -18.72
C GLU B 797 45.11 -26.34 -17.84
N ALA B 798 45.04 -26.17 -16.52
CA ALA B 798 45.31 -27.30 -15.61
C ALA B 798 44.25 -28.38 -15.76
N SER B 799 42.98 -27.98 -15.91
CA SER B 799 41.94 -28.97 -16.16
C SER B 799 42.18 -29.70 -17.47
N LYS B 800 42.57 -28.96 -18.51
CA LYS B 800 42.88 -29.58 -19.80
C LYS B 800 44.04 -30.56 -19.68
N THR B 801 45.08 -30.18 -18.93
CA THR B 801 46.23 -31.07 -18.75
C THR B 801 45.84 -32.33 -17.98
N LYS B 802 45.03 -32.17 -16.93
CA LYS B 802 44.58 -33.34 -16.17
C LYS B 802 43.75 -34.28 -17.05
N LEU B 803 42.84 -33.71 -17.85
CA LEU B 803 42.02 -34.56 -18.71
C LEU B 803 42.82 -35.14 -19.86
N SER B 804 43.90 -34.47 -20.28
CA SER B 804 44.78 -35.04 -21.29
C SER B 804 45.58 -36.20 -20.73
N VAL B 805 46.02 -36.09 -19.48
CA VAL B 805 46.68 -37.22 -18.82
C VAL B 805 45.72 -38.38 -18.68
N GLU B 806 44.46 -38.09 -18.32
CA GLU B 806 43.44 -39.13 -18.26
C GLU B 806 43.22 -39.78 -19.62
N LYS B 807 43.21 -38.97 -20.68
CA LYS B 807 43.05 -39.50 -22.03
C LYS B 807 44.22 -40.39 -22.42
N GLY B 808 45.44 -39.98 -22.06
CA GLY B 808 46.59 -40.82 -22.34
C GLY B 808 46.54 -42.14 -21.59
N LEU B 809 46.12 -42.10 -20.32
CA LEU B 809 45.98 -43.33 -19.55
C LEU B 809 44.92 -44.25 -20.17
N LEU B 810 43.79 -43.67 -20.60
CA LEU B 810 42.73 -44.47 -21.21
C LEU B 810 43.19 -45.04 -22.55
N GLU B 811 43.95 -44.28 -23.32
CA GLU B 811 44.52 -44.81 -24.57
C GLU B 811 45.47 -45.97 -24.29
N GLU B 812 46.31 -45.83 -23.27
CA GLU B 812 47.21 -46.92 -22.90
C GLU B 812 46.43 -48.15 -22.48
N LYS B 813 45.35 -47.97 -21.73
CA LYS B 813 44.50 -49.09 -21.35
C LYS B 813 43.85 -49.73 -22.57
N LEU B 814 43.39 -48.91 -23.52
CA LEU B 814 42.77 -49.43 -24.73
C LEU B 814 43.77 -50.21 -25.58
N LYS B 815 45.03 -49.81 -25.56
CA LYS B 815 46.04 -50.46 -26.40
C LYS B 815 46.23 -51.94 -26.07
N ASP B 816 45.89 -52.36 -24.85
CA ASP B 816 46.12 -53.75 -24.43
C ASP B 816 44.91 -54.32 -23.71
N LYS B 817 43.72 -54.13 -24.30
CA LYS B 817 42.49 -54.68 -23.75
C LYS B 817 41.69 -55.34 -24.87
N GLU B 818 40.71 -56.16 -24.46
CA GLU B 818 39.90 -56.93 -25.39
C GLU B 818 38.53 -56.28 -25.58
N ASP B 819 37.80 -56.79 -26.57
CA ASP B 819 36.60 -56.12 -27.07
C ASP B 819 35.54 -55.97 -25.99
N LYS B 820 35.37 -57.00 -25.16
CA LYS B 820 34.32 -57.00 -24.14
C LYS B 820 34.38 -55.76 -23.28
N GLU B 821 35.59 -55.36 -22.87
CA GLU B 821 35.79 -54.09 -22.18
C GLU B 821 36.19 -52.97 -23.13
N ASN B 822 36.67 -53.29 -24.33
CA ASN B 822 37.04 -52.25 -25.28
C ASN B 822 35.85 -51.44 -25.73
N GLU B 823 34.65 -52.01 -25.70
CA GLU B 823 33.46 -51.23 -26.03
C GLU B 823 33.30 -50.05 -25.07
N LYS B 824 33.29 -50.34 -23.76
CA LYS B 824 33.19 -49.28 -22.77
C LYS B 824 34.40 -48.35 -22.82
N ILE B 825 35.59 -48.91 -23.07
CA ILE B 825 36.79 -48.08 -23.13
C ILE B 825 36.69 -47.10 -24.28
N GLN B 826 36.25 -47.55 -25.45
CA GLN B 826 36.12 -46.66 -26.60
C GLN B 826 35.00 -45.65 -26.39
N LYS B 827 33.95 -46.04 -25.66
CA LYS B 827 32.93 -45.07 -25.28
C LYS B 827 33.55 -43.96 -24.42
N ARG B 828 34.37 -44.33 -23.45
CA ARG B 828 35.06 -43.33 -22.64
C ARG B 828 35.99 -42.46 -23.49
N LEU B 829 36.71 -43.07 -24.43
CA LEU B 829 37.61 -42.31 -25.28
C LEU B 829 36.86 -41.30 -26.14
N ASN B 830 35.71 -41.69 -26.70
CA ASN B 830 34.96 -40.71 -27.50
C ASN B 830 34.38 -39.62 -26.61
N LYS B 831 33.87 -39.98 -25.43
CA LYS B 831 33.38 -38.97 -24.49
C LYS B 831 34.46 -37.95 -24.19
N ILE B 832 35.64 -38.41 -23.80
CA ILE B 832 36.71 -37.49 -23.46
C ILE B 832 37.24 -36.77 -24.68
N SER B 833 37.13 -37.37 -25.87
CA SER B 833 37.61 -36.69 -27.08
C SER B 833 36.76 -35.47 -27.40
N GLU B 834 35.44 -35.64 -27.43
CA GLU B 834 34.59 -34.46 -27.61
C GLU B 834 34.65 -33.50 -26.42
N LEU B 835 34.84 -34.02 -25.20
CA LEU B 835 34.98 -33.14 -24.05
C LEU B 835 36.22 -32.27 -24.18
N LEU B 836 37.33 -32.85 -24.60
CA LEU B 836 38.58 -32.10 -24.76
C LEU B 836 38.52 -31.16 -25.95
N GLU B 837 37.82 -31.54 -27.02
CA GLU B 837 37.66 -30.61 -28.14
C GLU B 837 36.80 -29.42 -27.73
N THR B 838 35.76 -29.65 -26.92
CA THR B 838 34.98 -28.53 -26.39
C THR B 838 35.82 -27.65 -25.48
N ILE B 839 36.66 -28.26 -24.66
CA ILE B 839 37.54 -27.48 -23.79
C ILE B 839 38.53 -26.67 -24.61
N GLU B 840 39.05 -27.24 -25.70
CA GLU B 840 39.97 -26.51 -26.56
C GLU B 840 39.28 -25.33 -27.23
N ASN B 841 38.03 -25.53 -27.69
CA ASN B 841 37.29 -24.42 -28.27
C ASN B 841 37.04 -23.33 -27.24
N GLN B 842 36.67 -23.71 -26.02
CA GLN B 842 36.47 -22.74 -24.96
C GLN B 842 37.76 -21.99 -24.64
N LEU B 843 38.88 -22.70 -24.61
CA LEU B 843 40.17 -22.07 -24.35
C LEU B 843 40.53 -21.08 -25.44
N ASP B 844 40.26 -21.44 -26.70
CA ASP B 844 40.53 -20.51 -27.80
C ASP B 844 39.66 -19.27 -27.69
N SER B 845 38.38 -19.45 -27.35
CA SER B 845 37.49 -18.31 -27.17
C SER B 845 37.97 -17.41 -26.04
N ILE B 846 38.38 -18.00 -24.92
CA ILE B 846 38.87 -17.21 -23.80
C ILE B 846 40.17 -16.51 -24.14
N ARG B 847 41.03 -17.15 -24.93
CA ARG B 847 42.26 -16.50 -25.37
C ARG B 847 41.95 -15.29 -26.26
N SER B 848 40.97 -15.43 -27.16
CA SER B 848 40.56 -14.30 -27.97
C SER B 848 40.00 -13.17 -27.11
N LYS B 849 39.18 -13.53 -26.10
CA LYS B 849 38.66 -12.54 -25.18
C LYS B 849 39.78 -11.83 -24.44
N LYS B 850 40.78 -12.59 -23.98
CA LYS B 850 41.93 -12.01 -23.30
C LYS B 850 42.68 -11.06 -24.19
N LEU B 851 42.93 -11.45 -25.44
CA LEU B 851 43.63 -10.59 -26.38
C LEU B 851 42.86 -9.29 -26.61
N GLU B 852 41.55 -9.39 -26.78
CA GLU B 852 40.72 -8.20 -26.85
C GLU B 852 40.84 -7.36 -25.59
N VAL B 853 41.02 -8.01 -24.44
CA VAL B 853 41.17 -7.28 -23.18
C VAL B 853 42.45 -6.46 -23.18
N GLU B 854 43.58 -7.06 -23.56
CA GLU B 854 44.80 -6.26 -23.63
C GLU B 854 44.66 -5.15 -24.66
N GLY B 855 44.01 -5.44 -25.79
CA GLY B 855 43.84 -4.41 -26.80
C GLY B 855 43.08 -3.21 -26.28
N ILE B 856 41.94 -3.46 -25.61
CA ILE B 856 41.11 -2.37 -25.12
C ILE B 856 41.81 -1.62 -23.99
N LEU B 857 42.50 -2.35 -23.11
CA LEU B 857 43.15 -1.71 -21.97
C LEU B 857 44.33 -0.86 -22.42
N GLU B 858 45.06 -1.32 -23.44
CA GLU B 858 46.15 -0.51 -23.97
C GLU B 858 45.64 0.66 -24.80
N LYS B 859 44.49 0.51 -25.47
CA LYS B 859 43.97 1.60 -26.28
C LYS B 859 43.34 2.70 -25.42
N TYR B 860 42.71 2.35 -24.31
CA TYR B 860 41.98 3.32 -23.51
C TYR B 860 42.63 3.60 -22.16
N TYR B 861 42.88 2.57 -21.35
CA TYR B 861 43.16 2.80 -19.93
C TYR B 861 44.62 3.14 -19.68
N GLU B 862 45.54 2.46 -20.36
CA GLU B 862 46.98 2.73 -20.29
C GLU B 862 47.43 2.45 -18.86
N ASN B 863 47.92 3.43 -18.08
CA ASN B 863 48.55 3.10 -16.80
C ASN B 863 47.53 3.16 -15.66
N ASN B 864 46.58 2.23 -15.69
CA ASN B 864 45.60 2.06 -14.61
C ASN B 864 44.80 3.33 -14.37
N LYS B 865 44.46 4.02 -15.46
CA LYS B 865 43.67 5.25 -15.41
C LYS B 865 42.77 5.26 -16.64
N LEU B 866 42.23 6.43 -16.98
CA LEU B 866 41.48 6.58 -18.22
C LEU B 866 41.86 7.92 -18.83
N LYS B 867 42.28 7.89 -20.10
CA LYS B 867 42.80 9.09 -20.75
C LYS B 867 41.71 10.14 -20.92
N GLU B 868 42.12 11.40 -20.93
CA GLU B 868 41.17 12.50 -20.94
C GLU B 868 40.38 12.59 -22.24
N GLU B 869 40.78 11.84 -23.27
CA GLU B 869 40.01 11.82 -24.51
C GLU B 869 38.61 11.26 -24.28
N TYR B 870 38.45 10.38 -23.29
CA TYR B 870 37.18 9.74 -23.02
C TYR B 870 36.69 9.98 -21.59
N SER B 871 37.16 11.03 -20.93
CA SER B 871 36.66 11.33 -19.58
C SER B 871 35.18 11.66 -19.61
N GLU B 872 34.66 12.12 -20.73
CA GLU B 872 33.23 12.38 -20.88
C GLU B 872 32.43 11.13 -21.19
N ARG B 873 33.10 10.01 -21.48
CA ARG B 873 32.45 8.75 -21.83
C ARG B 873 31.45 8.94 -22.98
N ASP B 874 31.82 9.81 -23.93
CA ASP B 874 30.97 10.03 -25.08
C ASP B 874 31.13 8.94 -26.13
N ASP B 875 32.25 8.22 -26.10
CA ASP B 875 32.48 7.16 -27.07
C ASP B 875 31.56 5.98 -26.78
N GLU B 876 30.76 5.61 -27.78
CA GLU B 876 29.81 4.51 -27.61
C GLU B 876 30.52 3.18 -27.44
N GLU B 877 31.64 2.98 -28.14
CA GLU B 877 32.30 1.68 -28.14
C GLU B 877 32.75 1.29 -26.74
N LEU B 878 33.39 2.21 -26.02
CA LEU B 878 33.95 1.89 -24.71
C LEU B 878 32.86 1.49 -23.72
N ILE B 879 31.84 2.33 -23.58
CA ILE B 879 30.78 2.05 -22.62
C ILE B 879 29.97 0.82 -23.03
N ASN B 880 29.79 0.63 -24.34
CA ASN B 880 29.03 -0.52 -24.82
C ASN B 880 29.79 -1.82 -24.55
N HIS B 881 31.10 -1.83 -24.78
CA HIS B 881 31.87 -3.06 -24.59
C HIS B 881 32.08 -3.34 -23.11
N PHE B 882 32.18 -2.30 -22.29
CA PHE B 882 32.16 -2.52 -20.84
C PHE B 882 30.82 -3.06 -20.38
N LYS B 883 29.73 -2.66 -21.03
CA LYS B 883 28.42 -3.23 -20.75
C LYS B 883 28.24 -4.51 -21.56
N HIS B 884 29.23 -5.42 -21.48
CA HIS B 884 29.26 -6.64 -22.27
C HIS B 884 30.46 -7.47 -21.82
N GLY B 885 30.34 -8.78 -21.99
CA GLY B 885 31.46 -9.66 -21.76
C GLY B 885 31.86 -9.76 -20.29
N VAL B 886 33.13 -10.09 -20.08
CA VAL B 886 33.68 -10.30 -18.75
C VAL B 886 33.99 -9.00 -18.02
N LEU B 887 34.17 -7.89 -18.75
CA LEU B 887 34.39 -6.60 -18.10
C LEU B 887 33.16 -6.13 -17.33
N TYR B 888 32.00 -6.76 -17.55
CA TYR B 888 30.80 -6.43 -16.79
C TYR B 888 30.99 -6.68 -15.30
N GLN B 889 31.91 -7.59 -14.94
CA GLN B 889 32.11 -7.93 -13.53
C GLN B 889 32.66 -6.74 -12.75
N TYR B 890 33.65 -6.04 -13.30
CA TYR B 890 34.23 -4.91 -12.60
C TYR B 890 33.34 -3.67 -12.72
N ARG B 891 33.15 -3.17 -13.95
CA ARG B 891 32.18 -2.13 -14.24
C ARG B 891 32.36 -0.89 -13.39
N SER B 892 31.37 0.00 -13.41
CA SER B 892 31.29 1.14 -12.51
C SER B 892 29.89 1.71 -12.54
N GLU B 893 29.24 1.80 -11.38
CA GLU B 893 27.89 2.34 -11.26
C GLU B 893 28.01 3.65 -10.49
N ASP B 894 28.30 4.73 -11.20
CA ASP B 894 28.48 6.04 -10.61
C ASP B 894 27.98 7.08 -11.60
N ILE B 895 27.34 8.13 -11.06
CA ILE B 895 26.80 9.17 -11.92
C ILE B 895 27.94 9.92 -12.60
N LEU B 896 27.89 9.99 -13.93
CA LEU B 896 28.92 10.67 -14.69
C LEU B 896 28.71 12.18 -14.62
N LEU B 897 29.76 12.91 -14.28
CA LEU B 897 29.73 14.37 -14.16
C LEU B 897 30.53 14.94 -15.33
N ARG B 898 29.86 15.13 -16.47
CA ARG B 898 30.51 15.67 -17.64
C ARG B 898 30.85 17.14 -17.45
N ASN B 899 31.85 17.61 -18.19
CA ASN B 899 32.30 18.98 -18.09
C ASN B 899 32.35 19.73 -19.42
N LYS B 900 32.42 19.04 -20.56
CA LYS B 900 32.45 19.70 -21.86
C LYS B 900 31.21 19.40 -22.69
N THR B 901 30.92 18.12 -22.92
CA THR B 901 29.73 17.74 -23.68
C THR B 901 28.53 17.65 -22.74
N VAL B 902 27.40 18.16 -23.20
CA VAL B 902 26.18 18.22 -22.40
C VAL B 902 25.02 17.70 -23.24
N HIS B 903 24.71 16.41 -23.11
CA HIS B 903 23.43 15.86 -23.54
C HIS B 903 22.90 15.00 -22.39
N LYS B 904 22.31 15.67 -21.41
CA LYS B 904 21.65 15.13 -20.22
C LYS B 904 21.09 16.31 -19.44
N ILE B 905 20.11 16.04 -18.58
CA ILE B 905 19.57 17.09 -17.72
C ILE B 905 20.62 17.51 -16.69
N LEU B 906 21.22 16.52 -16.02
CA LEU B 906 22.18 16.82 -14.95
C LEU B 906 23.44 17.47 -15.50
N ASP B 907 23.94 16.99 -16.64
CA ASP B 907 25.16 17.51 -17.21
C ASP B 907 25.06 18.98 -17.59
N GLU B 908 23.84 19.46 -17.84
CA GLU B 908 23.64 20.87 -18.16
C GLU B 908 23.12 21.68 -16.98
N ILE B 909 22.42 21.06 -16.03
CA ILE B 909 22.01 21.79 -14.84
C ILE B 909 23.21 22.05 -13.94
N ARG B 910 24.28 21.27 -14.08
CA ARG B 910 25.50 21.57 -13.33
C ARG B 910 26.39 22.60 -14.02
N GLN B 911 26.03 23.08 -15.20
CA GLN B 911 26.83 24.10 -15.88
C GLN B 911 26.08 25.40 -16.10
N GLY B 912 24.85 25.34 -16.61
CA GLY B 912 24.08 26.57 -16.79
C GLY B 912 23.71 27.24 -15.49
N VAL B 913 23.35 26.44 -14.48
CA VAL B 913 22.96 26.99 -13.19
C VAL B 913 24.20 27.44 -12.43
N ILE B 914 24.16 28.67 -11.91
CA ILE B 914 25.25 29.24 -11.14
C ILE B 914 24.71 29.52 -9.74
N TRP B 915 25.34 28.94 -8.73
CA TRP B 915 24.92 29.16 -7.35
C TRP B 915 25.77 30.26 -6.72
N ASP B 916 25.10 31.23 -6.13
CA ASP B 916 25.79 32.38 -5.52
C ASP B 916 26.59 31.95 -4.30
N GLY C 2 -31.32 -14.60 -11.87
CA GLY C 2 -30.38 -15.26 -12.75
C GLY C 2 -30.96 -16.50 -13.42
N LEU C 3 -30.51 -17.67 -12.99
CA LEU C 3 -30.98 -18.93 -13.55
C LEU C 3 -31.24 -19.90 -12.40
N ILE C 4 -32.11 -20.88 -12.67
CA ILE C 4 -32.48 -21.87 -11.67
C ILE C 4 -32.11 -23.23 -12.25
N GLN C 5 -30.98 -23.28 -12.96
CA GLN C 5 -30.46 -24.49 -13.57
C GLN C 5 -30.33 -25.62 -12.56
N ARG C 6 -30.83 -26.80 -12.92
CA ARG C 6 -30.71 -27.99 -12.09
C ARG C 6 -30.05 -29.10 -12.88
N ARG C 7 -29.05 -29.74 -12.29
CA ARG C 7 -28.31 -30.81 -12.94
C ARG C 7 -28.24 -32.01 -12.00
N ASN C 8 -27.54 -33.06 -12.43
CA ASN C 8 -27.54 -34.33 -11.68
C ASN C 8 -26.12 -34.87 -11.54
N PHE C 9 -25.60 -34.94 -10.32
CA PHE C 9 -24.23 -35.40 -10.03
C PHE C 9 -23.60 -35.94 -11.26
N SER C 10 -24.03 -37.14 -11.66
CA SER C 10 -23.44 -37.79 -12.84
C SER C 10 -22.77 -36.74 -13.73
N THR C 11 -23.55 -35.86 -14.33
CA THR C 11 -23.03 -34.87 -15.27
C THR C 11 -21.61 -34.52 -14.98
N PHE C 12 -21.29 -34.10 -13.76
CA PHE C 12 -19.91 -33.61 -13.49
C PHE C 12 -18.91 -34.68 -13.76
N ALA C 13 -19.34 -35.88 -14.19
CA ALA C 13 -18.40 -36.97 -14.57
C ALA C 13 -17.73 -36.59 -15.87
N SER C 14 -18.50 -35.87 -16.68
CA SER C 14 -18.00 -35.46 -18.00
C SER C 14 -16.68 -34.70 -17.88
N GLU C 15 -15.76 -34.92 -18.81
CA GLU C 15 -14.46 -34.27 -19.05
C GLU C 15 -13.46 -34.67 -17.96
N PRO C 16 -12.18 -34.86 -18.30
CA PRO C 16 -11.21 -35.39 -17.33
C PRO C 16 -10.70 -34.38 -16.31
N SER C 17 -11.63 -33.61 -15.74
CA SER C 17 -11.24 -32.70 -14.63
C SER C 17 -12.44 -32.57 -13.69
N VAL C 18 -13.39 -33.50 -13.76
CA VAL C 18 -14.65 -33.41 -12.96
C VAL C 18 -14.92 -31.97 -12.53
N ARG C 19 -15.04 -31.02 -13.46
CA ARG C 19 -15.23 -29.59 -13.05
C ARG C 19 -16.75 -29.34 -12.93
N PHE C 20 -17.17 -28.46 -12.01
CA PHE C 20 -18.60 -28.20 -11.92
C PHE C 20 -18.88 -26.72 -11.69
N ASP C 21 -18.13 -25.85 -12.36
CA ASP C 21 -18.49 -24.43 -12.34
C ASP C 21 -19.78 -24.22 -13.14
N PHE C 22 -20.43 -23.08 -12.90
CA PHE C 22 -21.78 -22.87 -13.42
C PHE C 22 -21.79 -22.79 -14.94
N ASN C 23 -20.77 -22.16 -15.54
CA ASN C 23 -20.76 -21.95 -16.98
C ASN C 23 -20.69 -23.26 -17.75
N TYR C 24 -19.72 -24.11 -17.36
CA TYR C 24 -19.54 -25.40 -18.05
C TYR C 24 -20.85 -26.19 -17.99
N MET C 25 -21.37 -26.36 -16.77
CA MET C 25 -22.62 -27.10 -16.60
C MET C 25 -23.80 -26.44 -17.28
N LYS C 26 -23.72 -25.14 -17.56
CA LYS C 26 -24.71 -24.49 -18.39
C LYS C 26 -24.56 -24.88 -19.85
N SER C 27 -23.33 -25.19 -20.26
CA SER C 27 -23.09 -25.54 -21.66
C SER C 27 -23.33 -27.02 -21.96
N VAL C 28 -23.36 -27.87 -20.94
CA VAL C 28 -23.41 -29.31 -21.18
C VAL C 28 -24.68 -29.72 -21.90
N THR C 29 -25.83 -29.61 -21.22
CA THR C 29 -27.15 -29.99 -21.69
C THR C 29 -27.24 -31.43 -22.19
N PRO C 30 -28.41 -32.06 -22.10
CA PRO C 30 -28.60 -33.33 -22.81
C PRO C 30 -28.60 -33.10 -24.31
N THR C 31 -28.08 -34.09 -25.04
CA THR C 31 -27.97 -34.00 -26.49
C THR C 31 -28.60 -35.21 -27.15
N THR C 32 -29.23 -34.98 -28.30
CA THR C 32 -29.86 -36.05 -29.07
C THR C 32 -29.34 -36.03 -30.51
N GLU C 33 -28.82 -34.89 -30.94
CA GLU C 33 -28.38 -34.71 -32.31
C GLU C 33 -26.96 -35.27 -32.47
N GLU C 34 -26.33 -34.95 -33.60
CA GLU C 34 -24.98 -35.42 -33.91
C GLU C 34 -23.96 -34.88 -32.90
N TYR C 35 -22.78 -35.49 -32.92
CA TYR C 35 -21.74 -35.14 -31.96
C TYR C 35 -20.48 -34.59 -32.60
N TYR C 36 -19.86 -35.33 -33.52
CA TYR C 36 -18.45 -35.16 -33.86
C TYR C 36 -17.51 -34.92 -32.69
N THR C 37 -16.21 -34.89 -32.99
CA THR C 37 -15.16 -34.54 -32.05
C THR C 37 -14.15 -33.67 -32.79
N TYR C 38 -12.98 -33.46 -32.18
CA TYR C 38 -11.92 -32.74 -32.86
C TYR C 38 -11.28 -33.56 -33.97
N LYS C 39 -11.57 -34.86 -34.02
CA LYS C 39 -10.90 -35.75 -34.96
C LYS C 39 -11.17 -35.36 -36.41
N SER C 40 -12.43 -35.43 -36.83
CA SER C 40 -12.79 -35.27 -38.24
C SER C 40 -13.03 -33.79 -38.52
N LEU C 41 -11.99 -32.98 -38.30
CA LEU C 41 -12.04 -31.53 -38.44
C LEU C 41 -10.64 -30.95 -38.39
N PHE C 42 -10.27 -30.40 -37.23
CA PHE C 42 -8.98 -29.77 -37.01
C PHE C 42 -8.03 -30.69 -36.24
N GLU C 43 -6.83 -30.19 -35.97
CA GLU C 43 -5.81 -30.95 -35.24
C GLU C 43 -4.86 -29.95 -34.59
N VAL C 44 -4.69 -30.06 -33.27
CA VAL C 44 -3.76 -29.17 -32.57
C VAL C 44 -2.33 -29.46 -33.03
N VAL C 45 -1.54 -28.40 -33.12
CA VAL C 45 -0.14 -28.48 -33.55
C VAL C 45 0.73 -28.11 -32.35
N PRO C 46 1.73 -28.91 -32.00
CA PRO C 46 2.65 -28.51 -30.93
C PRO C 46 3.48 -27.31 -31.32
N SER C 47 3.89 -26.54 -30.31
CA SER C 47 4.69 -25.36 -30.54
C SER C 47 6.13 -25.74 -30.87
N THR C 48 6.86 -24.78 -31.43
CA THR C 48 8.26 -25.00 -31.77
C THR C 48 8.98 -23.65 -31.78
N VAL C 49 10.29 -23.70 -31.58
CA VAL C 49 11.13 -22.50 -31.61
C VAL C 49 11.54 -22.24 -33.05
N PRO C 50 11.33 -21.02 -33.56
CA PRO C 50 11.70 -20.74 -34.95
C PRO C 50 13.14 -20.29 -35.09
N THR C 51 13.71 -20.50 -36.26
CA THR C 51 15.09 -20.07 -36.55
C THR C 51 15.10 -18.62 -37.06
N LEU C 52 15.13 -17.69 -36.11
CA LEU C 52 15.16 -16.27 -36.44
C LEU C 52 16.49 -15.89 -37.09
N ASP C 53 16.41 -15.08 -38.14
CA ASP C 53 17.58 -14.61 -38.84
C ASP C 53 17.94 -13.24 -38.28
N GLU C 54 19.17 -13.10 -37.78
CA GLU C 54 19.60 -11.84 -37.17
C GLU C 54 20.29 -10.94 -38.20
N SER C 55 19.58 -10.69 -39.30
CA SER C 55 20.05 -9.73 -40.29
C SER C 55 18.95 -8.91 -40.94
N GLU C 56 17.69 -9.29 -40.82
CA GLU C 56 16.59 -8.63 -41.51
C GLU C 56 15.48 -8.33 -40.51
N PRO C 57 14.69 -7.29 -40.76
CA PRO C 57 13.59 -6.97 -39.84
C PRO C 57 12.43 -7.92 -39.98
N PHE C 58 12.16 -8.70 -38.93
CA PHE C 58 11.05 -9.64 -38.93
C PHE C 58 9.80 -8.97 -38.36
N LYS C 59 8.76 -9.76 -38.11
CA LYS C 59 7.53 -9.25 -37.55
C LYS C 59 7.17 -10.06 -36.30
N TYR C 60 6.23 -9.53 -35.53
CA TYR C 60 5.79 -10.17 -34.30
C TYR C 60 4.36 -9.72 -34.02
N ALA C 61 3.64 -10.53 -33.25
CA ALA C 61 2.24 -10.24 -33.00
C ALA C 61 1.77 -10.74 -31.64
N GLU C 62 1.36 -9.83 -30.78
CA GLU C 62 0.78 -10.17 -29.48
C GLU C 62 -0.70 -10.48 -29.64
N ILE C 63 -1.41 -10.61 -28.52
CA ILE C 63 -2.86 -10.72 -28.51
C ILE C 63 -3.54 -9.36 -28.65
N GLY C 64 -2.92 -8.29 -28.16
CA GLY C 64 -3.47 -6.96 -28.32
C GLY C 64 -3.20 -6.41 -29.71
N HIS C 65 -2.23 -7.00 -30.41
CA HIS C 65 -1.92 -6.59 -31.77
C HIS C 65 -2.92 -7.16 -32.75
N VAL C 66 -3.76 -8.08 -32.27
CA VAL C 66 -4.82 -8.67 -33.08
C VAL C 66 -6.13 -8.00 -32.68
N SER C 67 -7.12 -8.01 -33.57
CA SER C 67 -8.38 -7.34 -33.30
C SER C 67 -9.50 -8.36 -33.33
N LYS C 68 -10.70 -7.93 -32.94
CA LYS C 68 -11.87 -8.80 -32.90
C LYS C 68 -12.27 -9.23 -34.30
N ASN C 69 -11.75 -8.55 -35.32
CA ASN C 69 -12.04 -8.86 -36.71
C ASN C 69 -10.96 -9.75 -37.35
N GLY C 70 -10.03 -10.25 -36.56
CA GLY C 70 -8.98 -11.10 -37.09
C GLY C 70 -8.01 -10.38 -38.01
N GLU C 71 -7.71 -9.12 -37.71
CA GLU C 71 -6.79 -8.31 -38.51
C GLU C 71 -5.55 -8.06 -37.67
N VAL C 72 -4.49 -8.83 -37.93
CA VAL C 72 -3.25 -8.67 -37.18
C VAL C 72 -2.58 -7.36 -37.57
N PHE C 73 -1.95 -6.71 -36.59
CA PHE C 73 -1.19 -5.48 -36.80
C PHE C 73 0.21 -5.69 -36.25
N PRO C 74 1.06 -6.40 -36.98
CA PRO C 74 2.37 -6.78 -36.45
C PRO C 74 3.30 -5.58 -36.28
N VAL C 75 4.24 -5.72 -35.35
CA VAL C 75 5.29 -4.76 -35.15
C VAL C 75 6.57 -5.30 -35.78
N THR C 76 7.46 -4.38 -36.16
CA THR C 76 8.68 -4.73 -36.90
C THR C 76 9.90 -4.55 -35.99
N LEU C 77 10.44 -5.67 -35.52
CA LEU C 77 11.67 -5.67 -34.74
C LEU C 77 12.85 -6.06 -35.62
N SER C 78 14.06 -5.82 -35.12
CA SER C 78 15.25 -5.98 -35.96
C SER C 78 16.39 -6.80 -35.35
N PHE C 79 16.52 -6.87 -34.02
CA PHE C 79 17.67 -7.46 -33.34
C PHE C 79 18.94 -6.62 -33.49
N GLU C 80 18.87 -5.52 -34.24
CA GLU C 80 19.96 -4.54 -34.25
C GLU C 80 19.62 -3.29 -33.47
N ASP C 81 18.37 -3.16 -32.98
CA ASP C 81 17.96 -2.01 -32.19
C ASP C 81 18.11 -2.28 -30.69
N ARG C 82 17.41 -3.30 -30.18
CA ARG C 82 17.46 -3.68 -28.78
C ARG C 82 17.23 -2.49 -27.86
N ASP C 83 16.33 -1.59 -28.24
CA ASP C 83 16.02 -0.45 -27.41
C ASP C 83 15.27 -0.89 -26.15
N GLU C 84 15.47 -0.13 -25.08
CA GLU C 84 14.84 -0.46 -23.80
C GLU C 84 13.33 -0.27 -23.82
N LEU C 85 12.79 0.42 -24.83
CA LEU C 85 11.34 0.55 -24.98
C LEU C 85 10.70 -0.75 -25.47
N ASN C 86 11.34 -1.42 -26.44
CA ASN C 86 10.89 -2.72 -26.91
C ASN C 86 11.69 -3.88 -26.34
N GLU C 87 12.49 -3.63 -25.30
CA GLU C 87 13.34 -4.66 -24.71
C GLU C 87 12.52 -5.83 -24.19
N ASP C 88 11.30 -5.56 -23.72
CA ASP C 88 10.42 -6.61 -23.23
C ASP C 88 10.08 -7.61 -24.32
N LEU C 89 9.80 -7.10 -25.53
CA LEU C 89 9.50 -7.98 -26.65
C LEU C 89 10.69 -8.88 -26.98
N PHE C 90 11.89 -8.30 -27.05
CA PHE C 90 13.07 -9.08 -27.35
C PHE C 90 13.34 -10.12 -26.27
N LYS C 91 13.12 -9.74 -25.00
CA LYS C 91 13.35 -10.67 -23.91
C LYS C 91 12.38 -11.84 -23.97
N LYS C 92 11.10 -11.57 -24.25
CA LYS C 92 10.14 -12.66 -24.29
C LYS C 92 10.34 -13.52 -25.54
N ILE C 93 10.91 -12.94 -26.60
CA ILE C 93 11.29 -13.75 -27.77
C ILE C 93 12.44 -14.68 -27.43
N GLU C 94 13.47 -14.14 -26.76
CA GLU C 94 14.61 -14.95 -26.36
C GLU C 94 14.20 -16.03 -25.36
N LYS C 95 13.16 -15.76 -24.58
CA LYS C 95 12.64 -16.74 -23.63
C LYS C 95 12.13 -17.99 -24.35
N GLY C 96 11.48 -17.80 -25.50
CA GLY C 96 10.90 -18.90 -26.23
C GLY C 96 9.41 -18.78 -26.40
N ASP C 97 8.91 -17.54 -26.44
CA ASP C 97 7.49 -17.25 -26.56
C ASP C 97 7.13 -16.88 -27.99
N ILE C 98 7.78 -17.49 -28.97
CA ILE C 98 7.63 -17.13 -30.37
C ILE C 98 7.54 -18.39 -31.21
N PHE C 99 6.65 -18.36 -32.22
CA PHE C 99 6.58 -19.42 -33.21
C PHE C 99 6.12 -18.81 -34.53
N LEU C 100 6.09 -19.65 -35.57
CA LEU C 100 5.75 -19.20 -36.92
C LEU C 100 4.66 -20.10 -37.50
N PRO C 101 3.50 -19.56 -37.85
CA PRO C 101 2.43 -20.38 -38.42
C PRO C 101 2.80 -20.97 -39.77
N GLU C 102 2.22 -22.13 -40.07
CA GLU C 102 2.60 -22.93 -41.24
C GLU C 102 1.67 -22.73 -42.42
N ARG C 103 1.18 -21.50 -42.61
CA ARG C 103 0.48 -21.09 -43.84
C ARG C 103 -0.76 -21.94 -44.09
N GLY C 104 -1.77 -21.82 -43.22
CA GLY C 104 -2.98 -22.66 -43.39
C GLY C 104 -3.62 -22.99 -42.05
N ASN C 105 -2.95 -22.67 -40.95
CA ASN C 105 -3.54 -22.87 -39.64
C ASN C 105 -4.40 -21.67 -39.24
N ILE C 106 -5.23 -21.88 -38.22
CA ILE C 106 -6.13 -20.82 -37.75
C ILE C 106 -5.84 -20.52 -36.29
N LEU C 107 -4.95 -19.55 -36.04
CA LEU C 107 -4.50 -19.28 -34.68
C LEU C 107 -5.64 -18.77 -33.80
N ILE C 108 -5.76 -19.35 -32.62
CA ILE C 108 -6.78 -18.97 -31.64
C ILE C 108 -6.10 -18.54 -30.36
N SER C 109 -6.54 -17.41 -29.81
CA SER C 109 -5.99 -16.88 -28.57
C SER C 109 -6.55 -17.65 -27.39
N ALA C 110 -5.69 -17.91 -26.42
CA ALA C 110 -6.07 -18.69 -25.23
C ALA C 110 -6.73 -17.80 -24.19
N ILE C 111 -6.15 -16.62 -23.95
CA ILE C 111 -6.64 -15.72 -22.91
C ILE C 111 -7.85 -14.95 -23.42
N ARG C 112 -8.98 -15.06 -22.71
CA ARG C 112 -10.22 -14.39 -23.06
C ARG C 112 -10.62 -14.67 -24.51
N PRO C 113 -11.10 -15.88 -24.80
CA PRO C 113 -11.46 -16.23 -26.18
C PRO C 113 -12.78 -15.63 -26.69
N TYR C 114 -13.50 -14.86 -25.88
CA TYR C 114 -14.74 -14.27 -26.35
C TYR C 114 -14.50 -13.06 -27.25
N LEU C 115 -13.31 -12.47 -27.20
CA LEU C 115 -13.05 -11.31 -28.05
C LEU C 115 -12.49 -11.73 -29.40
N ASN C 116 -13.11 -12.76 -30.01
CA ASN C 116 -12.91 -13.18 -31.39
C ASN C 116 -11.49 -12.97 -31.91
N LYS C 117 -10.49 -13.38 -31.13
CA LYS C 117 -9.12 -13.17 -31.61
C LYS C 117 -8.66 -14.24 -32.58
N ILE C 118 -9.58 -15.06 -33.08
CA ILE C 118 -9.27 -16.07 -34.08
C ILE C 118 -8.79 -15.40 -35.34
N VAL C 119 -7.62 -15.80 -35.84
CA VAL C 119 -7.04 -15.20 -37.02
C VAL C 119 -6.68 -16.29 -38.02
N LEU C 120 -6.61 -15.95 -39.30
CA LEU C 120 -6.34 -16.94 -40.34
C LEU C 120 -5.04 -16.59 -41.03
N ILE C 121 -4.16 -17.58 -41.17
CA ILE C 121 -2.94 -17.44 -41.96
C ILE C 121 -3.25 -18.05 -43.33
N LYS C 122 -3.65 -17.21 -44.28
CA LYS C 122 -4.11 -17.70 -45.58
C LYS C 122 -2.96 -18.35 -46.34
N GLU C 123 -3.31 -19.31 -47.19
CA GLU C 123 -2.31 -20.09 -47.91
C GLU C 123 -1.46 -19.19 -48.81
N ASP C 124 -2.08 -18.56 -49.79
CA ASP C 124 -1.37 -17.70 -50.73
C ASP C 124 -1.14 -16.34 -50.09
N ASP C 125 0.05 -16.14 -49.54
CA ASP C 125 0.42 -14.87 -48.91
C ASP C 125 1.93 -14.84 -48.77
N LYS C 126 2.43 -13.76 -48.18
CA LYS C 126 3.87 -13.51 -48.06
C LYS C 126 4.10 -12.82 -46.72
N THR C 127 5.26 -12.19 -46.57
CA THR C 127 5.67 -11.41 -45.39
C THR C 127 5.29 -12.14 -44.09
N ASP C 128 5.95 -13.28 -43.91
CA ASP C 128 5.70 -14.16 -42.77
C ASP C 128 5.81 -13.41 -41.45
N ILE C 129 4.83 -13.62 -40.58
CA ILE C 129 4.72 -12.95 -39.30
C ILE C 129 4.73 -13.99 -38.20
N TYR C 130 5.49 -13.73 -37.13
CA TYR C 130 5.56 -14.65 -36.01
C TYR C 130 4.41 -14.39 -35.04
N PHE C 131 4.32 -15.21 -33.99
CA PHE C 131 3.19 -15.16 -33.09
C PHE C 131 3.64 -15.65 -31.72
N THR C 132 2.85 -15.28 -30.69
CA THR C 132 3.12 -15.66 -29.31
C THR C 132 2.52 -17.02 -29.01
N LYS C 133 3.18 -17.76 -28.11
CA LYS C 133 2.70 -19.08 -27.72
C LYS C 133 1.30 -19.04 -27.12
N ALA C 134 0.78 -17.85 -26.82
CA ALA C 134 -0.57 -17.71 -26.30
C ALA C 134 -1.60 -17.97 -27.39
N PHE C 135 -1.14 -18.25 -28.61
CA PHE C 135 -2.00 -18.59 -29.73
C PHE C 135 -1.91 -20.08 -30.01
N ILE C 136 -3.04 -20.66 -30.43
CA ILE C 136 -3.14 -22.10 -30.62
C ILE C 136 -3.21 -22.45 -32.10
N GLN C 137 -2.11 -22.99 -32.64
CA GLN C 137 -2.12 -23.53 -34.00
C GLN C 137 -3.12 -24.68 -34.07
N ILE C 138 -4.10 -24.59 -34.95
CA ILE C 138 -5.18 -25.56 -34.91
C ILE C 138 -5.43 -26.12 -36.31
N LYS C 139 -4.39 -26.10 -37.16
CA LYS C 139 -4.48 -26.31 -38.61
C LYS C 139 -5.50 -27.37 -39.00
N PRO C 140 -6.43 -27.03 -39.90
CA PRO C 140 -7.58 -27.91 -40.15
C PRO C 140 -7.35 -28.92 -41.25
N LEU C 141 -8.39 -29.71 -41.54
CA LEU C 141 -8.37 -30.65 -42.65
C LEU C 141 -9.57 -30.49 -43.58
N ILE C 142 -10.43 -29.50 -43.33
CA ILE C 142 -11.64 -29.30 -44.11
C ILE C 142 -11.64 -27.90 -44.74
N ASN C 143 -10.46 -27.43 -45.12
CA ASN C 143 -10.23 -26.10 -45.71
C ASN C 143 -10.22 -25.04 -44.63
N SER C 144 -9.18 -24.19 -44.64
CA SER C 144 -9.05 -23.18 -43.55
C SER C 144 -10.26 -22.25 -43.52
N ARG C 145 -10.67 -21.72 -44.67
CA ARG C 145 -11.75 -20.73 -44.67
C ARG C 145 -13.01 -21.30 -44.03
N ILE C 146 -13.35 -22.55 -44.35
CA ILE C 146 -14.58 -23.14 -43.83
C ILE C 146 -14.55 -23.17 -42.30
N LEU C 147 -13.46 -23.70 -41.72
CA LEU C 147 -13.37 -23.76 -40.27
C LEU C 147 -13.28 -22.37 -39.65
N TYR C 148 -12.57 -21.45 -40.30
CA TYR C 148 -12.45 -20.09 -39.75
C TYR C 148 -13.81 -19.43 -39.65
N TYR C 149 -14.61 -19.47 -40.73
CA TYR C 149 -15.93 -18.85 -40.68
C TYR C 149 -16.90 -19.64 -39.82
N ALA C 150 -16.69 -20.95 -39.66
CA ALA C 150 -17.53 -21.73 -38.75
C ALA C 150 -17.17 -21.49 -37.30
N LEU C 151 -15.98 -20.98 -37.01
CA LEU C 151 -15.57 -20.70 -35.64
C LEU C 151 -15.83 -19.26 -35.23
N ARG C 152 -15.66 -18.30 -36.15
CA ARG C 152 -15.81 -16.90 -35.79
C ARG C 152 -17.22 -16.58 -35.29
N THR C 153 -18.21 -16.70 -36.17
CA THR C 153 -19.57 -16.28 -35.82
C THR C 153 -20.28 -17.37 -35.02
N ILE C 154 -20.53 -18.52 -35.65
CA ILE C 154 -21.09 -19.68 -34.98
C ILE C 154 -19.97 -20.44 -34.30
N PHE C 155 -20.32 -21.41 -33.46
CA PHE C 155 -19.37 -22.11 -32.60
C PHE C 155 -18.57 -21.11 -31.76
N SER C 156 -19.27 -20.15 -31.19
CA SER C 156 -18.68 -19.19 -30.27
C SER C 156 -19.29 -19.23 -28.88
N GLU C 157 -20.54 -19.68 -28.74
CA GLU C 157 -21.14 -19.89 -27.43
C GLU C 157 -20.58 -21.10 -26.70
N LYS C 158 -19.78 -21.92 -27.38
CA LYS C 158 -19.22 -23.14 -26.81
C LYS C 158 -17.71 -23.12 -26.64
N ILE C 159 -16.99 -22.35 -27.46
CA ILE C 159 -15.58 -22.11 -27.16
C ILE C 159 -15.44 -21.21 -25.93
N ASN C 160 -16.40 -20.31 -25.72
CA ASN C 160 -16.41 -19.42 -24.57
C ASN C 160 -16.97 -20.08 -23.32
N ALA C 161 -17.44 -21.32 -23.41
CA ALA C 161 -18.06 -21.98 -22.26
C ALA C 161 -17.18 -23.11 -21.75
N VAL C 162 -15.89 -23.10 -22.12
CA VAL C 162 -14.94 -24.08 -21.64
C VAL C 162 -13.71 -23.35 -21.12
N SER C 163 -13.85 -22.05 -20.88
CA SER C 163 -12.76 -21.23 -20.38
C SER C 163 -12.54 -21.45 -18.89
N ARG C 164 -11.30 -21.28 -18.46
CA ARG C 164 -10.93 -21.40 -17.05
C ARG C 164 -10.88 -20.02 -16.43
N GLN C 165 -11.88 -19.71 -15.59
CA GLN C 165 -11.88 -18.46 -14.84
C GLN C 165 -10.75 -18.48 -13.82
N GLY C 166 -10.83 -19.38 -12.85
CA GLY C 166 -9.75 -19.67 -11.92
C GLY C 166 -9.05 -18.49 -11.28
N LYS C 167 -9.77 -17.71 -10.48
CA LYS C 167 -9.18 -16.66 -9.66
C LYS C 167 -8.34 -15.68 -10.48
N GLY C 168 -8.80 -15.38 -11.68
CA GLY C 168 -8.06 -14.46 -12.52
C GLY C 168 -8.50 -14.51 -13.97
N TYR C 169 -7.52 -14.77 -14.83
CA TYR C 169 -7.68 -14.62 -16.26
C TYR C 169 -8.73 -15.61 -16.78
N PRO C 170 -9.68 -15.17 -17.61
CA PRO C 170 -10.39 -16.12 -18.47
C PRO C 170 -9.44 -16.67 -19.52
N THR C 171 -9.31 -18.00 -19.54
CA THR C 171 -8.26 -18.61 -20.33
C THR C 171 -8.78 -19.89 -20.96
N LEU C 172 -8.41 -20.09 -22.21
CA LEU C 172 -8.73 -21.30 -22.96
C LEU C 172 -7.53 -22.23 -22.99
N LYS C 173 -7.81 -23.53 -22.88
CA LYS C 173 -6.77 -24.56 -22.87
C LYS C 173 -6.99 -25.50 -24.04
N GLU C 174 -5.89 -25.90 -24.68
CA GLU C 174 -5.96 -26.78 -25.84
C GLU C 174 -6.64 -28.10 -25.52
N ASP C 175 -6.37 -28.64 -24.33
CA ASP C 175 -6.99 -29.89 -23.91
C ASP C 175 -8.51 -29.77 -23.85
N ASP C 176 -9.01 -28.66 -23.29
CA ASP C 176 -10.44 -28.40 -23.30
C ASP C 176 -10.92 -28.12 -24.72
N LEU C 177 -10.09 -27.45 -25.51
CA LEU C 177 -10.44 -27.16 -26.90
C LEU C 177 -10.63 -28.43 -27.72
N LYS C 178 -10.00 -29.54 -27.30
CA LYS C 178 -10.12 -30.81 -27.99
C LYS C 178 -11.37 -31.59 -27.59
N THR C 179 -12.38 -30.92 -27.01
CA THR C 179 -13.54 -31.61 -26.47
C THR C 179 -14.89 -31.05 -26.92
N ILE C 180 -14.90 -29.97 -27.70
CA ILE C 180 -16.17 -29.37 -28.12
C ILE C 180 -16.91 -30.33 -29.06
N GLN C 181 -18.24 -30.23 -29.04
CA GLN C 181 -19.16 -31.18 -29.66
C GLN C 181 -19.73 -30.65 -30.98
N PHE C 182 -18.90 -30.06 -31.83
CA PHE C 182 -19.33 -29.44 -33.09
C PHE C 182 -20.35 -30.31 -33.84
N SER C 183 -21.50 -29.71 -34.15
CA SER C 183 -22.54 -30.35 -34.92
C SER C 183 -22.10 -30.56 -36.37
N LYS C 184 -22.65 -31.59 -37.02
CA LYS C 184 -22.27 -31.86 -38.40
C LYS C 184 -23.08 -31.04 -39.39
N LYS C 185 -24.36 -30.77 -39.08
CA LYS C 185 -25.20 -30.01 -39.99
C LYS C 185 -24.57 -28.67 -40.34
N VAL C 186 -23.88 -28.06 -39.38
CA VAL C 186 -23.16 -26.83 -39.66
C VAL C 186 -22.11 -27.06 -40.74
N ILE C 187 -21.16 -27.97 -40.48
CA ILE C 187 -20.09 -28.22 -41.43
C ILE C 187 -20.63 -28.88 -42.69
N ASP C 188 -21.61 -29.77 -42.55
CA ASP C 188 -22.19 -30.41 -43.74
C ASP C 188 -22.78 -29.36 -44.69
N ASN C 189 -23.63 -28.48 -44.17
CA ASN C 189 -24.25 -27.47 -45.01
C ASN C 189 -23.22 -26.46 -45.51
N LEU C 190 -22.23 -26.13 -44.67
CA LEU C 190 -21.27 -25.10 -45.05
C LEU C 190 -20.32 -25.60 -46.14
N LEU C 191 -19.92 -26.88 -46.08
CA LEU C 191 -19.12 -27.46 -47.15
C LEU C 191 -19.97 -27.77 -48.37
N ALA C 192 -21.27 -27.99 -48.18
CA ALA C 192 -22.15 -28.18 -49.32
C ALA C 192 -22.20 -26.94 -50.19
N LYS C 193 -22.25 -25.76 -49.56
CA LYS C 193 -22.24 -24.48 -50.27
C LYS C 193 -20.84 -23.89 -50.35
N GLU C 194 -19.79 -24.72 -50.27
CA GLU C 194 -18.43 -24.21 -50.21
C GLU C 194 -18.06 -23.48 -51.49
N GLU C 195 -18.52 -23.96 -52.64
CA GLU C 195 -18.05 -23.44 -53.93
C GLU C 195 -18.47 -21.99 -54.18
N GLU C 196 -19.49 -21.49 -53.48
CA GLU C 196 -19.95 -20.14 -53.73
C GLU C 196 -19.85 -19.27 -52.48
N LEU C 197 -19.86 -19.91 -51.31
CA LEU C 197 -19.72 -19.17 -50.06
C LEU C 197 -18.37 -18.47 -49.99
N ILE C 198 -17.29 -19.20 -50.32
CA ILE C 198 -15.97 -18.59 -50.33
C ILE C 198 -15.91 -17.46 -51.35
N SER C 199 -16.59 -17.64 -52.49
CA SER C 199 -16.54 -16.61 -53.53
C SER C 199 -17.19 -15.32 -53.07
N ASN C 200 -18.44 -15.39 -52.58
CA ASN C 200 -19.11 -14.15 -52.22
C ASN C 200 -18.54 -13.55 -50.94
N ILE C 201 -18.04 -14.38 -50.02
CA ILE C 201 -17.37 -13.85 -48.83
C ILE C 201 -16.07 -13.16 -49.22
N ASP C 202 -15.35 -13.71 -50.20
CA ASP C 202 -14.15 -13.07 -50.69
C ASP C 202 -14.47 -11.74 -51.34
N ALA C 203 -15.57 -11.67 -52.10
CA ALA C 203 -15.99 -10.40 -52.67
C ALA C 203 -16.30 -9.38 -51.59
N LEU C 204 -17.02 -9.81 -50.55
CA LEU C 204 -17.38 -8.89 -49.46
C LEU C 204 -16.13 -8.38 -48.74
N GLU C 205 -15.19 -9.27 -48.44
CA GLU C 205 -13.99 -8.83 -47.74
C GLU C 205 -13.07 -8.02 -48.64
N LYS C 206 -13.11 -8.24 -49.96
CA LYS C 206 -12.39 -7.36 -50.87
C LYS C 206 -12.98 -5.96 -50.86
N ASP C 207 -14.31 -5.86 -50.82
CA ASP C 207 -14.95 -4.55 -50.67
C ASP C 207 -14.57 -3.90 -49.35
N ILE C 208 -14.50 -4.70 -48.28
CA ILE C 208 -14.10 -4.19 -46.97
C ILE C 208 -12.67 -3.66 -47.03
N LYS C 209 -11.77 -4.40 -47.69
CA LYS C 209 -10.40 -3.96 -47.85
C LYS C 209 -10.33 -2.66 -48.65
N GLU C 210 -11.14 -2.55 -49.69
CA GLU C 210 -11.20 -1.32 -50.47
C GLU C 210 -11.64 -0.14 -49.62
N LEU C 211 -12.66 -0.34 -48.79
CA LEU C 211 -13.11 0.73 -47.89
C LEU C 211 -12.02 1.10 -46.89
N LYS C 212 -11.34 0.09 -46.34
CA LYS C 212 -10.30 0.36 -45.35
C LYS C 212 -9.10 1.06 -45.96
N SER C 213 -8.82 0.82 -47.24
CA SER C 213 -7.67 1.43 -47.88
C SER C 213 -7.76 2.96 -47.89
N ILE C 214 -8.97 3.50 -47.94
CA ILE C 214 -9.19 4.94 -47.97
C ILE C 214 -9.75 5.47 -46.66
N GLN C 215 -9.87 4.62 -45.64
CA GLN C 215 -10.35 5.07 -44.34
C GLN C 215 -9.29 5.94 -43.66
N ARG C 216 -9.72 7.06 -43.11
CA ARG C 216 -8.83 7.99 -42.43
C ARG C 216 -9.33 8.26 -41.02
N SER C 217 -8.41 8.61 -40.12
CA SER C 217 -8.76 8.81 -38.73
C SER C 217 -9.66 10.03 -38.56
N LYS C 218 -10.36 10.05 -37.43
CA LYS C 218 -11.32 11.11 -37.11
C LYS C 218 -10.63 12.36 -36.56
N LYS C 219 -9.33 12.30 -36.29
CA LYS C 219 -8.57 13.42 -35.77
C LYS C 219 -7.66 14.06 -36.81
N GLU C 220 -7.07 13.26 -37.70
CA GLU C 220 -6.17 13.81 -38.71
C GLU C 220 -6.89 14.77 -39.65
N ILE C 221 -8.17 14.51 -39.92
CA ILE C 221 -8.95 15.41 -40.77
C ILE C 221 -9.02 16.79 -40.14
N VAL C 222 -9.34 16.84 -38.84
CA VAL C 222 -9.30 18.10 -38.11
C VAL C 222 -7.88 18.64 -38.04
N ASP C 223 -6.89 17.76 -38.05
CA ASP C 223 -5.49 18.15 -37.97
C ASP C 223 -4.93 18.71 -39.28
N GLU C 224 -5.44 18.27 -40.43
CA GLU C 224 -4.88 18.68 -41.70
C GLU C 224 -5.48 19.98 -42.24
N VAL C 225 -6.80 20.17 -42.10
CA VAL C 225 -7.45 21.34 -42.67
C VAL C 225 -6.96 22.61 -41.99
N PHE C 226 -6.87 22.58 -40.65
CA PHE C 226 -6.30 23.71 -39.94
C PHE C 226 -4.82 23.88 -40.29
N SER C 227 -4.13 22.79 -40.57
CA SER C 227 -2.75 22.87 -41.04
C SER C 227 -2.64 23.33 -42.48
N SER C 228 -3.61 22.99 -43.32
CA SER C 228 -3.60 23.35 -44.73
C SER C 228 -4.26 24.69 -45.01
N HIS C 229 -4.89 25.31 -44.01
CA HIS C 229 -5.53 26.61 -44.18
C HIS C 229 -4.76 27.75 -43.52
N PHE C 230 -4.03 27.49 -42.44
CA PHE C 230 -3.25 28.52 -41.77
C PHE C 230 -1.79 28.53 -42.21
N ASN C 231 -1.42 27.68 -43.17
CA ASN C 231 -0.08 27.65 -43.75
C ASN C 231 0.99 27.44 -42.68
N ILE C 232 0.80 26.40 -41.89
CA ILE C 232 1.76 25.98 -40.88
C ILE C 232 2.25 24.58 -41.23
N ASN C 233 3.57 24.40 -41.25
CA ASN C 233 4.14 23.11 -41.61
C ASN C 233 3.91 22.10 -40.48
N MET C 234 3.63 20.87 -40.87
CA MET C 234 3.20 19.84 -39.92
C MET C 234 4.37 19.15 -39.23
N VAL C 235 5.60 19.45 -39.64
CA VAL C 235 6.77 18.66 -39.23
C VAL C 235 7.68 19.47 -38.29
N GLU C 236 7.23 20.61 -37.81
CA GLU C 236 8.02 21.39 -36.85
C GLU C 236 7.37 21.55 -35.49
N LEU C 237 6.06 21.81 -35.44
CA LEU C 237 5.40 21.92 -34.14
C LEU C 237 5.37 20.60 -33.38
N MET C 238 5.54 19.47 -34.08
CA MET C 238 5.81 18.19 -33.44
C MET C 238 7.30 17.91 -33.31
N ALA C 239 8.15 18.78 -33.86
CA ALA C 239 9.58 18.73 -33.62
C ALA C 239 10.06 19.79 -32.64
N LEU C 240 9.39 20.94 -32.57
CA LEU C 240 9.65 21.90 -31.52
C LEU C 240 9.12 21.43 -30.18
N ASP C 241 8.01 20.68 -30.17
CA ASP C 241 7.46 20.12 -28.95
C ASP C 241 8.29 19.00 -28.38
N SER C 242 9.31 18.52 -29.11
CA SER C 242 10.17 17.44 -28.65
C SER C 242 11.29 17.94 -27.75
N GLN C 243 12.02 18.96 -28.19
CA GLN C 243 13.08 19.53 -27.37
C GLN C 243 12.50 20.08 -26.07
N ARG C 244 13.15 19.76 -24.96
N ARG C 244 13.14 19.76 -24.96
CA ARG C 244 12.68 20.19 -23.63
CA ARG C 244 12.66 20.19 -23.63
C ARG C 244 13.85 20.82 -22.87
C ARG C 244 13.83 20.80 -22.85
N ARG C 245 14.12 22.09 -23.14
N ARG C 245 14.11 22.08 -23.13
CA ARG C 245 15.06 22.87 -22.34
CA ARG C 245 15.06 22.86 -22.34
C ARG C 245 14.58 24.31 -22.20
C ARG C 245 14.58 24.30 -22.21
N VAL C 246 13.29 24.49 -21.92
CA VAL C 246 12.71 25.82 -21.88
C VAL C 246 13.38 26.65 -20.79
N ASP C 247 13.91 27.81 -21.19
CA ASP C 247 14.58 28.73 -20.27
C ASP C 247 13.84 30.06 -20.26
N VAL C 248 13.49 30.55 -19.08
CA VAL C 248 12.77 31.80 -18.92
C VAL C 248 13.44 32.62 -17.82
N GLY C 249 13.15 33.92 -17.84
CA GLY C 249 13.60 34.83 -16.81
C GLY C 249 12.51 35.12 -15.79
N LEU C 250 12.90 35.87 -14.76
CA LEU C 250 11.94 36.25 -13.73
C LEU C 250 10.90 37.22 -14.25
N SER C 251 11.30 38.14 -15.14
CA SER C 251 10.37 39.13 -15.66
C SER C 251 9.25 38.48 -16.46
N SER C 252 9.57 37.47 -17.26
CA SER C 252 8.57 36.85 -18.12
C SER C 252 7.53 36.06 -17.34
N ILE C 253 7.77 35.83 -16.04
CA ILE C 253 6.80 35.08 -15.24
C ILE C 253 5.49 35.84 -15.12
N SER C 254 5.57 37.16 -14.92
CA SER C 254 4.38 37.95 -14.64
C SER C 254 3.54 38.20 -15.88
N SER C 255 4.14 38.15 -17.06
CA SER C 255 3.45 38.52 -18.29
C SER C 255 2.22 37.66 -18.54
N LEU C 256 1.05 38.30 -18.48
CA LEU C 256 -0.22 37.65 -18.79
C LEU C 256 -0.45 36.44 -17.89
N ASN C 257 -0.01 36.54 -16.64
CA ASN C 257 -0.03 35.40 -15.73
C ASN C 257 -1.22 35.50 -14.78
N SER C 258 -1.28 36.60 -14.02
CA SER C 258 -2.39 36.90 -13.14
C SER C 258 -2.72 35.76 -12.17
N THR C 259 -1.69 35.23 -11.51
CA THR C 259 -1.77 34.09 -10.61
C THR C 259 -0.36 33.56 -10.33
N ILE C 260 0.64 34.24 -10.91
CA ILE C 260 2.05 33.89 -10.82
C ILE C 260 2.24 32.38 -10.88
N ARG C 261 2.14 31.81 -12.08
CA ARG C 261 2.37 30.39 -12.31
C ARG C 261 3.68 30.22 -13.05
N TYR C 262 4.58 29.40 -12.50
CA TYR C 262 5.91 29.22 -13.05
C TYR C 262 6.24 27.75 -13.23
N SER C 263 5.24 26.94 -13.54
CA SER C 263 5.49 25.56 -13.90
C SER C 263 6.16 25.49 -15.28
N TYR C 264 6.81 24.35 -15.54
CA TYR C 264 7.50 24.17 -16.80
C TYR C 264 6.53 24.15 -17.98
N ARG C 265 5.41 23.46 -17.80
CA ARG C 265 4.45 23.31 -18.90
C ARG C 265 3.86 24.65 -19.31
N TRP C 266 3.67 25.55 -18.35
CA TRP C 266 3.19 26.89 -18.68
C TRP C 266 4.18 27.63 -19.59
N ASN C 267 5.47 27.55 -19.25
CA ASN C 267 6.48 28.20 -20.08
C ASN C 267 6.59 27.58 -21.45
N LYS C 268 6.48 26.24 -21.54
CA LYS C 268 6.48 25.62 -22.86
C LYS C 268 5.24 26.00 -23.66
N MET C 269 4.10 26.16 -23.01
CA MET C 269 2.92 26.66 -23.71
C MET C 269 3.19 28.04 -24.29
N LYS C 270 3.77 28.93 -23.48
CA LYS C 270 4.11 30.25 -23.98
C LYS C 270 5.10 30.20 -25.14
N LEU C 271 6.05 29.27 -25.11
CA LEU C 271 6.97 29.11 -26.24
C LEU C 271 6.27 28.64 -27.50
N ILE C 272 5.35 27.68 -27.37
CA ILE C 272 4.66 27.15 -28.55
C ILE C 272 3.70 28.18 -29.12
N GLN C 273 3.07 28.99 -28.27
CA GLN C 273 2.19 30.05 -28.76
C GLN C 273 2.96 31.05 -29.61
N LYS C 274 4.22 31.32 -29.25
CA LYS C 274 5.05 32.21 -30.06
C LYS C 274 5.39 31.62 -31.43
N TYR C 275 5.15 30.33 -31.63
CA TYR C 275 5.39 29.69 -32.92
C TYR C 275 4.12 29.49 -33.73
N LEU C 276 3.01 29.15 -33.08
CA LEU C 276 1.75 28.94 -33.79
C LEU C 276 1.15 30.23 -34.35
N TYR C 277 1.67 31.39 -33.94
CA TYR C 277 1.09 32.66 -34.37
C TYR C 277 2.12 33.58 -35.00
N ARG C 278 3.20 33.03 -35.57
CA ARG C 278 4.21 33.86 -36.20
C ARG C 278 3.65 34.55 -37.44
N ASP C 279 2.93 33.81 -38.28
CA ASP C 279 2.38 34.34 -39.53
C ASP C 279 0.89 34.61 -39.48
N ILE C 280 0.18 34.00 -38.53
CA ILE C 280 -1.26 34.19 -38.41
C ILE C 280 -1.51 35.52 -37.71
N ASP C 281 -2.23 36.43 -38.36
CA ASP C 281 -2.70 37.65 -37.71
C ASP C 281 -4.22 37.59 -37.66
N CYS C 282 -4.74 36.83 -36.69
CA CYS C 282 -6.17 36.80 -36.45
C CYS C 282 -6.48 36.67 -34.96
N ILE C 283 -5.48 36.72 -34.08
CA ILE C 283 -5.66 36.31 -32.69
C ILE C 283 -6.42 37.38 -31.93
N GLU C 284 -7.47 36.96 -31.23
CA GLU C 284 -8.25 37.83 -30.37
C GLU C 284 -8.50 37.11 -29.05
N PRO C 285 -8.47 37.83 -27.93
CA PRO C 285 -8.77 37.19 -26.65
C PRO C 285 -10.17 36.59 -26.64
N LEU C 286 -10.27 35.37 -26.11
CA LEU C 286 -11.57 34.72 -26.01
C LEU C 286 -12.42 35.31 -24.88
N GLY C 287 -11.78 35.97 -23.92
CA GLY C 287 -12.53 36.44 -22.75
C GLY C 287 -13.63 37.41 -23.11
N LYS C 288 -13.42 38.23 -24.14
CA LYS C 288 -14.42 39.21 -24.54
C LYS C 288 -15.47 38.64 -25.48
N TYR C 289 -15.38 37.35 -25.83
CA TYR C 289 -16.42 36.70 -26.62
C TYR C 289 -17.17 35.64 -25.85
N ILE C 290 -16.95 35.54 -24.53
CA ILE C 290 -17.66 34.60 -23.68
C ILE C 290 -18.65 35.38 -22.82
N LEU C 291 -19.90 34.91 -22.80
CA LEU C 291 -20.96 35.60 -22.06
C LEU C 291 -21.34 34.90 -20.77
N SER C 292 -21.05 33.61 -20.62
CA SER C 292 -21.37 32.89 -19.40
C SER C 292 -20.56 31.60 -19.38
N SER C 293 -20.64 30.90 -18.25
CA SER C 293 -19.92 29.64 -18.09
C SER C 293 -20.56 28.86 -16.93
N ASN C 294 -21.06 27.67 -17.22
CA ASN C 294 -21.58 26.76 -16.22
C ASN C 294 -20.70 25.51 -16.17
N ASN C 295 -21.00 24.63 -15.21
CA ASN C 295 -20.25 23.38 -15.07
C ASN C 295 -21.13 22.17 -15.35
N GLY C 296 -22.23 21.99 -14.62
CA GLY C 296 -23.08 20.84 -14.79
C GLY C 296 -23.45 20.27 -13.44
N TRP C 297 -23.90 19.01 -13.46
CA TRP C 297 -24.30 18.33 -12.23
C TRP C 297 -23.94 16.86 -12.37
N SER C 298 -23.13 16.35 -11.45
CA SER C 298 -22.62 14.99 -11.49
C SER C 298 -22.92 14.28 -10.19
N PRO C 299 -24.14 13.78 -10.02
CA PRO C 299 -24.45 12.99 -8.83
C PRO C 299 -23.86 11.60 -8.93
N GLU C 300 -24.15 10.78 -7.93
CA GLU C 300 -23.83 9.36 -8.04
C GLU C 300 -24.69 8.73 -9.12
N SER C 301 -24.10 7.85 -9.92
CA SER C 301 -24.78 7.30 -11.09
C SER C 301 -24.62 5.79 -11.11
N VAL C 302 -25.66 5.11 -11.61
CA VAL C 302 -25.67 3.66 -11.75
C VAL C 302 -25.70 3.32 -13.24
N VAL C 303 -24.83 2.40 -13.66
CA VAL C 303 -24.73 2.06 -15.07
C VAL C 303 -25.94 1.24 -15.48
N GLY C 304 -26.64 1.71 -16.51
CA GLY C 304 -27.82 1.01 -17.00
C GLY C 304 -28.93 0.88 -15.98
N GLY C 305 -29.14 1.92 -15.19
CA GLY C 305 -30.13 1.91 -14.12
C GLY C 305 -31.40 2.64 -14.50
N GLU C 306 -32.04 3.24 -13.49
CA GLU C 306 -33.31 3.93 -13.65
C GLU C 306 -33.15 5.37 -13.19
N GLY C 307 -33.52 6.31 -14.04
CA GLY C 307 -33.46 7.71 -13.71
C GLY C 307 -33.06 8.53 -14.92
N ILE C 308 -32.74 9.79 -14.67
CA ILE C 308 -32.31 10.72 -15.72
C ILE C 308 -30.94 10.31 -16.24
N PRO C 309 -30.75 10.16 -17.54
CA PRO C 309 -29.44 9.81 -18.08
C PRO C 309 -28.42 10.92 -17.88
N ILE C 310 -27.15 10.52 -17.81
CA ILE C 310 -26.03 11.43 -17.62
C ILE C 310 -24.95 11.08 -18.62
N LEU C 311 -24.34 12.10 -19.23
CA LEU C 311 -23.26 11.90 -20.17
C LEU C 311 -21.93 11.74 -19.44
N GLY C 312 -20.93 11.25 -20.19
CA GLY C 312 -19.59 11.12 -19.68
C GLY C 312 -18.59 11.73 -20.63
N GLN C 313 -17.32 11.70 -20.22
CA GLN C 313 -16.26 12.26 -21.06
C GLN C 313 -16.05 11.47 -22.34
N GLU C 314 -16.53 10.22 -22.40
CA GLU C 314 -16.38 9.43 -23.61
C GLU C 314 -17.25 9.93 -24.75
N HIS C 315 -18.26 10.75 -24.45
CA HIS C 315 -19.22 11.22 -25.44
C HIS C 315 -18.73 12.43 -26.22
N LEU C 316 -17.58 12.98 -25.89
CA LEU C 316 -16.98 14.08 -26.63
C LEU C 316 -15.96 13.53 -27.61
N GLU C 317 -16.18 13.75 -28.89
CA GLU C 317 -15.31 13.26 -29.94
C GLU C 317 -14.54 14.41 -30.57
N PHE C 318 -13.63 14.08 -31.49
CA PHE C 318 -12.81 15.11 -32.11
C PHE C 318 -13.60 15.95 -33.10
N ASP C 319 -14.66 15.40 -33.70
CA ASP C 319 -15.61 16.23 -34.42
C ASP C 319 -16.52 16.90 -33.40
N GLY C 320 -16.80 18.19 -33.60
CA GLY C 320 -17.59 18.93 -32.64
C GLY C 320 -19.06 18.54 -32.64
N VAL C 321 -19.33 17.25 -32.45
CA VAL C 321 -20.69 16.72 -32.40
C VAL C 321 -20.81 15.86 -31.15
N LEU C 322 -21.83 16.13 -30.34
CA LEU C 322 -22.06 15.32 -29.16
C LEU C 322 -22.48 13.91 -29.53
N ASN C 323 -21.91 12.92 -28.85
CA ASN C 323 -22.29 11.54 -29.09
C ASN C 323 -23.66 11.20 -28.53
N VAL C 324 -24.13 11.96 -27.54
CA VAL C 324 -25.45 11.86 -26.91
C VAL C 324 -25.90 10.40 -26.77
N SER C 325 -24.98 9.53 -26.37
CA SER C 325 -25.30 8.15 -26.10
C SER C 325 -25.08 7.85 -24.61
N PRO C 326 -26.00 8.27 -23.75
CA PRO C 326 -25.78 8.15 -22.31
C PRO C 326 -25.73 6.69 -21.87
N THR C 327 -24.93 6.43 -20.85
CA THR C 327 -24.84 5.12 -20.22
C THR C 327 -25.27 5.17 -18.76
N LYS C 328 -24.71 6.10 -17.98
CA LYS C 328 -25.08 6.25 -16.58
C LYS C 328 -26.47 6.87 -16.45
N ALA C 329 -27.18 6.48 -15.39
CA ALA C 329 -28.49 7.04 -15.10
C ALA C 329 -28.60 7.28 -13.60
N THR C 330 -29.02 8.49 -13.22
CA THR C 330 -29.16 8.86 -11.82
C THR C 330 -30.62 8.90 -11.42
N THR C 331 -30.84 9.07 -10.11
CA THR C 331 -32.18 9.19 -9.55
C THR C 331 -32.25 10.29 -8.48
N LYS C 332 -31.21 11.11 -8.39
CA LYS C 332 -31.17 12.19 -7.41
C LYS C 332 -31.75 13.47 -7.99
N THR C 333 -32.11 14.38 -7.09
CA THR C 333 -32.70 15.67 -7.45
C THR C 333 -31.85 16.80 -6.89
N LYS C 334 -32.01 17.99 -7.47
CA LYS C 334 -31.25 19.14 -6.99
C LYS C 334 -32.10 20.41 -6.90
N ASN C 335 -33.41 20.32 -7.15
CA ASN C 335 -34.35 21.45 -7.08
C ASN C 335 -34.09 22.47 -8.17
N ASN C 336 -33.03 22.27 -8.95
CA ASN C 336 -32.69 23.11 -10.10
C ASN C 336 -32.18 22.27 -11.26
N MET C 337 -32.70 21.05 -11.41
CA MET C 337 -32.21 20.12 -12.41
C MET C 337 -32.38 20.66 -13.82
N GLU C 338 -33.40 21.49 -14.05
CA GLU C 338 -33.68 22.00 -15.38
C GLU C 338 -32.54 22.86 -15.93
N ASN C 339 -31.66 23.34 -15.06
CA ASN C 339 -30.55 24.16 -15.53
C ASN C 339 -29.50 23.34 -16.27
N PHE C 340 -29.49 22.02 -16.06
CA PHE C 340 -28.54 21.13 -16.74
C PHE C 340 -29.32 20.00 -17.40
N PHE C 341 -29.88 20.28 -18.58
CA PHE C 341 -30.59 19.29 -19.40
C PHE C 341 -30.15 19.41 -20.86
N ILE C 342 -28.84 19.54 -21.09
CA ILE C 342 -28.23 19.86 -22.37
C ILE C 342 -29.11 20.82 -23.17
N GLN C 343 -29.83 20.29 -24.18
CA GLN C 343 -30.62 21.00 -25.18
C GLN C 343 -29.74 21.42 -26.35
N GLU C 344 -30.30 21.39 -27.55
CA GLU C 344 -29.52 21.55 -28.77
C GLU C 344 -28.90 22.94 -28.86
N GLY C 345 -27.70 23.01 -29.43
CA GLY C 345 -27.02 24.25 -29.71
C GLY C 345 -25.90 24.60 -28.74
N ASP C 346 -25.80 23.92 -27.61
CA ASP C 346 -24.80 24.28 -26.61
C ASP C 346 -23.40 23.89 -27.06
N LEU C 347 -22.41 24.59 -26.50
CA LEU C 347 -21.01 24.24 -26.69
C LEU C 347 -20.46 23.74 -25.36
N PHE C 348 -19.89 22.54 -25.36
CA PHE C 348 -19.43 21.87 -24.15
C PHE C 348 -17.94 21.58 -24.28
N ILE C 349 -17.12 22.33 -23.53
CA ILE C 349 -15.71 21.97 -23.45
C ILE C 349 -15.51 20.98 -22.30
N SER C 350 -14.49 20.14 -22.44
CA SER C 350 -14.23 19.06 -21.50
C SER C 350 -13.23 19.51 -20.45
N ARG C 351 -13.65 19.51 -19.19
N ARG C 351 -13.65 19.51 -19.19
CA ARG C 351 -12.80 19.86 -18.06
CA ARG C 351 -12.80 19.86 -18.06
C ARG C 351 -12.54 18.57 -17.27
C ARG C 351 -12.54 18.57 -17.27
N GLY C 352 -11.32 18.07 -17.37
CA GLY C 352 -10.95 16.87 -16.64
C GLY C 352 -10.77 15.66 -17.52
N ASN C 353 -9.53 15.33 -17.85
CA ASN C 353 -9.17 14.19 -18.67
C ASN C 353 -7.64 14.10 -18.69
N THR C 354 -7.11 13.23 -19.52
CA THR C 354 -5.66 13.11 -19.65
C THR C 354 -5.08 14.41 -20.21
N VAL C 355 -3.74 14.49 -20.21
CA VAL C 355 -3.05 15.69 -20.66
C VAL C 355 -3.26 15.93 -22.15
N ASP C 356 -3.75 14.95 -22.90
CA ASP C 356 -3.98 15.09 -24.32
C ASP C 356 -5.44 15.14 -24.72
N LEU C 357 -6.36 14.67 -23.86
CA LEU C 357 -7.78 14.67 -24.15
C LEU C 357 -8.53 15.73 -23.33
N VAL C 358 -7.84 16.78 -22.91
CA VAL C 358 -8.42 17.85 -22.12
C VAL C 358 -8.64 19.06 -23.03
N GLY C 359 -9.83 19.66 -22.94
CA GLY C 359 -10.19 20.80 -23.76
C GLY C 359 -11.01 20.46 -24.98
N LEU C 360 -11.24 19.18 -25.26
CA LEU C 360 -12.03 18.78 -26.42
C LEU C 360 -13.47 19.29 -26.30
N ALA C 361 -13.85 20.19 -27.19
CA ALA C 361 -15.20 20.77 -27.19
C ALA C 361 -16.08 20.08 -28.20
N CYS C 362 -17.39 20.18 -27.99
CA CYS C 362 -18.37 19.57 -28.87
C CYS C 362 -19.64 20.42 -28.87
N VAL C 363 -20.29 20.47 -30.03
CA VAL C 363 -21.57 21.17 -30.17
C VAL C 363 -22.68 20.13 -30.25
N VAL C 364 -23.74 20.35 -29.48
CA VAL C 364 -24.88 19.44 -29.49
C VAL C 364 -25.68 19.69 -30.76
N GLU C 365 -25.41 18.89 -31.80
CA GLU C 365 -26.07 19.02 -33.08
C GLU C 365 -27.25 18.05 -33.24
N THR C 366 -27.51 17.22 -32.24
CA THR C 366 -28.58 16.24 -32.29
C THR C 366 -29.82 16.78 -31.58
N GLU C 367 -30.99 16.50 -32.17
CA GLU C 367 -32.28 16.90 -31.61
C GLU C 367 -32.78 15.76 -30.73
N VAL C 368 -32.83 16.00 -29.42
CA VAL C 368 -33.27 15.01 -28.44
C VAL C 368 -34.37 15.62 -27.60
N THR C 369 -35.51 14.93 -27.53
CA THR C 369 -36.62 15.37 -26.69
C THR C 369 -36.46 14.93 -25.25
N GLU C 370 -35.47 14.11 -24.95
CA GLU C 370 -35.24 13.64 -23.59
C GLU C 370 -34.22 14.51 -22.88
N ASP C 371 -34.49 14.81 -21.61
CA ASP C 371 -33.59 15.63 -20.82
C ASP C 371 -32.40 14.82 -20.33
N ILE C 372 -31.20 15.25 -20.71
CA ILE C 372 -29.97 14.54 -20.38
C ILE C 372 -29.04 15.51 -19.67
N ILE C 373 -28.54 15.09 -18.51
CA ILE C 373 -27.69 15.93 -17.68
C ILE C 373 -26.23 15.80 -18.13
N TYR C 374 -25.51 16.92 -18.10
CA TYR C 374 -24.08 16.88 -18.34
C TYR C 374 -23.34 17.03 -17.01
N PRO C 375 -22.21 16.35 -16.84
CA PRO C 375 -21.60 16.26 -15.50
C PRO C 375 -20.86 17.52 -15.07
N ASP C 376 -20.27 17.48 -13.88
CA ASP C 376 -19.36 18.53 -13.44
C ASP C 376 -18.10 18.59 -14.29
N LEU C 377 -17.86 17.56 -15.09
CA LEU C 377 -16.64 17.46 -15.87
C LEU C 377 -16.74 18.20 -17.20
N TYR C 378 -17.89 18.80 -17.48
CA TYR C 378 -18.09 19.65 -18.65
C TYR C 378 -18.09 21.12 -18.23
N ILE C 379 -17.93 21.99 -19.23
CA ILE C 379 -18.11 23.43 -19.05
C ILE C 379 -18.96 23.90 -20.23
N ARG C 380 -20.12 24.49 -19.94
CA ARG C 380 -20.97 25.02 -20.98
C ARG C 380 -20.58 26.47 -21.30
N LEU C 381 -20.28 26.73 -22.56
CA LEU C 381 -19.90 28.07 -23.00
C LEU C 381 -21.02 28.66 -23.85
N LYS C 382 -21.51 29.82 -23.45
CA LYS C 382 -22.49 30.58 -24.22
C LYS C 382 -21.76 31.79 -24.78
N ILE C 383 -21.34 31.70 -26.04
CA ILE C 383 -20.59 32.75 -26.69
C ILE C 383 -21.51 33.50 -27.65
N ASP C 384 -21.06 34.68 -28.07
CA ASP C 384 -21.83 35.48 -29.01
C ASP C 384 -21.82 34.80 -30.37
N GLU C 385 -23.01 34.45 -30.88
CA GLU C 385 -23.10 33.79 -32.16
C GLU C 385 -23.08 34.81 -33.29
N LYS C 386 -22.09 35.70 -33.26
CA LYS C 386 -21.88 36.67 -34.32
C LYS C 386 -20.43 36.76 -34.79
N VAL C 387 -19.48 36.29 -34.00
CA VAL C 387 -18.07 36.40 -34.35
C VAL C 387 -17.33 35.07 -34.32
N ILE C 388 -17.79 34.06 -33.58
CA ILE C 388 -16.98 32.89 -33.27
C ILE C 388 -17.46 31.65 -34.04
N HIS C 389 -18.77 31.52 -34.26
CA HIS C 389 -19.31 30.37 -34.96
C HIS C 389 -19.02 29.06 -34.23
N LYS C 390 -19.74 28.83 -33.12
CA LYS C 390 -19.46 27.78 -32.13
C LYS C 390 -18.85 26.51 -32.68
N LYS C 391 -19.37 26.01 -33.80
CA LYS C 391 -18.81 24.78 -34.40
C LYS C 391 -17.34 24.97 -34.73
N TYR C 392 -16.98 26.13 -35.28
CA TYR C 392 -15.58 26.41 -35.57
C TYR C 392 -14.74 26.43 -34.29
N LEU C 393 -15.30 26.98 -33.21
CA LEU C 393 -14.58 26.99 -31.94
C LEU C 393 -14.34 25.57 -31.43
N ALA C 394 -15.35 24.71 -31.53
CA ALA C 394 -15.17 23.32 -31.11
C ALA C 394 -14.12 22.62 -31.96
N LEU C 395 -14.15 22.85 -33.28
CA LEU C 395 -13.15 22.24 -34.15
C LEU C 395 -11.75 22.76 -33.84
N LEU C 396 -11.63 24.04 -33.52
CA LEU C 396 -10.34 24.59 -33.13
C LEU C 396 -9.85 23.98 -31.82
N PHE C 397 -10.76 23.78 -30.87
CA PHE C 397 -10.39 23.16 -29.60
C PHE C 397 -9.93 21.72 -29.81
N ASN C 398 -10.57 21.01 -30.74
CA ASN C 398 -10.14 19.66 -31.07
C ASN C 398 -8.96 19.62 -32.02
N SER C 399 -8.52 20.77 -32.53
CA SER C 399 -7.38 20.83 -33.43
C SER C 399 -6.09 20.92 -32.63
N PHE C 400 -4.96 20.97 -33.33
CA PHE C 400 -3.67 21.09 -32.64
C PHE C 400 -3.56 22.43 -31.92
N PHE C 401 -4.33 23.44 -32.35
CA PHE C 401 -4.39 24.68 -31.61
C PHE C 401 -4.96 24.47 -30.21
N GLY C 402 -6.01 23.66 -30.11
CA GLY C 402 -6.60 23.29 -28.84
C GLY C 402 -5.97 22.10 -28.16
N ARG C 403 -4.89 21.55 -28.72
CA ARG C 403 -4.14 20.47 -28.08
C ARG C 403 -2.83 20.97 -27.50
N LEU C 404 -2.03 21.68 -28.29
CA LEU C 404 -0.74 22.17 -27.82
C LEU C 404 -0.89 23.25 -26.75
N TYR C 405 -2.10 23.78 -26.56
CA TYR C 405 -2.34 24.76 -25.50
C TYR C 405 -2.82 24.09 -24.23
N PHE C 406 -3.95 23.38 -24.31
CA PHE C 406 -4.51 22.72 -23.13
C PHE C 406 -3.66 21.56 -22.64
N LYS C 407 -2.70 21.09 -23.43
CA LYS C 407 -1.75 20.10 -22.96
C LYS C 407 -0.70 20.71 -22.03
N TYR C 408 -0.57 22.03 -22.02
CA TYR C 408 0.51 22.69 -21.30
C TYR C 408 0.04 23.82 -20.39
N VAL C 409 -1.26 24.07 -20.30
CA VAL C 409 -1.77 25.18 -19.49
C VAL C 409 -2.65 24.64 -18.37
N SER C 410 -3.28 23.49 -18.60
CA SER C 410 -4.22 22.95 -17.64
C SER C 410 -3.47 22.48 -16.39
N LYS C 411 -4.18 22.47 -15.26
CA LYS C 411 -3.57 22.39 -13.95
C LYS C 411 -3.96 21.10 -13.24
N GLY C 412 -3.31 20.86 -12.12
CA GLY C 412 -3.57 19.71 -11.27
C GLY C 412 -2.29 18.98 -10.93
N LYS C 413 -2.27 18.40 -9.73
CA LYS C 413 -1.15 17.55 -9.31
C LYS C 413 -1.26 16.14 -9.84
N ASN C 414 -2.48 15.67 -10.10
CA ASN C 414 -2.71 14.35 -10.69
C ASN C 414 -2.90 14.54 -12.19
N GLN C 415 -1.80 14.36 -12.93
CA GLN C 415 -1.82 14.57 -14.38
C GLN C 415 -2.52 13.44 -15.13
N THR C 416 -3.17 12.53 -14.41
CA THR C 416 -4.06 11.56 -15.03
C THR C 416 -5.50 12.05 -15.10
N MET C 417 -5.85 13.09 -14.35
CA MET C 417 -7.17 13.72 -14.43
C MET C 417 -6.98 15.23 -14.60
N VAL C 418 -6.14 15.61 -15.56
CA VAL C 418 -5.82 17.01 -15.77
C VAL C 418 -7.11 17.82 -16.04
N LYS C 419 -7.22 18.97 -15.38
CA LYS C 419 -8.45 19.74 -15.42
C LYS C 419 -8.15 21.18 -15.83
N ILE C 420 -9.07 21.78 -16.57
CA ILE C 420 -8.99 23.19 -16.94
C ILE C 420 -9.92 23.99 -16.04
N SER C 421 -9.77 25.32 -16.06
CA SER C 421 -10.62 26.19 -15.28
C SER C 421 -11.01 27.38 -16.14
N SER C 422 -11.94 28.20 -15.61
CA SER C 422 -12.45 29.34 -16.35
C SER C 422 -11.35 30.34 -16.71
N ASN C 423 -10.31 30.40 -15.89
CA ASN C 423 -9.21 31.34 -16.15
C ASN C 423 -8.51 31.03 -17.47
N GLU C 424 -8.22 29.75 -17.71
CA GLU C 424 -7.57 29.38 -18.97
C GLU C 424 -8.48 29.61 -20.17
N LEU C 425 -9.80 29.45 -19.98
CA LEU C 425 -10.74 29.72 -21.06
C LEU C 425 -10.76 31.21 -21.38
N LEU C 426 -10.86 32.06 -20.36
CA LEU C 426 -10.95 33.50 -20.58
C LEU C 426 -9.62 34.13 -20.99
N ASN C 427 -8.48 33.47 -20.73
CA ASN C 427 -7.18 34.01 -21.08
C ASN C 427 -6.59 33.27 -22.28
N TYR C 428 -7.44 32.90 -23.24
CA TYR C 428 -7.04 32.09 -24.37
C TYR C 428 -7.01 32.95 -25.63
N TYR C 429 -5.83 33.07 -26.24
CA TYR C 429 -5.63 33.91 -27.42
C TYR C 429 -5.71 33.05 -28.67
N LEU C 430 -6.94 32.71 -29.04
CA LEU C 430 -7.18 31.91 -30.24
C LEU C 430 -7.15 32.79 -31.48
N PRO C 431 -6.78 32.23 -32.63
CA PRO C 431 -6.85 32.98 -33.90
C PRO C 431 -8.26 32.93 -34.46
N ILE C 432 -8.90 34.10 -34.57
CA ILE C 432 -10.23 34.22 -35.11
C ILE C 432 -10.15 35.00 -36.41
N PRO C 433 -10.26 34.33 -37.55
CA PRO C 433 -10.31 35.02 -38.82
C PRO C 433 -11.71 35.58 -39.07
N PRO C 434 -11.87 36.47 -40.06
CA PRO C 434 -13.21 36.98 -40.38
C PRO C 434 -14.23 35.87 -40.59
N MET C 435 -15.52 36.21 -40.45
CA MET C 435 -16.58 35.22 -40.63
C MET C 435 -16.56 34.64 -42.05
N GLU C 436 -15.98 35.36 -43.01
CA GLU C 436 -15.83 34.83 -44.35
C GLU C 436 -14.87 33.65 -44.37
N GLU C 437 -13.73 33.79 -43.68
CA GLU C 437 -12.77 32.69 -43.61
C GLU C 437 -13.35 31.50 -42.87
N GLN C 438 -14.03 31.74 -41.75
CA GLN C 438 -14.79 30.68 -41.11
C GLN C 438 -15.97 30.30 -42.00
N LEU C 439 -16.58 29.15 -41.69
CA LEU C 439 -17.56 28.45 -42.50
C LEU C 439 -16.91 27.87 -43.76
N GLU C 440 -15.61 28.06 -43.96
CA GLU C 440 -14.86 27.39 -45.01
C GLU C 440 -14.02 26.24 -44.45
N ILE C 441 -13.31 26.47 -43.35
CA ILE C 441 -12.67 25.37 -42.63
C ILE C 441 -13.72 24.39 -42.14
N VAL C 442 -14.72 24.90 -41.42
CA VAL C 442 -15.94 24.16 -41.24
C VAL C 442 -16.63 24.06 -42.60
N GLY C 443 -17.36 22.97 -42.81
CA GLY C 443 -17.86 22.71 -44.15
C GLY C 443 -16.91 21.80 -44.88
N LYS C 444 -15.66 22.22 -45.08
CA LYS C 444 -14.65 21.31 -45.60
C LYS C 444 -14.44 20.15 -44.63
N ILE C 445 -14.21 20.45 -43.35
CA ILE C 445 -14.07 19.41 -42.35
C ILE C 445 -15.36 18.62 -42.22
N GLU C 446 -16.50 19.30 -42.31
CA GLU C 446 -17.79 18.62 -42.18
C GLU C 446 -17.98 17.59 -43.29
N GLU C 447 -17.69 17.96 -44.54
CA GLU C 447 -17.85 17.03 -45.64
C GLU C 447 -16.82 15.90 -45.56
N GLN C 448 -15.58 16.20 -45.19
CA GLN C 448 -14.57 15.14 -45.10
C GLN C 448 -14.94 14.12 -44.02
N ILE C 449 -15.33 14.60 -42.83
CA ILE C 449 -15.76 13.67 -41.77
C ILE C 449 -17.07 12.99 -42.10
N GLY C 450 -17.98 13.64 -42.83
CA GLY C 450 -19.19 12.99 -43.28
C GLY C 450 -18.89 11.85 -44.22
N ALA C 451 -17.93 12.05 -45.13
CA ALA C 451 -17.52 10.97 -46.01
C ALA C 451 -16.85 9.83 -45.24
N GLN C 452 -16.01 10.19 -44.26
CA GLN C 452 -15.36 9.16 -43.46
C GLN C 452 -16.36 8.35 -42.62
N ASN C 453 -17.42 9.00 -42.14
CA ASN C 453 -18.47 8.31 -41.42
C ASN C 453 -19.37 7.52 -42.37
N GLU C 454 -19.58 8.01 -43.59
CA GLU C 454 -20.33 7.26 -44.58
C GLU C 454 -19.61 5.96 -44.91
N ILE C 455 -18.30 6.01 -45.13
CA ILE C 455 -17.55 4.77 -45.13
C ILE C 455 -17.05 4.51 -43.71
N GLU C 456 -17.99 4.23 -42.81
CA GLU C 456 -17.75 3.59 -41.53
C GLU C 456 -18.87 2.63 -41.19
N LYS C 457 -20.02 2.76 -41.85
CA LYS C 457 -21.12 1.82 -41.74
C LYS C 457 -21.16 0.83 -42.89
N GLN C 458 -20.57 1.18 -44.03
CA GLN C 458 -20.38 0.21 -45.10
C GLN C 458 -19.47 -0.92 -44.64
N ILE C 459 -18.39 -0.59 -43.94
CA ILE C 459 -17.52 -1.62 -43.37
C ILE C 459 -18.30 -2.50 -42.41
N GLU C 460 -19.03 -1.87 -41.48
CA GLU C 460 -19.92 -2.63 -40.62
C GLU C 460 -21.32 -2.71 -41.23
N GLU C 461 -21.33 -3.03 -42.51
CA GLU C 461 -22.45 -3.57 -43.27
C GLU C 461 -22.04 -4.80 -44.05
N LYS C 462 -20.85 -4.79 -44.64
CA LYS C 462 -20.32 -6.00 -45.26
C LYS C 462 -19.80 -6.97 -44.21
N ARG C 463 -19.20 -6.44 -43.14
CA ARG C 463 -18.77 -7.31 -42.04
C ARG C 463 -19.95 -7.97 -41.35
N ASN C 464 -21.13 -7.36 -41.41
CA ASN C 464 -22.36 -7.98 -40.93
C ASN C 464 -23.02 -8.85 -41.99
N GLN C 465 -22.87 -8.50 -43.28
CA GLN C 465 -23.39 -9.33 -44.35
C GLN C 465 -22.70 -10.70 -44.36
N ILE C 466 -21.38 -10.71 -44.12
CA ILE C 466 -20.65 -11.98 -44.03
C ILE C 466 -21.26 -12.85 -42.94
N ARG C 467 -21.48 -12.26 -41.76
CA ARG C 467 -22.01 -13.03 -40.64
C ARG C 467 -23.42 -13.53 -40.91
N VAL C 468 -24.29 -12.69 -41.48
CA VAL C 468 -25.67 -13.13 -41.73
C VAL C 468 -25.71 -14.19 -42.82
N ILE C 469 -24.85 -14.07 -43.83
CA ILE C 469 -24.78 -15.09 -44.87
C ILE C 469 -24.31 -16.42 -44.30
N ILE C 470 -23.29 -16.38 -43.44
CA ILE C 470 -22.82 -17.60 -42.78
C ILE C 470 -23.93 -18.21 -41.96
N GLU C 471 -24.64 -17.39 -41.18
CA GLU C 471 -25.73 -17.90 -40.35
C GLU C 471 -26.84 -18.53 -41.20
N GLU C 472 -27.19 -17.90 -42.32
CA GLU C 472 -28.25 -18.43 -43.17
C GLU C 472 -27.83 -19.74 -43.83
N THR C 473 -26.60 -19.79 -44.34
CA THR C 473 -26.14 -21.00 -45.02
C THR C 473 -25.98 -22.16 -44.06
N ALA C 474 -25.48 -21.90 -42.85
CA ALA C 474 -25.33 -22.97 -41.87
C ALA C 474 -26.66 -23.39 -41.24
N ARG C 475 -27.73 -22.63 -41.49
CA ARG C 475 -29.04 -22.94 -40.92
C ARG C 475 -30.02 -23.45 -41.98
N SER C 476 -29.56 -23.64 -43.20
CA SER C 476 -30.43 -24.11 -44.28
C SER C 476 -30.20 -25.59 -44.57
P 6MA E 23 -4.96 14.28 -2.33
OP1 6MA E 23 -5.45 13.46 -1.15
OP2 6MA E 23 -4.15 15.49 -1.92
O5' 6MA E 23 -3.98 13.31 -3.18
C5' 6MA E 23 -2.64 13.77 -3.45
C4' 6MA E 23 -1.65 12.67 -3.17
O4' 6MA E 23 -1.22 12.72 -1.79
C3' 6MA E 23 -2.17 11.25 -3.32
O3' 6MA E 23 -2.32 10.82 -4.67
C2' 6MA E 23 -1.07 10.51 -2.59
C1' 6MA E 23 -0.93 11.40 -1.36
N9 6MA E 23 -1.89 11.02 -0.34
C8 6MA E 23 -2.97 11.72 0.10
N7 6MA E 23 -3.65 11.08 1.02
C5 6MA E 23 -2.97 9.88 1.19
C6 6MA E 23 -3.20 8.77 2.03
N1 6MA E 23 -2.32 7.73 1.94
C2 6MA E 23 -1.31 7.84 1.07
N3 6MA E 23 -1.00 8.83 0.25
C4 6MA E 23 -1.89 9.83 0.35
N6 6MA E 23 -4.22 8.69 2.89
C1 6MA E 23 -4.18 7.89 4.09
N SAM F . -14.80 -11.92 7.97
CA SAM F . -14.39 -12.68 6.79
C SAM F . -15.30 -13.89 6.61
O SAM F . -15.87 -14.10 5.54
OXT SAM F . -15.50 -14.67 7.54
CB SAM F . -12.94 -13.11 6.90
CG SAM F . -12.32 -13.57 5.60
SD SAM F . -10.51 -13.55 5.63
CE SAM F . -10.17 -14.93 4.51
C5' SAM F . -10.14 -14.31 7.24
C4' SAM F . -8.82 -13.86 7.86
O4' SAM F . -8.44 -14.75 8.89
C3' SAM F . -7.71 -13.85 6.82
O3' SAM F . -7.09 -12.60 6.79
C2' SAM F . -6.71 -14.89 7.27
O2' SAM F . -5.41 -14.36 7.24
C1' SAM F . -7.11 -15.20 8.70
N9 SAM F . -6.99 -16.65 9.02
C8 SAM F . -7.96 -17.43 9.60
N7 SAM F . -7.48 -18.68 9.74
C5 SAM F . -6.22 -18.71 9.26
C6 SAM F . -5.30 -19.74 9.17
N6 SAM F . -5.60 -20.96 9.60
N1 SAM F . -4.06 -19.49 8.62
C2 SAM F . -3.75 -18.23 8.18
N3 SAM F . -4.68 -17.21 8.27
C4 SAM F . -5.90 -17.45 8.81
CA CA G . -9.39 5.43 3.83
N SAH H . 12.07 11.52 3.23
CA SAH H . 11.83 10.09 3.04
CB SAH H . 10.34 9.82 2.87
CG SAH H . 9.56 11.03 2.36
SD SAH H . 7.80 10.93 2.79
C SAH H . 12.62 9.55 1.86
O SAH H . 12.68 8.34 1.63
OXT SAH H . 13.23 10.31 1.11
C5' SAH H . 8.08 12.09 4.16
C4' SAH H . 7.90 11.42 5.52
O4' SAH H . 8.25 12.31 6.55
C3' SAH H . 6.45 11.00 5.75
O3' SAH H . 6.36 9.60 5.74
C2' SAH H . 6.09 11.54 7.11
O2' SAH H . 5.72 10.47 7.96
C1' SAH H . 7.35 12.17 7.65
N9 SAH H . 7.19 13.46 8.37
C8 SAH H . 8.22 14.14 8.96
N7 SAH H . 7.75 15.27 9.54
C5 SAH H . 6.42 15.33 9.32
C6 SAH H . 5.49 16.28 9.69
N6 SAH H . 5.87 17.35 10.38
N1 SAH H . 4.17 16.11 9.34
C2 SAH H . 3.80 15.00 8.62
N3 SAH H . 4.74 14.07 8.26
C4 SAH H . 6.04 14.21 8.60
#